data_9D2Z
#
_entry.id   9D2Z
#
_cell.length_a   1.00
_cell.length_b   1.00
_cell.length_c   1.00
_cell.angle_alpha   90.00
_cell.angle_beta   90.00
_cell.angle_gamma   90.00
#
_symmetry.space_group_name_H-M   'P 1'
#
loop_
_entity.id
_entity.type
_entity.pdbx_description
1 polymer 'Mycocerosic acid synthase'
2 non-polymer 'C16 alpha-bromoamide'
#
_entity_poly.entity_id   1
_entity_poly.type   'polypeptide(L)'
_entity_poly.pdbx_seq_one_letter_code
;MESRVTPVAVIGMGCRLPGGINSPDKLWESLLRGDDLVTEIPPDRWDADDYYDPEPGVPGRSVSRWGGFLDDVAGFDAEF
FGISEREATSIDPQQRLLLETSWEAIEHAGLDPASLAGSSTAVFTGLTHEDYLVLTTTAGGLASPYVVTGLNNSVASGRI
AHTLGLHGPAMTFDTACSSGLMAVHLACRSLHDGEADLALAGGCAVLLEPHASVAASAQGMLSSTGRCHSFDADADGFVR
SEGCAMVLLKRLPDALRDGNRIFAVVRGTATNQDGRTETLTMPSEDAQVAVYRAALAAAGVQPETVGVVEAHGTGTPIGD
PIEYRSLARVYGAGTPCALGSAKSNMGHSTASAGTVGLIKAILSLRHGVVPPLLHFNRLPDELSDVETGLFVPQAVTPWP
NGNDHTPKRVAVSSFGMSGTNVHAIVEEAPAEASAPESSPGDAEVGPRLFMLSSTSSDALRQTARQLATWVEEHQDCVAA
SDLAYTLARGRAHRPVRTAVVAANLPELVEGLREVADGDALYDAAVGHGDRGPVWVFSGQGSQWAAMGTQLLASEPVFAA
TIAKLEPVIAAESGFSVTEAITAQQTVTGIDKVQPAVFAVQVALAATMEQTYGVRPGAVVGHSMGESAAAVVAGALSLED
AARVICRRSKLMTRIAGAGAMGSVELPAKQVNSELMARGIDDVVVSVVASPQSTVIGGTSDTVRDLIARWEQRDVMAREV
AVDVASHSPQVDPILDDLAAALADIAPMTPKVPYYSATLFDPREQPVCDGAYWVDNLRNTVQFAAAVQAAMEDGYRVFAE
LSPHPLLTHAVEQTGRSLDMSVAALAGMRREQPLPHGLRGLLTELHRAGAALDYSALYPAGRLVDAPLPAWTHARLFIDD
DGQEQRAQGACTITVHPLLGSHVRLTEEPERHVWQGDVGTSVLSWLSDHQVHNVAALPGAAYCEMALAAAAEVFGEAAEV
RDITFEQMLLLDEQTPIDAVASIDAPGVVNFTVETNRDGETTRHATAALRAAEDDCPPPGYDITALLQAHPHAVNGTAMR
ESFAERGVTLGAAFGGLTTAHTAEAGAATVLAEVALPASIRFQQGAYRIHPALLDACFQSVGAGVQAGTATGGLLLPLGV
RSLRAYGPTRNARYCYTRLTKAFNDGTRGGEADLDVLDEHGTVLLAVRGLRMGTGTSERDERDRLVSERLLTLGWQQRAL
PEVGDGEAGSWLLIDTSNAVDTPDMLASTLTDALKSHGPQGTECASLSWSVQDTPPNDQAGLEKLGSQLRGRDGVVIVYG
PRVGDPDEHSLLAGREQVRHLVRITRELAEFEGELPRLFVVTRQAQIVKPHDSGERANLEQAGLRGLLRVISSEHPMLRT
TLIDVDEHTDVERVAQQLLSGSEEDETAWRNGDWYVARLTPSPLGHEERRTAVLDPDHDGMRVQVRRPGDLQTLEFVASD
RVPPGPGQIEVAVSMSSINFADVLIAFGRFPIIDDREPQLGMDFVGVVTAVGEGVTGHQVGDRVGGFSEGGCWRTFLTCD
ANLAVTLPPGLTDEQAITAATAHATAWYGLNDLAQIKAGDKVLIHSATGGVGQAAISIARAKGAEIFATAGNPAKRAMLR
DMGVEHVYDSRSVEFAEQIRRDTDGYGVDIVLNSLTGAAQRAGLELLAFGGRFVEIGKADVYGNTRLGLFPFRRGLTFYY
LDLALMSVTQPDRVRELLATVFKLTADGVLTAPQCTHYPLAEAADAIRAMSNAEHTGKLVLDVPRSGRRSVAVTPEQAPL
YRRDGSYIITGGLGGLGLFFASKLAAAGCGRIVLTARSQPNPKARQTIEGLRAAGADIVVECGNIAEPDTADRLVSAATA
TGLPLRGVLHSAAVVEDATLTNITDELIDRDWSPKVFGSWNLHRATLGQPLDWFCLFSSGAALLGSPGQGAYAAANSWVD
VFAHWRRAQGLPVSAIAWGAWGEVGRATFLAEGGEIMITPEEGAYAFETLVRHDRAYSGYIPILGAPWLADLVRRSPWGE
MFASTGQRSRGPSKFRMELLSLPQDEWAGRLRRLLVEQASVILRRTIDADRSFIEYGLDSLGMLEMRTHVETETGIRLTP
KVIATNNTARALAQYLADTLAEEQAAAPAASKLAAALEHHHHHH
;
_entity_poly.pdbx_strand_id   A,B,C
#
# COMPACT_ATOMS: atom_id res chain seq x y z
N SER A 3 -19.87 18.99 -7.39
CA SER A 3 -18.59 18.31 -7.21
C SER A 3 -18.57 17.52 -5.90
N ARG A 4 -18.38 16.21 -6.01
CA ARG A 4 -18.33 15.36 -4.83
C ARG A 4 -17.06 15.56 -4.03
N VAL A 5 -15.91 15.72 -4.70
CA VAL A 5 -14.62 15.77 -4.03
C VAL A 5 -13.91 17.06 -4.39
N THR A 6 -12.80 17.31 -3.69
CA THR A 6 -11.99 18.48 -3.97
C THR A 6 -11.14 18.25 -5.22
N PRO A 7 -11.13 19.19 -6.16
CA PRO A 7 -10.25 19.03 -7.33
C PRO A 7 -8.79 18.97 -6.89
N VAL A 8 -8.01 18.15 -7.59
CA VAL A 8 -6.61 17.91 -7.28
C VAL A 8 -5.80 18.25 -8.51
N ALA A 9 -4.77 19.08 -8.34
CA ALA A 9 -3.98 19.56 -9.46
C ALA A 9 -2.67 18.78 -9.57
N VAL A 10 -2.36 18.31 -10.77
CA VAL A 10 -1.09 17.65 -11.04
C VAL A 10 -0.06 18.75 -11.30
N ILE A 11 0.77 19.04 -10.30
CA ILE A 11 1.70 20.15 -10.39
C ILE A 11 3.11 19.70 -10.72
N GLY A 12 3.34 18.41 -10.94
CA GLY A 12 4.66 17.93 -11.28
C GLY A 12 4.66 16.48 -11.72
N MET A 13 5.37 16.19 -12.81
CA MET A 13 5.40 14.85 -13.37
C MET A 13 6.84 14.44 -13.61
N GLY A 14 7.11 13.15 -13.37
CA GLY A 14 8.42 12.59 -13.62
C GLY A 14 8.32 11.15 -14.09
N CYS A 15 9.13 10.77 -15.07
CA CYS A 15 9.02 9.43 -15.64
C CYS A 15 10.37 8.97 -16.15
N ARG A 16 10.55 7.65 -16.17
CA ARG A 16 11.65 7.01 -16.86
C ARG A 16 11.08 5.86 -17.67
N LEU A 17 11.26 5.91 -18.98
CA LEU A 17 10.53 5.05 -19.89
C LEU A 17 11.50 4.48 -20.92
N PRO A 18 11.14 3.37 -21.58
CA PRO A 18 12.07 2.75 -22.53
C PRO A 18 12.50 3.67 -23.66
N GLY A 19 13.59 3.30 -24.34
CA GLY A 19 14.11 4.13 -25.41
C GLY A 19 14.80 5.38 -24.95
N GLY A 20 15.25 5.44 -23.70
CA GLY A 20 15.92 6.62 -23.19
C GLY A 20 14.99 7.75 -22.79
N ILE A 21 13.68 7.55 -22.88
CA ILE A 21 12.74 8.59 -22.49
C ILE A 21 12.77 8.74 -20.97
N ASN A 22 13.15 9.93 -20.50
CA ASN A 22 13.26 10.17 -19.07
C ASN A 22 12.71 11.55 -18.69
N SER A 23 11.71 12.03 -19.43
CA SER A 23 11.11 13.33 -19.13
C SER A 23 9.76 13.41 -19.82
N PRO A 24 8.75 14.01 -19.20
CA PRO A 24 7.44 14.09 -19.85
C PRO A 24 7.47 14.82 -21.19
N ASP A 25 8.27 15.88 -21.31
CA ASP A 25 8.37 16.57 -22.60
C ASP A 25 8.99 15.67 -23.67
N LYS A 26 10.02 14.90 -23.30
CA LYS A 26 10.63 13.97 -24.25
C LYS A 26 9.65 12.86 -24.62
N LEU A 27 8.77 12.49 -23.68
CA LEU A 27 7.74 11.50 -23.98
C LEU A 27 6.80 12.00 -25.07
N TRP A 28 6.42 13.27 -25.00
CA TRP A 28 5.49 13.82 -25.99
C TRP A 28 6.08 13.78 -27.39
N GLU A 29 7.37 14.08 -27.52
CA GLU A 29 8.00 14.09 -28.84
C GLU A 29 7.96 12.71 -29.48
N SER A 30 8.26 11.67 -28.69
CA SER A 30 8.21 10.32 -29.22
C SER A 30 6.80 9.93 -29.61
N LEU A 31 5.81 10.27 -28.79
CA LEU A 31 4.43 9.97 -29.12
C LEU A 31 3.99 10.68 -30.39
N LEU A 32 4.35 11.95 -30.52
CA LEU A 32 3.99 12.71 -31.70
C LEU A 32 4.67 12.16 -32.95
N ARG A 33 5.94 11.76 -32.81
CA ARG A 33 6.67 11.18 -33.94
C ARG A 33 6.14 9.82 -34.35
N GLY A 34 5.40 9.14 -33.48
CA GLY A 34 4.97 7.78 -33.76
C GLY A 34 6.07 6.75 -33.54
N ASP A 35 6.95 7.00 -32.56
CA ASP A 35 8.05 6.09 -32.30
C ASP A 35 7.53 4.76 -31.75
N ASP A 36 8.27 3.70 -32.02
CA ASP A 36 8.00 2.37 -31.48
C ASP A 36 9.17 1.97 -30.60
N LEU A 37 8.93 1.93 -29.29
CA LEU A 37 9.98 1.69 -28.31
C LEU A 37 10.14 0.22 -27.96
N VAL A 38 9.39 -0.67 -28.60
CA VAL A 38 9.49 -2.10 -28.32
C VAL A 38 10.67 -2.67 -29.11
N THR A 39 11.62 -3.25 -28.39
CA THR A 39 12.83 -3.78 -29.00
C THR A 39 13.04 -5.23 -28.57
N GLU A 40 13.96 -5.89 -29.26
CA GLU A 40 14.35 -7.24 -28.86
C GLU A 40 15.02 -7.19 -27.49
N ILE A 41 14.88 -8.29 -26.74
CA ILE A 41 15.41 -8.32 -25.37
C ILE A 41 16.93 -8.21 -25.40
N PRO A 42 17.52 -7.25 -24.71
CA PRO A 42 18.98 -7.14 -24.68
C PRO A 42 19.61 -8.38 -24.07
N PRO A 43 20.77 -8.80 -24.57
CA PRO A 43 21.44 -9.98 -24.00
C PRO A 43 21.83 -9.80 -22.54
N ASP A 44 21.94 -8.54 -22.10
CA ASP A 44 22.31 -8.27 -20.71
C ASP A 44 21.29 -8.81 -19.73
N ARG A 45 20.01 -8.86 -20.11
CA ARG A 45 18.99 -9.42 -19.24
C ARG A 45 19.03 -10.95 -19.27
N TRP A 46 18.79 -11.53 -20.44
CA TRP A 46 18.88 -12.97 -20.64
C TRP A 46 18.91 -13.23 -22.13
N ASP A 47 19.32 -14.45 -22.49
CA ASP A 47 19.30 -14.87 -23.88
C ASP A 47 17.87 -15.19 -24.28
N ALA A 48 17.33 -14.41 -25.22
CA ALA A 48 15.94 -14.60 -25.63
C ALA A 48 15.74 -15.94 -26.32
N ASP A 49 16.73 -16.41 -27.08
CA ASP A 49 16.58 -17.67 -27.81
C ASP A 49 16.56 -18.88 -26.89
N ASP A 50 16.94 -18.71 -25.63
CA ASP A 50 16.86 -19.82 -24.68
C ASP A 50 15.42 -20.14 -24.29
N TYR A 51 14.48 -19.27 -24.62
CA TYR A 51 13.08 -19.45 -24.23
C TYR A 51 12.10 -19.25 -25.36
N TYR A 52 12.47 -18.55 -26.43
CA TYR A 52 11.52 -18.24 -27.49
C TYR A 52 11.11 -19.49 -28.24
N ASP A 53 9.81 -19.63 -28.46
CA ASP A 53 9.25 -20.71 -29.27
C ASP A 53 7.91 -20.26 -29.82
N PRO A 54 7.78 -20.10 -31.14
CA PRO A 54 6.53 -19.55 -31.71
C PRO A 54 5.33 -20.45 -31.50
N GLU A 55 5.51 -21.72 -31.22
CA GLU A 55 4.37 -22.62 -30.99
C GLU A 55 3.71 -22.28 -29.66
N PRO A 56 2.43 -21.93 -29.64
CA PRO A 56 1.80 -21.52 -28.39
C PRO A 56 1.72 -22.66 -27.38
N GLY A 57 1.85 -22.30 -26.10
CA GLY A 57 1.61 -23.24 -25.02
C GLY A 57 2.67 -24.28 -24.78
N VAL A 58 3.85 -24.15 -25.38
CA VAL A 58 4.90 -25.14 -25.13
C VAL A 58 5.46 -24.92 -23.74
N PRO A 59 5.47 -25.94 -22.88
CA PRO A 59 5.92 -25.74 -21.50
C PRO A 59 7.37 -25.29 -21.43
N GLY A 60 7.66 -24.41 -20.48
CA GLY A 60 9.02 -23.93 -20.28
C GLY A 60 9.53 -22.99 -21.35
N ARG A 61 8.70 -22.63 -22.32
CA ARG A 61 9.10 -21.77 -23.42
C ARG A 61 8.15 -20.59 -23.53
N SER A 62 8.67 -19.46 -24.00
CA SER A 62 7.90 -18.25 -24.18
C SER A 62 7.70 -17.97 -25.66
N VAL A 63 6.65 -17.22 -25.99
CA VAL A 63 6.39 -16.86 -27.38
C VAL A 63 6.87 -15.45 -27.70
N SER A 64 7.31 -14.69 -26.70
CA SER A 64 7.70 -13.30 -26.88
C SER A 64 9.21 -13.15 -26.70
N ARG A 65 9.86 -12.57 -27.71
CA ARG A 65 11.28 -12.22 -27.62
C ARG A 65 11.48 -10.72 -27.55
N TRP A 66 10.41 -9.95 -27.43
CA TRP A 66 10.46 -8.50 -27.48
C TRP A 66 10.07 -7.91 -26.13
N GLY A 67 10.20 -6.59 -26.03
CA GLY A 67 9.81 -5.87 -24.84
C GLY A 67 10.29 -4.44 -24.92
N GLY A 68 9.75 -3.62 -24.01
CA GLY A 68 10.21 -2.25 -23.90
C GLY A 68 11.11 -2.07 -22.70
N PHE A 69 12.41 -1.95 -22.94
CA PHE A 69 13.40 -1.97 -21.88
C PHE A 69 14.03 -0.59 -21.70
N LEU A 70 14.35 -0.28 -20.45
CA LEU A 70 15.13 0.92 -20.16
C LEU A 70 16.54 0.75 -20.71
N ASP A 71 17.17 1.87 -21.08
CA ASP A 71 18.54 1.81 -21.56
C ASP A 71 19.48 1.27 -20.48
N ASP A 72 19.17 1.52 -19.22
CA ASP A 72 19.90 0.90 -18.11
C ASP A 72 18.98 0.83 -16.88
N VAL A 73 19.19 -0.19 -16.06
CA VAL A 73 18.40 -0.33 -14.84
C VAL A 73 19.29 -0.33 -13.61
N ALA A 74 20.44 -1.02 -13.67
CA ALA A 74 21.33 -1.12 -12.53
C ALA A 74 21.91 0.22 -12.11
N GLY A 75 21.84 1.24 -12.96
CA GLY A 75 22.34 2.55 -12.58
C GLY A 75 21.52 3.16 -11.46
N PHE A 76 22.22 3.76 -10.50
CA PHE A 76 21.57 4.40 -9.37
C PHE A 76 22.56 5.33 -8.70
N ASP A 77 22.18 6.60 -8.54
CA ASP A 77 23.03 7.59 -7.90
C ASP A 77 22.97 7.43 -6.38
N ALA A 78 23.65 6.39 -5.90
CA ALA A 78 23.54 6.00 -4.49
C ALA A 78 24.06 7.09 -3.56
N GLU A 79 25.17 7.70 -3.87
CA GLU A 79 25.74 8.65 -2.88
C GLU A 79 24.84 9.89 -2.73
N PHE A 80 24.25 10.37 -3.81
CA PHE A 80 23.46 11.60 -3.66
C PHE A 80 22.35 11.43 -2.63
N PHE A 81 21.89 10.19 -2.42
CA PHE A 81 20.87 9.91 -1.42
C PHE A 81 21.44 9.31 -0.15
N GLY A 82 22.76 9.32 0.02
CA GLY A 82 23.35 8.75 1.21
C GLY A 82 23.15 7.25 1.35
N ILE A 83 23.37 6.50 0.28
CA ILE A 83 23.23 5.05 0.29
C ILE A 83 24.58 4.43 -0.03
N SER A 84 25.09 3.60 0.88
CA SER A 84 26.35 2.92 0.64
C SER A 84 26.16 1.82 -0.40
N GLU A 85 27.23 1.54 -1.15
CA GLU A 85 27.15 0.56 -2.23
C GLU A 85 26.77 -0.82 -1.71
N ARG A 86 27.23 -1.19 -0.51
CA ARG A 86 26.88 -2.50 0.04
C ARG A 86 25.37 -2.64 0.22
N GLU A 87 24.72 -1.61 0.78
CA GLU A 87 23.28 -1.68 0.93
C GLU A 87 22.56 -1.33 -0.36
N ALA A 88 23.17 -0.48 -1.20
CA ALA A 88 22.54 -0.11 -2.46
C ALA A 88 22.45 -1.31 -3.41
N THR A 89 23.42 -2.22 -3.35
CA THR A 89 23.41 -3.36 -4.26
C THR A 89 22.19 -4.25 -4.05
N SER A 90 21.79 -4.48 -2.80
CA SER A 90 20.70 -5.38 -2.48
C SER A 90 19.33 -4.73 -2.65
N ILE A 91 19.26 -3.43 -2.91
CA ILE A 91 17.98 -2.76 -3.04
C ILE A 91 17.35 -3.13 -4.38
N ASP A 92 16.06 -3.43 -4.37
CA ASP A 92 15.32 -3.73 -5.58
C ASP A 92 15.36 -2.52 -6.50
N PRO A 93 15.77 -2.69 -7.77
CA PRO A 93 15.82 -1.55 -8.69
C PRO A 93 14.50 -0.82 -8.84
N GLN A 94 13.37 -1.52 -8.67
CA GLN A 94 12.07 -0.84 -8.69
C GLN A 94 12.01 0.24 -7.63
N GLN A 95 12.60 -0.02 -6.46
CA GLN A 95 12.65 0.99 -5.42
C GLN A 95 13.62 2.13 -5.79
N ARG A 96 14.77 1.78 -6.37
CA ARG A 96 15.75 2.80 -6.71
C ARG A 96 15.22 3.74 -7.80
N LEU A 97 14.57 3.19 -8.82
CA LEU A 97 14.01 4.04 -9.86
C LEU A 97 12.91 4.94 -9.31
N LEU A 98 12.08 4.40 -8.41
CA LEU A 98 11.07 5.23 -7.77
C LEU A 98 11.70 6.36 -6.98
N LEU A 99 12.79 6.07 -6.26
CA LEU A 99 13.45 7.11 -5.47
C LEU A 99 13.99 8.21 -6.36
N GLU A 100 14.59 7.84 -7.49
CA GLU A 100 15.15 8.84 -8.40
C GLU A 100 14.05 9.64 -9.09
N THR A 101 13.06 8.95 -9.65
CA THR A 101 12.00 9.64 -10.39
C THR A 101 11.13 10.50 -9.48
N SER A 102 10.94 10.10 -8.23
CA SER A 102 10.21 10.96 -7.29
C SER A 102 10.93 12.28 -7.09
N TRP A 103 12.27 12.23 -7.01
CA TRP A 103 13.05 13.47 -6.93
C TRP A 103 12.87 14.30 -8.20
N GLU A 104 12.85 13.64 -9.37
CA GLU A 104 12.62 14.36 -10.61
C GLU A 104 11.24 15.00 -10.63
N ALA A 105 10.23 14.29 -10.11
CA ALA A 105 8.88 14.84 -10.08
C ALA A 105 8.81 16.10 -9.24
N ILE A 106 9.49 16.13 -8.08
CA ILE A 106 9.46 17.31 -7.23
C ILE A 106 10.19 18.47 -7.91
N GLU A 107 11.36 18.19 -8.49
CA GLU A 107 12.11 19.25 -9.16
C GLU A 107 11.34 19.78 -10.36
N HIS A 108 10.67 18.91 -11.11
CA HIS A 108 9.89 19.35 -12.26
C HIS A 108 8.81 20.34 -11.84
N ALA A 109 8.26 20.18 -10.64
CA ALA A 109 7.25 21.10 -10.14
C ALA A 109 7.82 22.47 -9.81
N GLY A 110 9.14 22.63 -9.81
CA GLY A 110 9.74 23.89 -9.43
C GLY A 110 10.02 24.02 -7.95
N LEU A 111 10.07 22.91 -7.21
CA LEU A 111 10.30 22.92 -5.78
C LEU A 111 11.64 22.28 -5.45
N ASP A 112 12.32 22.83 -4.46
CA ASP A 112 13.50 22.19 -3.93
C ASP A 112 13.07 21.05 -3.03
N PRO A 113 13.46 19.80 -3.31
CA PRO A 113 13.02 18.68 -2.46
C PRO A 113 13.43 18.83 -1.01
N ALA A 114 14.55 19.48 -0.73
CA ALA A 114 14.96 19.70 0.65
C ALA A 114 13.98 20.60 1.40
N SER A 115 13.19 21.40 0.68
CA SER A 115 12.21 22.25 1.35
C SER A 115 10.99 21.46 1.82
N LEU A 116 10.82 20.23 1.35
CA LEU A 116 9.68 19.41 1.75
C LEU A 116 9.91 18.67 3.06
N ALA A 117 11.10 18.79 3.65
CA ALA A 117 11.35 18.14 4.93
C ALA A 117 10.42 18.69 6.01
N GLY A 118 9.80 17.78 6.76
CA GLY A 118 8.86 18.16 7.78
C GLY A 118 7.44 18.39 7.31
N SER A 119 7.19 18.33 6.00
CA SER A 119 5.86 18.54 5.48
C SER A 119 5.00 17.30 5.71
N SER A 120 3.70 17.45 5.45
CA SER A 120 2.75 16.35 5.60
C SER A 120 2.58 15.62 4.28
N THR A 121 3.62 15.62 3.45
CA THR A 121 3.53 15.01 2.13
C THR A 121 3.30 13.50 2.24
N ALA A 122 2.43 12.98 1.37
CA ALA A 122 2.10 11.57 1.36
C ALA A 122 2.67 10.89 0.12
N VAL A 123 2.98 9.60 0.26
CA VAL A 123 3.59 8.82 -0.80
C VAL A 123 2.75 7.56 -1.02
N PHE A 124 2.44 7.27 -2.28
CA PHE A 124 1.69 6.07 -2.65
C PHE A 124 2.35 5.48 -3.90
N THR A 125 2.99 4.32 -3.75
CA THR A 125 3.72 3.68 -4.83
C THR A 125 3.21 2.26 -5.01
N GLY A 126 2.96 1.86 -6.25
CA GLY A 126 2.50 0.51 -6.52
C GLY A 126 3.60 -0.33 -7.13
N LEU A 127 3.81 -1.52 -6.57
CA LEU A 127 4.81 -2.46 -7.07
C LEU A 127 4.15 -3.82 -7.24
N THR A 128 4.34 -4.43 -8.41
CA THR A 128 3.70 -5.71 -8.70
C THR A 128 4.65 -6.83 -9.08
N HIS A 129 5.94 -6.56 -9.26
CA HIS A 129 6.87 -7.58 -9.72
C HIS A 129 8.01 -7.70 -8.74
N GLU A 130 8.34 -8.96 -8.40
CA GLU A 130 9.43 -9.26 -7.47
C GLU A 130 10.62 -9.88 -8.18
N ASP A 131 10.97 -9.38 -9.37
CA ASP A 131 12.02 -10.01 -10.17
C ASP A 131 13.36 -9.99 -9.45
N TYR A 132 13.72 -8.86 -8.82
CA TYR A 132 14.98 -8.79 -8.12
C TYR A 132 15.02 -9.74 -6.92
N LEU A 133 13.87 -9.97 -6.29
CA LEU A 133 13.81 -10.95 -5.21
C LEU A 133 14.17 -12.34 -5.73
N VAL A 134 13.61 -12.71 -6.88
CA VAL A 134 13.87 -14.04 -7.44
C VAL A 134 15.32 -14.15 -7.89
N LEU A 135 15.86 -13.10 -8.52
CA LEU A 135 17.25 -13.13 -8.94
C LEU A 135 18.18 -13.28 -7.74
N THR A 136 17.88 -12.58 -6.65
CA THR A 136 18.65 -12.73 -5.43
C THR A 136 18.56 -14.16 -4.90
N THR A 137 17.35 -14.73 -4.90
CA THR A 137 17.19 -16.10 -4.42
C THR A 137 17.95 -17.09 -5.29
N THR A 138 17.94 -16.90 -6.61
CA THR A 138 18.70 -17.77 -7.49
C THR A 138 20.19 -17.68 -7.19
N ALA A 139 20.69 -16.47 -6.96
CA ALA A 139 22.10 -16.29 -6.60
C ALA A 139 22.40 -16.77 -5.18
N GLY A 140 21.39 -16.95 -4.34
CA GLY A 140 21.62 -17.40 -2.99
C GLY A 140 22.17 -16.35 -2.05
N GLY A 141 22.03 -15.08 -2.39
CA GLY A 141 22.53 -13.99 -1.57
C GLY A 141 21.57 -13.47 -0.52
N LEU A 142 20.52 -14.24 -0.19
CA LEU A 142 19.53 -13.78 0.79
C LEU A 142 20.13 -13.61 2.18
N ALA A 143 21.28 -14.23 2.46
CA ALA A 143 21.88 -14.14 3.79
C ALA A 143 22.37 -12.73 4.11
N SER A 144 22.48 -11.86 3.11
CA SER A 144 22.98 -10.52 3.35
C SER A 144 22.00 -9.75 4.24
N PRO A 145 22.49 -9.06 5.28
CA PRO A 145 21.57 -8.33 6.16
C PRO A 145 20.78 -7.25 5.45
N TYR A 146 21.33 -6.64 4.41
CA TYR A 146 20.66 -5.54 3.73
C TYR A 146 19.42 -5.99 2.97
N VAL A 147 19.22 -7.30 2.82
CA VAL A 147 18.03 -7.82 2.15
C VAL A 147 16.76 -7.41 2.90
N VAL A 148 16.84 -7.26 4.22
CA VAL A 148 15.68 -6.87 5.01
C VAL A 148 15.10 -5.56 4.49
N THR A 149 15.96 -4.59 4.23
CA THR A 149 15.56 -3.33 3.61
C THR A 149 15.57 -3.39 2.09
N GLY A 150 16.49 -4.17 1.51
CA GLY A 150 16.66 -4.16 0.07
C GLY A 150 15.56 -4.82 -0.73
N LEU A 151 14.91 -5.83 -0.17
CA LEU A 151 13.91 -6.59 -0.91
C LEU A 151 12.51 -6.51 -0.35
N ASN A 152 12.30 -5.81 0.77
CA ASN A 152 10.95 -5.62 1.27
C ASN A 152 10.22 -4.61 0.40
N ASN A 153 8.90 -4.79 0.25
CA ASN A 153 8.13 -3.91 -0.63
C ASN A 153 7.59 -2.69 0.10
N SER A 154 7.50 -2.74 1.43
CA SER A 154 6.98 -1.59 2.16
C SER A 154 7.96 -0.42 2.14
N VAL A 155 9.26 -0.70 2.22
CA VAL A 155 10.26 0.36 2.24
C VAL A 155 10.40 1.06 0.90
N ALA A 156 9.73 0.58 -0.15
CA ALA A 156 9.78 1.24 -1.45
C ALA A 156 9.26 2.67 -1.34
N SER A 157 8.17 2.86 -0.59
CA SER A 157 7.69 4.21 -0.33
C SER A 157 8.21 4.73 1.01
N GLY A 158 8.56 3.82 1.92
CA GLY A 158 9.11 4.24 3.20
C GLY A 158 10.44 4.95 3.03
N ARG A 159 11.30 4.43 2.14
CA ARG A 159 12.60 5.06 1.92
C ARG A 159 12.44 6.47 1.37
N ILE A 160 11.51 6.66 0.43
CA ILE A 160 11.29 7.98 -0.13
C ILE A 160 10.88 8.97 0.95
N ALA A 161 9.94 8.56 1.81
CA ALA A 161 9.55 9.41 2.92
C ALA A 161 10.69 9.61 3.91
N HIS A 162 11.47 8.56 4.17
CA HIS A 162 12.61 8.68 5.08
C HIS A 162 13.66 9.62 4.50
N THR A 163 13.96 9.48 3.21
CA THR A 163 14.98 10.30 2.60
C THR A 163 14.60 11.78 2.59
N LEU A 164 13.39 12.08 2.13
CA LEU A 164 12.94 13.45 2.04
C LEU A 164 12.39 14.00 3.35
N GLY A 165 12.25 13.16 4.37
CA GLY A 165 11.71 13.62 5.64
C GLY A 165 10.25 14.02 5.60
N LEU A 166 9.41 13.25 4.90
CA LEU A 166 7.99 13.53 4.84
C LEU A 166 7.29 12.94 6.05
N HIS A 167 6.04 13.36 6.27
CA HIS A 167 5.30 12.95 7.45
C HIS A 167 3.89 12.44 7.15
N GLY A 168 3.43 12.50 5.90
CA GLY A 168 2.16 11.95 5.55
C GLY A 168 2.21 10.43 5.43
N PRO A 169 1.07 9.83 5.12
CA PRO A 169 1.04 8.37 4.92
C PRO A 169 1.99 7.97 3.80
N ALA A 170 2.65 6.84 4.00
CA ALA A 170 3.71 6.40 3.09
C ALA A 170 3.55 4.92 2.78
N MET A 171 2.34 4.51 2.42
CA MET A 171 2.07 3.10 2.17
C MET A 171 2.38 2.72 0.73
N THR A 172 2.72 1.45 0.55
CA THR A 172 2.94 0.86 -0.76
C THR A 172 1.92 -0.25 -0.98
N PHE A 173 1.27 -0.22 -2.14
CA PHE A 173 0.22 -1.20 -2.42
C PHE A 173 0.59 -1.95 -3.69
N ASP A 174 -0.32 -2.82 -4.11
CA ASP A 174 -0.14 -3.64 -5.31
C ASP A 174 -1.52 -4.02 -5.82
N THR A 175 -1.97 -3.32 -6.87
CA THR A 175 -3.27 -3.59 -7.48
C THR A 175 -3.11 -4.02 -8.94
N ALA A 176 -2.14 -4.91 -9.19
CA ALA A 176 -1.85 -5.42 -10.52
C ALA A 176 -1.55 -4.30 -11.51
N CYS A 177 -2.14 -4.39 -12.69
CA CYS A 177 -1.81 -3.47 -13.79
C CYS A 177 -2.48 -2.12 -13.61
N SER A 178 -3.40 -2.01 -12.65
CA SER A 178 -4.05 -0.76 -12.31
C SER A 178 -3.39 -0.07 -11.13
N SER A 179 -2.22 -0.55 -10.70
CA SER A 179 -1.56 0.02 -9.53
C SER A 179 -1.18 1.48 -9.76
N GLY A 180 -0.72 1.81 -10.96
CA GLY A 180 -0.30 3.17 -11.23
C GLY A 180 -1.40 4.19 -11.06
N LEU A 181 -2.58 3.92 -11.62
CA LEU A 181 -3.68 4.86 -11.49
C LEU A 181 -4.35 4.80 -10.13
N MET A 182 -4.30 3.64 -9.47
CA MET A 182 -4.90 3.52 -8.15
C MET A 182 -4.20 4.44 -7.15
N ALA A 183 -2.89 4.62 -7.30
CA ALA A 183 -2.16 5.53 -6.42
C ALA A 183 -2.70 6.95 -6.52
N VAL A 184 -2.99 7.40 -7.75
CA VAL A 184 -3.57 8.72 -7.93
C VAL A 184 -4.92 8.81 -7.24
N HIS A 185 -5.74 7.75 -7.36
CA HIS A 185 -7.04 7.75 -6.71
C HIS A 185 -6.90 7.82 -5.19
N LEU A 186 -5.98 7.02 -4.63
CA LEU A 186 -5.77 7.05 -3.20
C LEU A 186 -5.24 8.40 -2.75
N ALA A 187 -4.27 8.95 -3.49
CA ALA A 187 -3.71 10.25 -3.14
C ALA A 187 -4.77 11.34 -3.24
N CYS A 188 -5.60 11.30 -4.28
CA CYS A 188 -6.69 12.25 -4.40
C CYS A 188 -7.66 12.13 -3.23
N ARG A 189 -7.85 10.91 -2.74
CA ARG A 189 -8.66 10.71 -1.55
C ARG A 189 -7.99 11.31 -0.32
N SER A 190 -6.70 11.00 -0.12
CA SER A 190 -6.01 11.44 1.08
C SER A 190 -5.93 12.95 1.17
N LEU A 191 -5.64 13.61 0.05
CA LEU A 191 -5.58 15.06 0.05
C LEU A 191 -6.94 15.68 0.40
N HIS A 192 -8.02 15.08 -0.11
CA HIS A 192 -9.35 15.57 0.22
C HIS A 192 -9.66 15.40 1.70
N ASP A 193 -9.21 14.30 2.31
CA ASP A 193 -9.50 14.04 3.72
C ASP A 193 -8.70 14.94 4.65
N GLY A 194 -7.70 15.65 4.14
CA GLY A 194 -6.88 16.48 4.99
C GLY A 194 -5.76 15.76 5.69
N GLU A 195 -5.58 14.47 5.43
CA GLU A 195 -4.47 13.73 6.01
C GLU A 195 -3.12 14.21 5.49
N ALA A 196 -3.11 14.94 4.38
CA ALA A 196 -1.86 15.40 3.77
C ALA A 196 -2.10 16.73 3.10
N ASP A 197 -1.01 17.36 2.66
CA ASP A 197 -1.06 18.58 1.89
C ASP A 197 -0.30 18.48 0.58
N LEU A 198 0.31 17.33 0.31
CA LEU A 198 1.04 17.08 -0.91
C LEU A 198 1.14 15.57 -1.07
N ALA A 199 1.10 15.10 -2.31
CA ALA A 199 1.03 13.67 -2.54
C ALA A 199 1.94 13.28 -3.70
N LEU A 200 2.63 12.16 -3.53
CA LEU A 200 3.43 11.54 -4.58
C LEU A 200 2.77 10.22 -4.95
N ALA A 201 2.32 10.10 -6.20
CA ALA A 201 1.60 8.93 -6.66
C ALA A 201 2.22 8.41 -7.94
N GLY A 202 2.28 7.09 -8.06
CA GLY A 202 2.82 6.47 -9.26
C GLY A 202 3.17 5.03 -9.01
N GLY A 203 3.85 4.42 -9.98
CA GLY A 203 4.27 3.05 -9.87
C GLY A 203 5.50 2.80 -10.70
N CYS A 204 6.11 1.65 -10.48
CA CYS A 204 7.30 1.25 -11.22
C CYS A 204 7.24 -0.23 -11.54
N ALA A 205 7.72 -0.59 -12.73
CA ALA A 205 7.81 -1.97 -13.15
C ALA A 205 9.16 -2.19 -13.83
N VAL A 206 9.81 -3.30 -13.47
CA VAL A 206 11.12 -3.62 -14.00
C VAL A 206 11.15 -5.09 -14.37
N LEU A 207 11.66 -5.37 -15.57
CA LEU A 207 11.67 -6.72 -16.14
C LEU A 207 13.11 -7.20 -16.17
N LEU A 208 13.43 -8.20 -15.34
CA LEU A 208 14.77 -8.73 -15.25
C LEU A 208 14.86 -10.25 -15.39
N GLU A 209 13.74 -10.95 -15.44
CA GLU A 209 13.81 -12.40 -15.41
C GLU A 209 12.88 -13.01 -16.44
N PRO A 210 13.32 -14.05 -17.15
CA PRO A 210 12.47 -14.65 -18.18
C PRO A 210 11.32 -15.47 -17.61
N HIS A 211 11.44 -15.97 -16.39
CA HIS A 211 10.42 -16.87 -15.85
C HIS A 211 9.08 -16.16 -15.67
N ALA A 212 9.10 -14.85 -15.46
CA ALA A 212 7.86 -14.08 -15.46
C ALA A 212 7.22 -14.10 -16.83
N SER A 213 8.03 -14.01 -17.89
CA SER A 213 7.50 -13.99 -19.25
C SER A 213 6.98 -15.35 -19.67
N VAL A 214 7.72 -16.42 -19.40
CA VAL A 214 7.30 -17.74 -19.87
C VAL A 214 6.04 -18.19 -19.16
N ALA A 215 5.91 -17.86 -17.87
CA ALA A 215 4.72 -18.25 -17.12
C ALA A 215 3.46 -17.64 -17.73
N ALA A 216 3.53 -16.36 -18.08
CA ALA A 216 2.41 -15.72 -18.76
C ALA A 216 2.24 -16.24 -20.18
N SER A 217 3.33 -16.67 -20.81
CA SER A 217 3.24 -17.26 -22.15
C SER A 217 2.41 -18.54 -22.13
N ALA A 218 2.60 -19.37 -21.10
CA ALA A 218 1.81 -20.60 -21.00
C ALA A 218 0.32 -20.30 -20.85
N GLN A 219 -0.03 -19.13 -20.35
CA GLN A 219 -1.43 -18.72 -20.26
C GLN A 219 -1.94 -18.09 -21.54
N GLY A 220 -1.10 -17.92 -22.55
CA GLY A 220 -1.52 -17.29 -23.79
C GLY A 220 -1.70 -15.81 -23.69
N MET A 221 -1.14 -15.17 -22.67
CA MET A 221 -1.34 -13.74 -22.47
C MET A 221 -0.55 -12.89 -23.44
N LEU A 222 0.70 -13.24 -23.71
CA LEU A 222 1.60 -12.34 -24.42
C LEU A 222 1.41 -12.43 -25.93
N SER A 223 1.81 -11.36 -26.62
CA SER A 223 1.64 -11.25 -28.05
C SER A 223 2.59 -12.20 -28.79
N SER A 224 2.08 -12.82 -29.85
CA SER A 224 2.94 -13.64 -30.70
C SER A 224 3.84 -12.77 -31.56
N THR A 225 3.32 -11.66 -32.09
CA THR A 225 4.13 -10.75 -32.88
C THR A 225 4.90 -9.76 -32.03
N GLY A 226 4.70 -9.77 -30.72
CA GLY A 226 5.44 -8.87 -29.84
C GLY A 226 5.12 -7.41 -29.99
N ARG A 227 3.84 -7.06 -30.13
CA ARG A 227 3.44 -5.67 -30.27
C ARG A 227 2.00 -5.51 -29.79
N CYS A 228 1.77 -4.51 -28.94
CA CYS A 228 0.45 -4.25 -28.39
C CYS A 228 -0.42 -3.59 -29.46
N HIS A 229 -1.00 -4.42 -30.32
CA HIS A 229 -1.88 -3.92 -31.36
C HIS A 229 -3.22 -3.52 -30.76
N SER A 230 -3.25 -2.41 -30.03
CA SER A 230 -4.46 -1.97 -29.36
C SER A 230 -5.56 -1.66 -30.37
N PHE A 231 -6.75 -2.20 -30.11
CA PHE A 231 -7.96 -1.97 -30.90
C PHE A 231 -7.77 -2.30 -32.37
N ASP A 232 -6.80 -3.16 -32.71
CA ASP A 232 -6.62 -3.59 -34.08
C ASP A 232 -7.15 -5.01 -34.26
N ALA A 233 -7.49 -5.35 -35.51
CA ALA A 233 -8.02 -6.67 -35.80
C ALA A 233 -7.02 -7.77 -35.52
N ASP A 234 -5.73 -7.47 -35.65
CA ASP A 234 -4.67 -8.45 -35.41
C ASP A 234 -4.21 -8.47 -33.96
N ALA A 235 -5.03 -8.01 -33.03
CA ALA A 235 -4.67 -8.04 -31.62
C ALA A 235 -4.48 -9.48 -31.16
N ASP A 236 -3.35 -9.75 -30.51
CA ASP A 236 -3.03 -11.11 -30.09
C ASP A 236 -2.42 -11.20 -28.70
N GLY A 237 -2.32 -10.09 -27.98
CA GLY A 237 -1.72 -10.07 -26.67
C GLY A 237 -0.84 -8.86 -26.47
N PHE A 238 -0.31 -8.74 -25.27
CA PHE A 238 0.51 -7.60 -24.88
C PHE A 238 1.96 -8.02 -24.73
N VAL A 239 2.83 -7.02 -24.54
CA VAL A 239 4.24 -7.24 -24.27
C VAL A 239 4.60 -6.47 -23.01
N ARG A 240 5.19 -7.17 -22.05
CA ARG A 240 5.64 -6.52 -20.83
C ARG A 240 6.78 -5.57 -21.14
N SER A 241 6.81 -4.45 -20.41
CA SER A 241 7.81 -3.43 -20.64
C SER A 241 8.12 -2.74 -19.32
N GLU A 242 9.38 -2.35 -19.15
CA GLU A 242 9.80 -1.63 -17.97
C GLU A 242 9.31 -0.20 -18.02
N GLY A 243 9.27 0.45 -16.86
CA GLY A 243 8.86 1.84 -16.80
C GLY A 243 8.54 2.30 -15.39
N CYS A 244 8.96 3.52 -15.06
CA CYS A 244 8.67 4.12 -13.77
C CYS A 244 8.16 5.54 -14.02
N ALA A 245 7.04 5.88 -13.39
CA ALA A 245 6.44 7.18 -13.58
C ALA A 245 5.78 7.63 -12.28
N MET A 246 5.93 8.89 -11.95
CA MET A 246 5.37 9.46 -10.73
C MET A 246 4.77 10.82 -11.04
N VAL A 247 3.79 11.21 -10.24
CA VAL A 247 3.19 12.53 -10.33
C VAL A 247 3.14 13.13 -8.92
N LEU A 248 3.09 14.45 -8.87
CA LEU A 248 2.98 15.18 -7.61
C LEU A 248 1.62 15.86 -7.57
N LEU A 249 0.86 15.62 -6.50
CA LEU A 249 -0.51 16.07 -6.40
C LEU A 249 -0.66 17.03 -5.24
N LYS A 250 -1.44 18.08 -5.46
CA LYS A 250 -1.69 19.11 -4.46
C LYS A 250 -3.11 19.62 -4.63
N ARG A 251 -3.77 19.94 -3.53
CA ARG A 251 -5.13 20.46 -3.60
C ARG A 251 -5.18 21.71 -4.47
N LEU A 252 -6.20 21.77 -5.33
CA LEU A 252 -6.30 22.89 -6.27
C LEU A 252 -6.38 24.25 -5.59
N PRO A 253 -7.20 24.46 -4.55
CA PRO A 253 -7.18 25.77 -3.89
C PRO A 253 -5.81 26.15 -3.34
N ASP A 254 -5.06 25.17 -2.81
CA ASP A 254 -3.72 25.46 -2.34
C ASP A 254 -2.76 25.75 -3.49
N ALA A 255 -2.85 24.96 -4.57
CA ALA A 255 -1.95 25.17 -5.70
C ALA A 255 -2.18 26.54 -6.34
N LEU A 256 -3.45 26.92 -6.51
CA LEU A 256 -3.74 28.23 -7.08
C LEU A 256 -3.31 29.35 -6.14
N ARG A 257 -3.48 29.15 -4.83
CA ARG A 257 -3.08 30.16 -3.86
C ARG A 257 -1.57 30.33 -3.84
N ASP A 258 -0.83 29.23 -3.87
CA ASP A 258 0.62 29.29 -3.75
C ASP A 258 1.32 29.54 -5.08
N GLY A 259 0.58 29.63 -6.18
CA GLY A 259 1.16 29.98 -7.46
C GLY A 259 1.92 28.89 -8.17
N ASN A 260 1.87 27.66 -7.67
CA ASN A 260 2.55 26.57 -8.37
C ASN A 260 1.93 26.36 -9.75
N ARG A 261 2.79 26.00 -10.71
CA ARG A 261 2.31 25.75 -12.05
C ARG A 261 1.45 24.50 -12.08
N ILE A 262 0.27 24.60 -12.68
CA ILE A 262 -0.68 23.51 -12.74
C ILE A 262 -0.67 22.94 -14.15
N PHE A 263 -0.42 21.64 -14.27
CA PHE A 263 -0.46 20.99 -15.57
C PHE A 263 -1.88 20.56 -15.94
N ALA A 264 -2.60 19.94 -15.01
CA ALA A 264 -3.98 19.56 -15.23
C ALA A 264 -4.64 19.32 -13.88
N VAL A 265 -5.97 19.29 -13.89
CA VAL A 265 -6.77 19.14 -12.69
C VAL A 265 -7.46 17.78 -12.73
N VAL A 266 -7.25 16.96 -11.70
CA VAL A 266 -7.91 15.68 -11.57
C VAL A 266 -9.23 15.93 -10.83
N ARG A 267 -10.32 16.07 -11.58
CA ARG A 267 -11.57 16.51 -10.99
C ARG A 267 -12.24 15.41 -10.16
N GLY A 268 -11.95 14.15 -10.45
CA GLY A 268 -12.56 13.07 -9.69
C GLY A 268 -12.11 11.72 -10.20
N THR A 269 -11.98 10.79 -9.27
CA THR A 269 -11.59 9.42 -9.56
C THR A 269 -12.59 8.47 -8.91
N ALA A 270 -12.67 7.25 -9.47
CA ALA A 270 -13.49 6.21 -8.89
C ALA A 270 -12.85 4.86 -9.19
N THR A 271 -13.13 3.89 -8.32
CA THR A 271 -12.60 2.55 -8.47
C THR A 271 -13.71 1.54 -8.26
N ASN A 272 -13.52 0.36 -8.84
CA ASN A 272 -14.56 -0.66 -8.86
C ASN A 272 -13.91 -2.02 -9.07
N GLN A 273 -14.67 -3.07 -8.79
CA GLN A 273 -14.21 -4.43 -8.95
C GLN A 273 -15.08 -5.16 -9.97
N ASP A 274 -14.44 -6.01 -10.79
CA ASP A 274 -15.18 -6.75 -11.80
C ASP A 274 -16.15 -7.75 -11.21
N GLY A 275 -15.93 -8.19 -9.97
CA GLY A 275 -16.84 -9.12 -9.35
C GLY A 275 -16.70 -10.53 -9.91
N ARG A 276 -17.75 -11.32 -9.74
CA ARG A 276 -17.74 -12.69 -10.22
C ARG A 276 -17.84 -12.71 -11.74
N THR A 277 -16.94 -13.47 -12.38
CA THR A 277 -16.92 -13.59 -13.82
C THR A 277 -16.70 -15.05 -14.20
N GLU A 278 -16.63 -15.30 -15.50
CA GLU A 278 -16.40 -16.66 -15.98
C GLU A 278 -15.05 -17.19 -15.54
N THR A 279 -14.02 -16.35 -15.55
CA THR A 279 -12.68 -16.74 -15.12
C THR A 279 -12.10 -15.60 -14.27
N LEU A 280 -11.09 -15.93 -13.46
CA LEU A 280 -10.51 -14.95 -12.55
C LEU A 280 -9.94 -13.75 -13.29
N THR A 281 -9.44 -13.93 -14.52
CA THR A 281 -8.83 -12.86 -15.26
C THR A 281 -9.74 -12.27 -16.33
N MET A 282 -10.95 -12.78 -16.48
CA MET A 282 -11.87 -12.24 -17.49
C MET A 282 -12.45 -10.92 -17.00
N PRO A 283 -12.40 -9.86 -17.80
CA PRO A 283 -13.02 -8.59 -17.41
C PRO A 283 -14.53 -8.65 -17.54
N SER A 284 -15.18 -7.72 -16.85
CA SER A 284 -16.64 -7.60 -16.87
C SER A 284 -17.01 -6.28 -17.53
N GLU A 285 -17.85 -6.34 -18.57
CA GLU A 285 -18.23 -5.14 -19.30
C GLU A 285 -19.06 -4.20 -18.43
N ASP A 286 -20.04 -4.74 -17.70
CA ASP A 286 -20.91 -3.88 -16.92
C ASP A 286 -20.18 -3.23 -15.75
N ALA A 287 -19.17 -3.90 -15.20
CA ALA A 287 -18.37 -3.29 -14.14
C ALA A 287 -17.63 -2.06 -14.65
N GLN A 288 -17.08 -2.14 -15.87
CA GLN A 288 -16.40 -1.00 -16.46
C GLN A 288 -17.35 0.17 -16.70
N VAL A 289 -18.56 -0.13 -17.17
CA VAL A 289 -19.55 0.93 -17.40
C VAL A 289 -19.91 1.61 -16.09
N ALA A 290 -20.00 0.83 -15.01
CA ALA A 290 -20.35 1.40 -13.71
C ALA A 290 -19.28 2.37 -13.21
N VAL A 291 -18.01 2.02 -13.38
CA VAL A 291 -16.95 2.88 -12.85
C VAL A 291 -16.86 4.17 -13.65
N TYR A 292 -17.24 4.14 -14.93
CA TYR A 292 -17.27 5.36 -15.72
C TYR A 292 -18.27 6.36 -15.15
N ARG A 293 -19.49 5.90 -14.90
CA ARG A 293 -20.51 6.79 -14.36
C ARG A 293 -20.17 7.22 -12.94
N ALA A 294 -19.51 6.35 -12.18
CA ALA A 294 -19.11 6.71 -10.82
C ALA A 294 -18.08 7.83 -10.82
N ALA A 295 -17.05 7.70 -11.66
CA ALA A 295 -16.03 8.74 -11.74
C ALA A 295 -16.61 10.06 -12.24
N LEU A 296 -17.47 9.99 -13.27
CA LEU A 296 -18.10 11.20 -13.77
C LEU A 296 -19.01 11.83 -12.72
N ALA A 297 -19.72 11.01 -11.96
CA ALA A 297 -20.54 11.54 -10.87
C ALA A 297 -19.67 12.20 -9.80
N ALA A 298 -18.54 11.56 -9.47
CA ALA A 298 -17.64 12.14 -8.47
C ALA A 298 -17.05 13.45 -8.97
N ALA A 299 -16.64 13.49 -10.23
CA ALA A 299 -16.12 14.73 -10.79
C ALA A 299 -17.22 15.72 -11.15
N GLY A 300 -18.47 15.26 -11.21
CA GLY A 300 -19.58 16.13 -11.51
C GLY A 300 -19.53 16.72 -12.91
N VAL A 301 -19.22 15.89 -13.89
CA VAL A 301 -19.13 16.32 -15.28
C VAL A 301 -19.90 15.34 -16.15
N GLN A 302 -20.63 15.87 -17.12
CA GLN A 302 -21.37 15.03 -18.05
C GLN A 302 -20.40 14.34 -19.01
N PRO A 303 -20.66 13.07 -19.37
CA PRO A 303 -19.75 12.38 -20.30
C PRO A 303 -19.68 13.01 -21.68
N GLU A 304 -20.69 13.77 -22.08
CA GLU A 304 -20.71 14.35 -23.42
C GLU A 304 -19.58 15.35 -23.62
N THR A 305 -19.03 15.92 -22.55
CA THR A 305 -17.99 16.93 -22.67
C THR A 305 -16.58 16.35 -22.58
N VAL A 306 -16.43 15.03 -22.44
CA VAL A 306 -15.11 14.42 -22.38
C VAL A 306 -14.67 14.11 -23.80
N GLY A 307 -13.76 14.94 -24.32
CA GLY A 307 -13.34 14.82 -25.70
C GLY A 307 -12.52 13.59 -26.03
N VAL A 308 -11.58 13.24 -25.15
CA VAL A 308 -10.61 12.18 -25.42
C VAL A 308 -10.61 11.19 -24.28
N VAL A 309 -10.64 9.91 -24.61
CA VAL A 309 -10.54 8.83 -23.62
C VAL A 309 -9.20 8.12 -23.83
N GLU A 310 -8.40 8.08 -22.77
CA GLU A 310 -7.14 7.32 -22.78
C GLU A 310 -7.45 5.96 -22.19
N ALA A 311 -7.77 5.00 -23.06
CA ALA A 311 -8.19 3.69 -22.61
C ALA A 311 -7.02 2.87 -22.10
N HIS A 312 -7.35 1.68 -21.56
CA HIS A 312 -6.32 0.75 -21.16
C HIS A 312 -5.63 0.15 -22.38
N GLY A 313 -6.39 -0.55 -23.22
CA GLY A 313 -5.89 -0.97 -24.53
C GLY A 313 -4.68 -1.87 -24.50
N THR A 314 -4.70 -2.92 -23.66
CA THR A 314 -3.58 -3.85 -23.61
C THR A 314 -3.39 -4.62 -24.89
N GLY A 315 -4.43 -4.74 -25.72
CA GLY A 315 -4.30 -5.46 -26.97
C GLY A 315 -4.67 -6.92 -26.93
N THR A 316 -5.31 -7.37 -25.85
CA THR A 316 -5.74 -8.76 -25.80
C THR A 316 -6.95 -8.98 -26.72
N PRO A 317 -7.07 -10.16 -27.33
CA PRO A 317 -8.17 -10.38 -28.28
C PRO A 317 -9.55 -10.23 -27.67
N ILE A 318 -9.71 -10.51 -26.38
CA ILE A 318 -11.01 -10.39 -25.75
C ILE A 318 -11.11 -9.13 -24.89
N GLY A 319 -9.97 -8.62 -24.40
CA GLY A 319 -10.01 -7.45 -23.55
C GLY A 319 -10.51 -6.21 -24.28
N ASP A 320 -10.01 -5.97 -25.49
CA ASP A 320 -10.38 -4.77 -26.24
C ASP A 320 -11.86 -4.72 -26.60
N PRO A 321 -12.46 -5.79 -27.14
CA PRO A 321 -13.90 -5.70 -27.45
C PRO A 321 -14.75 -5.43 -26.22
N ILE A 322 -14.37 -5.96 -25.07
CA ILE A 322 -15.08 -5.65 -23.83
C ILE A 322 -14.93 -4.18 -23.50
N GLU A 323 -13.70 -3.66 -23.59
CA GLU A 323 -13.46 -2.25 -23.27
C GLU A 323 -14.15 -1.34 -24.28
N TYR A 324 -14.07 -1.67 -25.57
CA TYR A 324 -14.65 -0.80 -26.59
C TYR A 324 -16.16 -0.70 -26.41
N ARG A 325 -16.81 -1.81 -26.08
CA ARG A 325 -18.24 -1.77 -25.80
C ARG A 325 -18.54 -0.95 -24.55
N SER A 326 -17.66 -1.04 -23.55
CA SER A 326 -17.86 -0.28 -22.32
C SER A 326 -17.84 1.22 -22.59
N LEU A 327 -16.83 1.68 -23.32
CA LEU A 327 -16.72 3.12 -23.59
C LEU A 327 -17.87 3.61 -24.46
N ALA A 328 -18.28 2.80 -25.44
CA ALA A 328 -19.35 3.23 -26.34
C ALA A 328 -20.68 3.41 -25.63
N ARG A 329 -20.87 2.77 -24.46
CA ARG A 329 -22.10 2.91 -23.71
C ARG A 329 -22.14 4.16 -22.85
N VAL A 330 -20.98 4.80 -22.62
CA VAL A 330 -20.92 5.98 -21.77
C VAL A 330 -20.46 7.18 -22.57
N TYR A 331 -19.26 7.09 -23.13
CA TYR A 331 -18.67 8.20 -23.88
C TYR A 331 -19.12 8.14 -25.34
N GLY A 332 -18.82 9.22 -26.06
CA GLY A 332 -19.15 9.28 -27.48
C GLY A 332 -20.63 9.23 -27.78
N ALA A 333 -21.46 9.79 -26.91
CA ALA A 333 -22.91 9.80 -27.11
C ALA A 333 -23.26 10.93 -28.09
N GLY A 334 -23.04 10.66 -29.37
CA GLY A 334 -23.33 11.64 -30.40
C GLY A 334 -22.12 12.51 -30.71
N THR A 335 -21.60 13.20 -29.70
CA THR A 335 -20.43 14.03 -29.90
C THR A 335 -19.22 13.16 -30.23
N PRO A 336 -18.37 13.59 -31.16
CA PRO A 336 -17.18 12.80 -31.49
C PRO A 336 -16.25 12.67 -30.30
N CYS A 337 -15.57 11.53 -30.20
CA CYS A 337 -14.64 11.27 -29.13
C CYS A 337 -13.43 10.52 -29.68
N ALA A 338 -12.25 10.90 -29.23
CA ALA A 338 -11.00 10.29 -29.67
C ALA A 338 -10.56 9.25 -28.65
N LEU A 339 -10.16 8.09 -29.15
CA LEU A 339 -9.78 6.96 -28.30
C LEU A 339 -8.29 6.70 -28.46
N GLY A 340 -7.55 6.78 -27.36
CA GLY A 340 -6.11 6.61 -27.39
C GLY A 340 -5.64 5.61 -26.35
N SER A 341 -4.37 5.24 -26.47
CA SER A 341 -3.74 4.30 -25.53
C SER A 341 -2.24 4.44 -25.64
N ALA A 342 -1.57 4.73 -24.53
CA ALA A 342 -0.11 4.87 -24.55
C ALA A 342 0.58 3.53 -24.76
N LYS A 343 -0.07 2.43 -24.39
CA LYS A 343 0.59 1.13 -24.43
C LYS A 343 0.89 0.68 -25.85
N SER A 344 0.25 1.30 -26.84
CA SER A 344 0.58 0.97 -28.23
C SER A 344 1.99 1.39 -28.58
N ASN A 345 2.43 2.56 -28.10
CA ASN A 345 3.75 3.08 -28.45
C ASN A 345 4.88 2.41 -27.67
N MET A 346 4.64 1.97 -26.44
CA MET A 346 5.75 1.46 -25.63
C MET A 346 5.48 0.10 -24.99
N GLY A 347 4.37 -0.56 -25.32
CA GLY A 347 4.05 -1.82 -24.68
C GLY A 347 3.38 -1.62 -23.33
N HIS A 348 3.06 -2.74 -22.70
CA HIS A 348 2.37 -2.71 -21.42
C HIS A 348 3.39 -2.55 -20.30
N SER A 349 3.28 -1.45 -19.56
CA SER A 349 4.16 -1.21 -18.42
C SER A 349 3.66 -1.83 -17.13
N THR A 350 2.53 -2.53 -17.17
CA THR A 350 1.95 -3.20 -15.99
C THR A 350 1.73 -2.22 -14.85
N ALA A 351 2.63 -2.27 -13.84
CA ALA A 351 2.45 -1.48 -12.63
C ALA A 351 2.32 0.01 -12.93
N SER A 352 3.25 0.54 -13.73
CA SER A 352 3.25 1.97 -14.02
C SER A 352 2.38 2.34 -15.21
N ALA A 353 1.71 1.36 -15.84
CA ALA A 353 0.90 1.66 -17.01
C ALA A 353 -0.22 2.64 -16.70
N GLY A 354 -0.75 2.61 -15.47
CA GLY A 354 -1.77 3.58 -15.10
C GLY A 354 -1.27 5.00 -15.11
N THR A 355 -0.10 5.23 -14.50
CA THR A 355 0.45 6.58 -14.42
C THR A 355 0.90 7.08 -15.78
N VAL A 356 1.55 6.21 -16.56
CA VAL A 356 2.02 6.60 -17.89
C VAL A 356 0.84 6.98 -18.77
N GLY A 357 -0.24 6.21 -18.70
CA GLY A 357 -1.45 6.60 -19.42
C GLY A 357 -1.96 7.96 -18.97
N LEU A 358 -1.89 8.23 -17.66
CA LEU A 358 -2.29 9.54 -17.15
C LEU A 358 -1.37 10.63 -17.67
N ILE A 359 -0.06 10.39 -17.67
CA ILE A 359 0.89 11.40 -18.12
C ILE A 359 0.66 11.76 -19.58
N LYS A 360 0.40 10.74 -20.41
CA LYS A 360 0.05 11.01 -21.80
C LYS A 360 -1.20 11.87 -21.90
N ALA A 361 -2.18 11.62 -21.04
CA ALA A 361 -3.39 12.44 -21.03
C ALA A 361 -3.07 13.88 -20.66
N ILE A 362 -2.17 14.08 -19.69
CA ILE A 362 -1.80 15.43 -19.29
C ILE A 362 -1.16 16.18 -20.45
N LEU A 363 -0.24 15.50 -21.15
CA LEU A 363 0.45 16.16 -22.27
C LEU A 363 -0.54 16.50 -23.39
N SER A 364 -1.47 15.60 -23.67
CA SER A 364 -2.46 15.86 -24.71
C SER A 364 -3.29 17.10 -24.39
N LEU A 365 -3.65 17.27 -23.12
CA LEU A 365 -4.41 18.45 -22.71
C LEU A 365 -3.61 19.72 -22.96
N ARG A 366 -2.32 19.70 -22.61
CA ARG A 366 -1.53 20.92 -22.71
C ARG A 366 -1.29 21.33 -24.15
N HIS A 367 -0.97 20.38 -25.02
CA HIS A 367 -0.75 20.69 -26.43
C HIS A 367 -2.03 20.73 -27.23
N GLY A 368 -3.13 20.20 -26.69
CA GLY A 368 -4.41 20.31 -27.35
C GLY A 368 -4.61 19.42 -28.56
N VAL A 369 -3.79 18.38 -28.72
CA VAL A 369 -3.94 17.45 -29.82
C VAL A 369 -3.80 16.03 -29.30
N VAL A 370 -4.21 15.07 -30.12
CA VAL A 370 -4.18 13.66 -29.79
C VAL A 370 -3.16 12.97 -30.67
N PRO A 371 -2.18 12.27 -30.11
CA PRO A 371 -1.19 11.57 -30.94
C PRO A 371 -1.84 10.43 -31.69
N PRO A 372 -1.32 10.07 -32.86
CA PRO A 372 -1.84 8.91 -33.57
C PRO A 372 -1.59 7.62 -32.79
N LEU A 373 -2.49 6.67 -32.97
CA LEU A 373 -2.35 5.37 -32.32
C LEU A 373 -1.53 4.45 -33.21
N LEU A 374 -0.36 4.05 -32.73
CA LEU A 374 0.52 3.19 -33.50
C LEU A 374 -0.08 1.80 -33.65
N HIS A 375 0.19 1.17 -34.81
CA HIS A 375 -0.27 -0.18 -35.11
C HIS A 375 -1.80 -0.25 -35.10
N PHE A 376 -2.42 0.53 -35.98
CA PHE A 376 -3.88 0.52 -36.12
C PHE A 376 -4.23 0.54 -37.60
N ASN A 377 -5.08 -0.40 -38.01
CA ASN A 377 -5.59 -0.42 -39.38
C ASN A 377 -7.11 -0.38 -39.40
N ARG A 378 -7.75 -1.13 -38.49
CA ARG A 378 -9.19 -1.20 -38.46
C ARG A 378 -9.63 -1.89 -37.17
N LEU A 379 -10.88 -1.62 -36.77
CA LEU A 379 -11.43 -2.28 -35.60
C LEU A 379 -11.77 -3.73 -35.92
N PRO A 380 -11.85 -4.61 -34.92
CA PRO A 380 -12.28 -5.99 -35.19
C PRO A 380 -13.68 -6.03 -35.76
N ASP A 381 -13.93 -7.05 -36.59
CA ASP A 381 -15.21 -7.15 -37.29
C ASP A 381 -16.38 -7.29 -36.34
N GLU A 382 -16.16 -7.89 -35.17
CA GLU A 382 -17.25 -8.06 -34.20
C GLU A 382 -17.73 -6.76 -33.60
N LEU A 383 -16.99 -5.66 -33.78
CA LEU A 383 -17.40 -4.34 -33.31
C LEU A 383 -18.00 -3.48 -34.41
N SER A 384 -18.36 -4.07 -35.55
CA SER A 384 -18.89 -3.28 -36.66
C SER A 384 -20.23 -2.65 -36.33
N ASP A 385 -21.10 -3.36 -35.62
CA ASP A 385 -22.47 -2.93 -35.38
C ASP A 385 -22.61 -1.86 -34.31
N VAL A 386 -21.56 -1.63 -33.51
CA VAL A 386 -21.64 -0.69 -32.40
C VAL A 386 -21.70 0.73 -32.97
N GLU A 387 -22.83 1.40 -32.79
CA GLU A 387 -23.00 2.77 -33.25
C GLU A 387 -22.57 3.73 -32.15
N THR A 388 -21.53 4.52 -32.41
CA THR A 388 -21.00 5.44 -31.42
C THR A 388 -20.18 6.51 -32.11
N GLY A 389 -19.93 7.59 -31.38
CA GLY A 389 -19.08 8.67 -31.86
C GLY A 389 -17.60 8.45 -31.68
N LEU A 390 -17.21 7.33 -31.08
CA LEU A 390 -15.79 7.05 -30.86
C LEU A 390 -15.07 6.82 -32.19
N PHE A 391 -13.80 7.19 -32.23
CA PHE A 391 -12.94 6.88 -33.35
C PHE A 391 -11.50 6.81 -32.86
N VAL A 392 -10.67 6.09 -33.61
CA VAL A 392 -9.26 5.93 -33.28
C VAL A 392 -8.47 6.82 -34.23
N PRO A 393 -7.70 7.79 -33.71
CA PRO A 393 -6.97 8.71 -34.59
C PRO A 393 -5.78 8.01 -35.24
N GLN A 394 -5.68 8.11 -36.56
CA GLN A 394 -4.55 7.57 -37.31
C GLN A 394 -3.52 8.65 -37.63
N ALA A 395 -3.70 9.85 -37.11
CA ALA A 395 -2.75 10.94 -37.30
C ALA A 395 -2.91 11.91 -36.14
N VAL A 396 -2.04 12.92 -36.11
CA VAL A 396 -2.13 13.95 -35.08
C VAL A 396 -3.42 14.73 -35.31
N THR A 397 -4.40 14.55 -34.42
CA THR A 397 -5.66 15.22 -34.71
C THR A 397 -5.91 16.33 -33.69
N PRO A 398 -6.57 17.41 -34.11
CA PRO A 398 -6.98 18.43 -33.14
C PRO A 398 -8.02 17.88 -32.19
N TRP A 399 -8.26 18.62 -31.11
CA TRP A 399 -9.19 18.17 -30.10
C TRP A 399 -10.57 17.96 -30.73
N PRO A 400 -11.21 16.81 -30.54
CA PRO A 400 -12.42 16.50 -31.31
C PRO A 400 -13.55 17.48 -31.11
N ASN A 401 -13.72 18.04 -29.91
CA ASN A 401 -14.82 18.95 -29.66
C ASN A 401 -14.60 20.29 -30.34
N GLY A 402 -13.47 20.95 -30.05
CA GLY A 402 -13.12 22.20 -30.68
C GLY A 402 -13.81 23.42 -30.11
N ASN A 403 -14.76 23.25 -29.20
CA ASN A 403 -15.45 24.39 -28.63
C ASN A 403 -14.57 25.12 -27.61
N ASP A 404 -14.93 26.38 -27.34
CA ASP A 404 -14.17 27.18 -26.39
C ASP A 404 -14.87 27.37 -25.05
N HIS A 405 -16.20 27.24 -25.02
CA HIS A 405 -16.93 27.53 -23.79
C HIS A 405 -16.70 26.47 -22.72
N THR A 406 -16.23 25.29 -23.11
CA THR A 406 -15.99 24.23 -22.15
C THR A 406 -14.52 23.87 -22.09
N PRO A 407 -13.95 23.72 -20.90
CA PRO A 407 -12.54 23.31 -20.79
C PRO A 407 -12.34 21.91 -21.37
N LYS A 408 -11.15 21.69 -21.92
CA LYS A 408 -10.81 20.37 -22.44
C LYS A 408 -10.71 19.37 -21.30
N ARG A 409 -11.30 18.20 -21.51
CA ARG A 409 -11.33 17.15 -20.50
C ARG A 409 -10.95 15.82 -21.13
N VAL A 410 -10.34 14.96 -20.33
CA VAL A 410 -9.98 13.61 -20.77
C VAL A 410 -10.45 12.61 -19.73
N ALA A 411 -10.58 11.35 -20.16
CA ALA A 411 -10.91 10.24 -19.28
C ALA A 411 -9.78 9.24 -19.32
N VAL A 412 -9.27 8.87 -18.14
CA VAL A 412 -8.17 7.94 -18.03
C VAL A 412 -8.67 6.69 -17.32
N SER A 413 -8.40 5.53 -17.89
CA SER A 413 -8.86 4.27 -17.35
C SER A 413 -7.69 3.30 -17.16
N SER A 414 -7.82 2.43 -16.17
CA SER A 414 -6.81 1.42 -15.90
C SER A 414 -7.50 0.24 -15.24
N PHE A 415 -7.33 -0.95 -15.81
CA PHE A 415 -8.00 -2.16 -15.33
C PHE A 415 -6.95 -3.18 -14.91
N GLY A 416 -6.98 -3.57 -13.64
CA GLY A 416 -6.02 -4.54 -13.16
C GLY A 416 -6.36 -5.95 -13.58
N MET A 417 -5.36 -6.83 -13.50
CA MET A 417 -5.58 -8.23 -13.83
C MET A 417 -6.53 -8.90 -12.84
N SER A 418 -6.39 -8.57 -11.56
CA SER A 418 -7.22 -9.15 -10.51
C SER A 418 -8.65 -8.65 -10.53
N GLY A 419 -9.05 -7.85 -11.51
CA GLY A 419 -10.42 -7.40 -11.62
C GLY A 419 -10.75 -6.08 -10.97
N THR A 420 -9.75 -5.29 -10.60
CA THR A 420 -9.96 -3.99 -10.00
C THR A 420 -9.81 -2.91 -11.07
N ASN A 421 -10.85 -2.11 -11.25
CA ASN A 421 -10.84 -1.06 -12.25
C ASN A 421 -10.65 0.31 -11.60
N VAL A 422 -9.94 1.18 -12.31
CA VAL A 422 -9.72 2.55 -11.85
C VAL A 422 -10.01 3.49 -13.02
N HIS A 423 -10.65 4.62 -12.72
CA HIS A 423 -10.97 5.62 -13.72
C HIS A 423 -10.85 7.00 -13.09
N ALA A 424 -10.30 7.95 -13.85
CA ALA A 424 -10.10 9.30 -13.38
C ALA A 424 -10.44 10.28 -14.47
N ILE A 425 -11.13 11.37 -14.10
CA ILE A 425 -11.51 12.42 -15.03
C ILE A 425 -10.56 13.59 -14.84
N VAL A 426 -9.88 13.99 -15.90
CA VAL A 426 -8.87 15.03 -15.85
C VAL A 426 -9.30 16.17 -16.76
N GLU A 427 -9.28 17.38 -16.23
CA GLU A 427 -9.60 18.59 -16.98
C GLU A 427 -8.32 19.40 -17.17
N GLU A 428 -8.28 20.20 -18.23
CA GLU A 428 -7.12 21.02 -18.51
C GLU A 428 -6.90 22.02 -17.38
N ALA A 429 -5.69 22.57 -17.34
CA ALA A 429 -5.29 23.50 -16.28
C ALA A 429 -6.15 24.74 -16.34
N PRO A 430 -6.38 25.41 -15.21
CA PRO A 430 -7.18 26.64 -15.23
C PRO A 430 -6.50 27.72 -16.05
N ALA A 431 -7.29 28.69 -16.49
CA ALA A 431 -6.75 29.81 -17.24
C ALA A 431 -5.65 30.48 -16.43
N GLU A 432 -4.48 30.64 -17.04
CA GLU A 432 -3.30 31.10 -16.31
C GLU A 432 -3.53 32.49 -15.74
N ALA A 433 -3.23 32.64 -14.45
CA ALA A 433 -3.33 33.94 -13.79
C ALA A 433 -2.13 34.81 -14.18
N SER A 434 -2.19 35.30 -15.42
CA SER A 434 -1.09 36.05 -15.99
C SER A 434 -0.82 37.32 -15.21
N ALA A 435 0.42 37.48 -14.77
CA ALA A 435 0.85 38.70 -14.11
C ALA A 435 0.88 39.83 -15.13
N PRO A 436 0.89 41.09 -14.66
CA PRO A 436 1.01 42.21 -15.59
C PRO A 436 2.20 42.03 -16.53
N GLU A 437 1.97 42.30 -17.81
CA GLU A 437 2.94 41.94 -18.84
C GLU A 437 4.26 42.66 -18.62
N SER A 438 5.35 41.92 -18.79
CA SER A 438 6.68 42.48 -18.60
C SER A 438 7.01 43.46 -19.72
N SER A 439 7.31 44.69 -19.35
CA SER A 439 7.72 45.70 -20.30
C SER A 439 9.15 45.41 -20.79
N PRO A 440 9.51 45.92 -21.97
CA PRO A 440 10.90 45.73 -22.44
C PRO A 440 11.94 46.31 -21.49
N GLY A 441 11.59 47.34 -20.71
CA GLY A 441 12.50 47.84 -19.70
C GLY A 441 12.78 46.85 -18.59
N ASP A 442 11.77 46.10 -18.15
CA ASP A 442 11.99 45.05 -17.16
C ASP A 442 12.90 43.96 -17.70
N ALA A 443 12.69 43.55 -18.95
CA ALA A 443 13.56 42.58 -19.59
C ALA A 443 14.82 43.26 -20.11
N GLU A 444 15.67 43.74 -19.19
CA GLU A 444 16.86 44.47 -19.57
C GLU A 444 17.81 43.59 -20.37
N VAL A 445 18.37 44.16 -21.43
CA VAL A 445 19.39 43.49 -22.22
C VAL A 445 20.70 43.53 -21.44
N GLY A 446 21.18 42.37 -21.02
CA GLY A 446 22.39 42.29 -20.24
C GLY A 446 22.72 40.86 -19.84
N PRO A 447 23.95 40.62 -19.43
CA PRO A 447 24.35 39.26 -19.05
C PRO A 447 23.54 38.76 -17.86
N ARG A 448 23.19 37.48 -17.90
CA ARG A 448 22.49 36.82 -16.81
C ARG A 448 23.13 35.47 -16.54
N LEU A 449 23.16 35.09 -15.27
CA LEU A 449 23.76 33.82 -14.88
C LEU A 449 22.79 32.68 -15.11
N PHE A 450 23.21 31.71 -15.92
CA PHE A 450 22.48 30.46 -16.09
C PHE A 450 23.20 29.38 -15.31
N MET A 451 22.47 28.72 -14.41
CA MET A 451 23.06 27.98 -13.32
C MET A 451 22.82 26.48 -13.49
N LEU A 452 23.88 25.70 -13.39
CA LEU A 452 23.83 24.26 -13.58
C LEU A 452 24.26 23.55 -12.30
N SER A 453 23.92 22.26 -12.22
CA SER A 453 24.34 21.44 -11.09
C SER A 453 24.28 19.97 -11.49
N SER A 454 25.03 19.15 -10.78
CA SER A 454 25.06 17.71 -11.00
C SER A 454 25.74 17.07 -9.80
N THR A 455 25.80 15.74 -9.81
CA THR A 455 26.39 14.99 -8.72
C THR A 455 27.85 14.61 -8.95
N SER A 456 28.40 14.90 -10.12
CA SER A 456 29.79 14.57 -10.41
C SER A 456 30.24 15.39 -11.61
N SER A 457 31.56 15.36 -11.86
CA SER A 457 32.13 16.13 -12.96
C SER A 457 31.57 15.68 -14.30
N ASP A 458 31.62 14.38 -14.58
CA ASP A 458 31.10 13.88 -15.85
C ASP A 458 29.59 14.11 -15.97
N ALA A 459 28.85 13.99 -14.87
CA ALA A 459 27.43 14.28 -14.90
C ALA A 459 27.16 15.72 -15.29
N LEU A 460 28.00 16.64 -14.83
CA LEU A 460 27.83 18.05 -15.19
C LEU A 460 28.04 18.27 -16.68
N ARG A 461 29.07 17.64 -17.25
CA ARG A 461 29.31 17.78 -18.69
C ARG A 461 28.14 17.18 -19.48
N GLN A 462 27.64 16.03 -19.04
CA GLN A 462 26.44 15.46 -19.67
C GLN A 462 25.24 16.37 -19.48
N THR A 463 25.10 16.97 -18.29
CA THR A 463 23.98 17.88 -18.04
C THR A 463 24.04 19.08 -18.97
N ALA A 464 25.23 19.67 -19.13
CA ALA A 464 25.36 20.83 -20.00
C ALA A 464 25.02 20.49 -21.45
N ARG A 465 25.47 19.32 -21.91
CA ARG A 465 25.18 18.92 -23.28
C ARG A 465 23.68 18.77 -23.51
N GLN A 466 22.99 18.15 -22.56
CA GLN A 466 21.54 17.97 -22.69
C GLN A 466 20.82 19.31 -22.75
N LEU A 467 21.17 20.23 -21.84
CA LEU A 467 20.51 21.52 -21.81
C LEU A 467 20.81 22.33 -23.06
N ALA A 468 22.04 22.25 -23.56
CA ALA A 468 22.43 23.02 -24.73
C ALA A 468 21.56 22.65 -25.93
N THR A 469 21.35 21.35 -26.14
CA THR A 469 20.47 20.91 -27.22
C THR A 469 19.04 21.39 -27.00
N TRP A 470 18.56 21.33 -25.76
CA TRP A 470 17.19 21.77 -25.47
C TRP A 470 17.03 23.26 -25.74
N VAL A 471 18.00 24.07 -25.31
CA VAL A 471 17.94 25.51 -25.57
C VAL A 471 18.00 25.77 -27.06
N GLU A 472 18.77 24.97 -27.79
CA GLU A 472 18.88 25.15 -29.23
C GLU A 472 17.55 24.92 -29.94
N GLU A 473 16.62 24.19 -29.31
CA GLU A 473 15.32 23.94 -29.92
C GLU A 473 14.31 25.02 -29.51
N HIS A 474 14.21 25.30 -28.22
CA HIS A 474 13.20 26.22 -27.71
C HIS A 474 13.66 27.67 -27.67
N GLN A 475 14.78 28.01 -28.32
CA GLN A 475 15.30 29.37 -28.25
C GLN A 475 14.32 30.41 -28.77
N ASP A 476 13.36 30.00 -29.60
CA ASP A 476 12.32 30.92 -30.05
C ASP A 476 11.06 30.86 -29.19
N CYS A 477 10.80 29.72 -28.54
CA CYS A 477 9.58 29.58 -27.76
C CYS A 477 9.75 30.04 -26.32
N VAL A 478 10.94 29.90 -25.75
CA VAL A 478 11.19 30.19 -24.34
C VAL A 478 11.78 31.59 -24.23
N ALA A 479 11.60 32.21 -23.07
CA ALA A 479 12.20 33.51 -22.80
C ALA A 479 13.46 33.33 -21.96
N ALA A 480 14.51 34.08 -22.30
CA ALA A 480 15.77 33.96 -21.58
C ALA A 480 15.62 34.34 -20.12
N SER A 481 14.80 35.35 -19.83
CA SER A 481 14.59 35.77 -18.45
C SER A 481 13.98 34.66 -17.62
N ASP A 482 12.98 33.96 -18.17
CA ASP A 482 12.36 32.87 -17.43
C ASP A 482 13.33 31.71 -17.23
N LEU A 483 14.12 31.38 -18.27
CA LEU A 483 15.05 30.26 -18.16
C LEU A 483 16.08 30.51 -17.06
N ALA A 484 16.61 31.73 -16.99
CA ALA A 484 17.53 32.07 -15.90
C ALA A 484 16.84 31.97 -14.56
N TYR A 485 15.58 32.45 -14.47
CA TYR A 485 14.83 32.34 -13.24
C TYR A 485 14.57 30.89 -12.86
N THR A 486 14.22 30.06 -13.85
CA THR A 486 13.88 28.68 -13.57
C THR A 486 15.08 27.90 -13.04
N LEU A 487 16.24 28.09 -13.66
CA LEU A 487 17.42 27.33 -13.25
C LEU A 487 17.91 27.74 -11.86
N ALA A 488 17.51 28.93 -11.40
CA ALA A 488 18.00 29.41 -10.11
C ALA A 488 16.97 29.22 -9.01
N ARG A 489 15.73 29.68 -9.25
CA ARG A 489 14.70 29.63 -8.23
C ARG A 489 13.86 28.36 -8.25
N GLY A 490 13.91 27.58 -9.33
CA GLY A 490 13.04 26.43 -9.44
C GLY A 490 13.74 25.11 -9.66
N ARG A 491 14.92 24.96 -9.08
CA ARG A 491 15.67 23.71 -9.18
C ARG A 491 16.43 23.47 -7.89
N ALA A 492 16.87 22.24 -7.70
CA ALA A 492 17.68 21.87 -6.55
C ALA A 492 19.15 21.95 -6.92
N HIS A 493 19.91 22.71 -6.13
CA HIS A 493 21.32 22.95 -6.42
C HIS A 493 22.13 21.76 -5.90
N ARG A 494 22.47 20.86 -6.81
CA ARG A 494 23.16 19.63 -6.48
C ARG A 494 24.62 19.92 -6.15
N PRO A 495 25.31 18.98 -5.48
CA PRO A 495 26.62 19.33 -4.90
C PRO A 495 27.64 19.88 -5.87
N VAL A 496 27.74 19.33 -7.08
CA VAL A 496 28.67 19.82 -8.09
C VAL A 496 27.91 20.77 -9.01
N ARG A 497 28.36 22.02 -9.08
CA ARG A 497 27.57 23.05 -9.72
C ARG A 497 28.50 24.06 -10.40
N THR A 498 27.95 24.76 -11.39
CA THR A 498 28.65 25.80 -12.10
C THR A 498 27.61 26.74 -12.72
N ALA A 499 28.10 27.83 -13.30
CA ALA A 499 27.23 28.81 -13.93
C ALA A 499 27.82 29.28 -15.24
N VAL A 500 26.95 29.56 -16.21
CA VAL A 500 27.34 30.11 -17.50
C VAL A 500 26.66 31.45 -17.67
N VAL A 501 27.43 32.49 -17.94
CA VAL A 501 26.91 33.86 -18.07
C VAL A 501 26.80 34.18 -19.56
N ALA A 502 25.67 34.73 -19.95
CA ALA A 502 25.42 35.07 -21.35
C ALA A 502 24.33 36.11 -21.43
N ALA A 503 24.26 36.78 -22.59
CA ALA A 503 23.24 37.79 -22.84
C ALA A 503 22.11 37.28 -23.70
N ASN A 504 22.35 36.32 -24.58
CA ASN A 504 21.31 35.76 -25.44
C ASN A 504 21.46 34.24 -25.45
N LEU A 505 20.37 33.57 -25.81
CA LEU A 505 20.32 32.12 -25.82
C LEU A 505 21.37 31.52 -26.76
N PRO A 506 21.54 32.02 -28.00
CA PRO A 506 22.64 31.52 -28.83
C PRO A 506 24.01 31.65 -28.17
N GLU A 507 24.25 32.76 -27.47
CA GLU A 507 25.49 32.88 -26.70
C GLU A 507 25.54 31.85 -25.58
N LEU A 508 24.40 31.60 -24.92
CA LEU A 508 24.36 30.61 -23.86
C LEU A 508 24.69 29.22 -24.39
N VAL A 509 24.20 28.88 -25.57
CA VAL A 509 24.46 27.56 -26.14
C VAL A 509 25.96 27.37 -26.36
N GLU A 510 26.63 28.39 -26.89
CA GLU A 510 28.05 28.28 -27.16
C GLU A 510 28.84 28.08 -25.88
N GLY A 511 28.49 28.80 -24.82
CA GLY A 511 29.16 28.61 -23.55
C GLY A 511 28.94 27.22 -22.97
N LEU A 512 27.71 26.70 -23.10
CA LEU A 512 27.41 25.37 -22.59
C LEU A 512 28.24 24.31 -23.31
N ARG A 513 28.36 24.43 -24.65
CA ARG A 513 29.17 23.48 -25.40
C ARG A 513 30.62 23.53 -24.95
N GLU A 514 31.13 24.74 -24.65
CA GLU A 514 32.47 24.84 -24.09
C GLU A 514 32.56 24.13 -22.75
N VAL A 515 31.54 24.28 -21.91
CA VAL A 515 31.49 23.55 -20.64
C VAL A 515 31.34 22.06 -20.90
N ALA A 516 30.53 21.69 -21.90
CA ALA A 516 30.32 20.28 -22.20
C ALA A 516 31.62 19.61 -22.64
N ASP A 517 32.39 20.27 -23.49
CA ASP A 517 33.64 19.70 -24.00
C ASP A 517 34.85 20.06 -23.14
N GLY A 518 34.69 20.92 -22.14
CA GLY A 518 35.82 21.30 -21.32
C GLY A 518 36.30 20.16 -20.45
N ASP A 519 37.57 20.23 -20.07
CA ASP A 519 38.20 19.23 -19.23
C ASP A 519 38.43 19.70 -17.81
N ALA A 520 37.83 20.82 -17.40
CA ALA A 520 38.00 21.32 -16.05
C ALA A 520 37.44 20.35 -15.04
N LEU A 521 38.15 20.17 -13.93
CA LEU A 521 37.74 19.25 -12.87
C LEU A 521 36.82 20.00 -11.89
N TYR A 522 35.54 20.08 -12.27
CA TYR A 522 34.56 20.69 -11.39
C TYR A 522 34.47 19.93 -10.09
N ASP A 523 34.43 20.67 -8.98
CA ASP A 523 34.53 20.09 -7.65
C ASP A 523 33.29 20.43 -6.84
N ALA A 524 32.96 19.54 -5.91
CA ALA A 524 31.74 19.68 -5.13
C ALA A 524 31.81 20.90 -4.22
N ALA A 525 30.64 21.47 -3.94
CA ALA A 525 30.55 22.61 -3.05
C ALA A 525 30.91 22.21 -1.62
N VAL A 526 31.31 23.21 -0.83
CA VAL A 526 31.67 22.97 0.57
C VAL A 526 30.63 23.51 1.54
N GLY A 527 29.85 24.52 1.14
CA GLY A 527 28.81 25.04 2.00
C GLY A 527 27.48 24.31 1.81
N HIS A 528 26.45 24.83 2.47
CA HIS A 528 25.11 24.29 2.36
C HIS A 528 24.07 25.38 2.10
N GLY A 529 24.52 26.58 1.73
CA GLY A 529 23.61 27.69 1.55
C GLY A 529 23.00 28.20 2.83
N ASP A 530 23.47 27.74 3.98
CA ASP A 530 22.93 28.18 5.27
C ASP A 530 23.67 29.38 5.84
N ARG A 531 24.94 29.55 5.49
CA ARG A 531 25.76 30.62 6.03
C ARG A 531 26.31 31.46 4.88
N GLY A 532 26.29 32.78 5.06
CA GLY A 532 26.83 33.68 4.07
C GLY A 532 28.33 33.57 3.98
N PRO A 533 28.92 34.10 2.91
CA PRO A 533 30.37 34.06 2.77
C PRO A 533 31.05 35.00 3.75
N VAL A 534 32.34 34.77 3.96
CA VAL A 534 33.14 35.57 4.89
C VAL A 534 34.07 36.45 4.07
N TRP A 535 33.82 37.75 4.10
CA TRP A 535 34.71 38.69 3.43
C TRP A 535 36.06 38.72 4.13
N VAL A 536 37.13 38.73 3.35
CA VAL A 536 38.49 38.84 3.87
C VAL A 536 39.13 40.07 3.26
N PHE A 537 39.57 41.00 4.10
CA PHE A 537 40.15 42.24 3.64
C PHE A 537 41.65 42.21 3.95
N SER A 538 42.46 42.08 2.90
CA SER A 538 43.90 41.95 3.07
C SER A 538 44.55 43.32 3.23
N GLY A 539 45.87 43.30 3.44
CA GLY A 539 46.62 44.53 3.56
C GLY A 539 47.13 45.02 2.22
N GLN A 540 48.18 45.84 2.30
CA GLN A 540 48.77 46.42 1.11
C GLN A 540 49.67 45.41 0.41
N GLY A 541 50.04 45.75 -0.83
CA GLY A 541 50.86 44.88 -1.66
C GLY A 541 50.12 44.24 -2.81
N SER A 542 48.79 44.28 -2.82
CA SER A 542 48.00 43.70 -3.88
C SER A 542 47.72 44.67 -5.02
N GLN A 543 48.20 45.91 -4.92
CA GLN A 543 47.91 46.91 -5.93
C GLN A 543 48.60 46.58 -7.25
N TRP A 544 47.92 46.90 -8.35
CA TRP A 544 48.47 46.75 -9.68
C TRP A 544 47.89 47.85 -10.57
N ALA A 545 48.62 48.14 -11.66
CA ALA A 545 48.30 49.30 -12.47
C ALA A 545 46.89 49.21 -13.05
N ALA A 546 46.15 50.32 -12.94
CA ALA A 546 44.81 50.45 -13.50
C ALA A 546 43.86 49.37 -12.98
N MET A 547 43.80 49.17 -11.66
CA MET A 547 42.92 48.14 -11.11
C MET A 547 41.45 48.45 -11.36
N GLY A 548 41.02 49.70 -11.13
CA GLY A 548 39.61 50.02 -11.11
C GLY A 548 39.01 50.40 -12.44
N THR A 549 39.81 50.39 -13.51
CA THR A 549 39.30 50.83 -14.81
C THR A 549 38.13 49.97 -15.26
N GLN A 550 38.25 48.65 -15.10
CA GLN A 550 37.18 47.76 -15.56
C GLN A 550 35.92 47.92 -14.71
N LEU A 551 36.07 47.90 -13.38
CA LEU A 551 34.90 47.97 -12.52
C LEU A 551 34.18 49.30 -12.63
N LEU A 552 34.93 50.40 -12.72
CA LEU A 552 34.31 51.70 -12.89
C LEU A 552 33.51 51.77 -14.18
N ALA A 553 34.03 51.17 -15.25
CA ALA A 553 33.33 51.17 -16.53
C ALA A 553 32.25 50.11 -16.61
N SER A 554 32.12 49.25 -15.61
CA SER A 554 31.15 48.16 -15.69
C SER A 554 30.06 48.22 -14.62
N GLU A 555 30.42 48.45 -13.36
CA GLU A 555 29.46 48.36 -12.27
C GLU A 555 29.06 49.75 -11.80
N PRO A 556 27.77 50.09 -11.83
CA PRO A 556 27.37 51.43 -11.39
C PRO A 556 27.54 51.67 -9.90
N VAL A 557 27.12 50.72 -9.06
CA VAL A 557 27.25 50.90 -7.62
C VAL A 557 28.72 51.01 -7.22
N PHE A 558 29.59 50.21 -7.85
CA PHE A 558 31.02 50.38 -7.63
C PHE A 558 31.46 51.79 -7.99
N ALA A 559 31.06 52.28 -9.17
CA ALA A 559 31.40 53.63 -9.58
C ALA A 559 30.78 54.66 -8.64
N ALA A 560 29.53 54.44 -8.23
CA ALA A 560 28.87 55.38 -7.32
C ALA A 560 29.59 55.44 -5.98
N THR A 561 30.07 54.30 -5.48
CA THR A 561 30.77 54.28 -4.21
C THR A 561 32.05 55.11 -4.26
N ILE A 562 32.82 54.97 -5.34
CA ILE A 562 34.02 55.78 -5.50
C ILE A 562 33.66 57.26 -5.61
N ALA A 563 32.57 57.56 -6.32
CA ALA A 563 32.14 58.93 -6.47
C ALA A 563 31.81 59.57 -5.12
N LYS A 564 31.11 58.82 -4.26
CA LYS A 564 30.79 59.33 -2.93
C LYS A 564 32.04 59.47 -2.08
N LEU A 565 32.97 58.53 -2.19
CA LEU A 565 34.13 58.51 -1.30
C LEU A 565 35.24 59.45 -1.78
N GLU A 566 35.25 59.81 -3.06
CA GLU A 566 36.30 60.66 -3.60
C GLU A 566 36.45 62.00 -2.88
N PRO A 567 35.39 62.76 -2.57
CA PRO A 567 35.58 64.02 -1.86
C PRO A 567 36.28 63.87 -0.51
N VAL A 568 36.01 62.78 0.22
CA VAL A 568 36.63 62.60 1.52
C VAL A 568 38.14 62.49 1.40
N ILE A 569 38.62 61.75 0.39
CA ILE A 569 40.06 61.66 0.18
C ILE A 569 40.63 63.03 -0.16
N ALA A 570 39.93 63.79 -1.01
CA ALA A 570 40.36 65.15 -1.31
C ALA A 570 40.20 66.07 -0.11
N ALA A 571 39.45 65.64 0.91
CA ALA A 571 39.30 66.45 2.11
C ALA A 571 40.40 66.18 3.11
N GLU A 572 40.54 64.92 3.55
CA GLU A 572 41.54 64.56 4.54
C GLU A 572 42.96 64.55 3.97
N SER A 573 43.14 64.03 2.76
CA SER A 573 44.46 63.90 2.16
C SER A 573 44.66 64.81 0.95
N GLY A 574 43.59 65.46 0.47
CA GLY A 574 43.73 66.31 -0.70
C GLY A 574 44.16 65.58 -1.95
N PHE A 575 43.73 64.32 -2.13
CA PHE A 575 44.17 63.50 -3.23
C PHE A 575 42.96 62.92 -3.95
N SER A 576 43.11 62.71 -5.26
CA SER A 576 42.06 62.14 -6.10
C SER A 576 42.40 60.69 -6.40
N VAL A 577 41.56 59.77 -5.94
CA VAL A 577 41.83 58.35 -6.11
C VAL A 577 41.46 57.87 -7.51
N THR A 578 40.60 58.60 -8.21
CA THR A 578 40.13 58.14 -9.52
C THR A 578 41.28 58.01 -10.50
N GLU A 579 42.18 59.00 -10.53
CA GLU A 579 43.32 58.94 -11.44
C GLU A 579 44.30 57.84 -11.03
N ALA A 580 44.54 57.71 -9.73
CA ALA A 580 45.52 56.73 -9.25
C ALA A 580 45.12 55.31 -9.61
N ILE A 581 43.84 54.97 -9.43
CA ILE A 581 43.37 53.63 -9.75
C ILE A 581 43.15 53.42 -11.24
N THR A 582 43.24 54.48 -12.05
CA THR A 582 43.09 54.38 -13.49
C THR A 582 44.34 54.71 -14.27
N ALA A 583 45.36 55.27 -13.63
CA ALA A 583 46.61 55.59 -14.32
C ALA A 583 47.34 54.32 -14.72
N GLN A 584 48.31 54.47 -15.60
CA GLN A 584 49.09 53.35 -16.09
C GLN A 584 50.17 52.90 -15.12
N GLN A 585 50.33 53.60 -14.00
CA GLN A 585 51.34 53.26 -13.00
C GLN A 585 50.64 52.83 -11.71
N THR A 586 51.22 51.84 -11.04
CA THR A 586 50.69 51.38 -9.76
C THR A 586 50.71 52.52 -8.75
N VAL A 587 49.68 52.57 -7.90
CA VAL A 587 49.63 53.59 -6.87
C VAL A 587 50.83 53.45 -5.95
N THR A 588 51.50 54.57 -5.69
CA THR A 588 52.72 54.56 -4.89
C THR A 588 52.64 55.67 -3.86
N GLY A 589 53.26 55.44 -2.70
CA GLY A 589 53.16 56.36 -1.60
C GLY A 589 52.11 55.91 -0.61
N ILE A 590 52.48 55.82 0.67
CA ILE A 590 51.60 55.26 1.68
C ILE A 590 50.35 56.12 1.82
N ASP A 591 50.50 57.44 1.69
CA ASP A 591 49.35 58.35 1.74
C ASP A 591 48.43 58.11 0.56
N LYS A 592 48.91 57.39 -0.45
CA LYS A 592 48.12 57.05 -1.63
C LYS A 592 47.82 55.56 -1.71
N VAL A 593 48.77 54.71 -1.33
CA VAL A 593 48.59 53.26 -1.48
C VAL A 593 47.44 52.77 -0.62
N GLN A 594 47.46 53.12 0.68
CA GLN A 594 46.42 52.63 1.57
C GLN A 594 45.03 53.14 1.19
N PRO A 595 44.81 54.44 0.92
CA PRO A 595 43.47 54.87 0.49
C PRO A 595 43.01 54.19 -0.80
N ALA A 596 43.91 53.96 -1.75
CA ALA A 596 43.54 53.34 -3.01
C ALA A 596 43.03 51.92 -2.79
N VAL A 597 43.75 51.14 -1.97
CA VAL A 597 43.31 49.78 -1.67
C VAL A 597 42.00 49.81 -0.88
N PHE A 598 41.87 50.76 0.05
CA PHE A 598 40.65 50.86 0.84
C PHE A 598 39.44 51.16 -0.03
N ALA A 599 39.61 52.08 -0.99
CA ALA A 599 38.50 52.47 -1.84
C ALA A 599 38.00 51.29 -2.68
N VAL A 600 38.93 50.51 -3.22
CA VAL A 600 38.55 49.36 -4.04
C VAL A 600 37.82 48.32 -3.20
N GLN A 601 38.34 48.05 -2.00
CA GLN A 601 37.77 46.98 -1.18
C GLN A 601 36.35 47.32 -0.74
N VAL A 602 36.12 48.54 -0.26
CA VAL A 602 34.80 48.88 0.25
C VAL A 602 33.78 48.97 -0.87
N ALA A 603 34.19 49.47 -2.04
CA ALA A 603 33.30 49.47 -3.19
C ALA A 603 33.00 48.05 -3.66
N LEU A 604 34.01 47.18 -3.63
CA LEU A 604 33.80 45.78 -3.97
C LEU A 604 32.77 45.15 -3.04
N ALA A 605 32.92 45.37 -1.74
CA ALA A 605 31.93 44.90 -0.79
C ALA A 605 30.59 45.58 -1.03
N ALA A 606 30.61 46.88 -1.30
CA ALA A 606 29.37 47.61 -1.52
C ALA A 606 28.62 47.06 -2.73
N THR A 607 29.33 46.77 -3.81
CA THR A 607 28.68 46.23 -5.00
C THR A 607 28.07 44.86 -4.70
N MET A 608 28.78 44.03 -3.94
CA MET A 608 28.38 42.64 -3.78
C MET A 608 27.05 42.52 -3.04
N GLU A 609 26.89 43.24 -1.92
CA GLU A 609 25.67 43.07 -1.13
C GLU A 609 24.54 43.98 -1.59
N GLN A 610 24.80 44.94 -2.46
CA GLN A 610 23.74 45.79 -3.00
C GLN A 610 23.29 45.36 -4.39
N THR A 611 24.21 45.30 -5.35
CA THR A 611 23.84 44.88 -6.70
C THR A 611 23.47 43.40 -6.74
N TYR A 612 24.32 42.55 -6.17
CA TYR A 612 24.08 41.12 -6.16
C TYR A 612 23.49 40.60 -4.85
N GLY A 613 23.31 41.48 -3.87
CA GLY A 613 22.60 41.11 -2.66
C GLY A 613 23.18 39.93 -1.89
N VAL A 614 24.49 39.85 -1.77
CA VAL A 614 25.13 38.75 -1.06
C VAL A 614 25.34 39.17 0.39
N ARG A 615 24.62 38.56 1.31
CA ARG A 615 24.76 38.87 2.72
C ARG A 615 26.05 38.26 3.25
N PRO A 616 26.97 39.06 3.80
CA PRO A 616 28.17 38.47 4.40
C PRO A 616 27.86 37.81 5.73
N GLY A 617 28.31 36.56 5.87
CA GLY A 617 28.08 35.83 7.10
C GLY A 617 29.02 36.25 8.21
N ALA A 618 30.22 36.69 7.85
CA ALA A 618 31.20 37.16 8.81
C ALA A 618 32.22 38.01 8.06
N VAL A 619 32.96 38.81 8.82
CA VAL A 619 33.96 39.71 8.25
C VAL A 619 35.27 39.52 9.01
N VAL A 620 36.36 39.40 8.25
CA VAL A 620 37.69 39.21 8.80
C VAL A 620 38.62 40.29 8.25
N GLY A 621 39.34 40.97 9.13
CA GLY A 621 40.21 42.05 8.71
C GLY A 621 41.67 41.81 8.99
N HIS A 622 42.53 42.13 8.03
CA HIS A 622 43.97 42.01 8.16
C HIS A 622 44.62 43.36 7.91
N SER A 623 45.47 43.78 8.84
CA SER A 623 46.18 45.07 8.78
C SER A 623 45.14 46.17 8.57
N MET A 624 45.29 47.04 7.58
CA MET A 624 44.30 48.10 7.37
C MET A 624 42.98 47.57 6.87
N GLY A 625 42.92 46.31 6.43
CA GLY A 625 41.65 45.72 6.05
C GLY A 625 40.63 45.73 7.17
N GLU A 626 41.08 45.79 8.42
CA GLU A 626 40.17 45.94 9.54
C GLU A 626 39.34 47.21 9.42
N SER A 627 39.92 48.28 8.87
CA SER A 627 39.15 49.49 8.61
C SER A 627 38.02 49.22 7.62
N ALA A 628 38.34 48.54 6.52
CA ALA A 628 37.29 48.14 5.58
C ALA A 628 36.33 47.16 6.23
N ALA A 629 36.85 46.27 7.08
CA ALA A 629 36.00 45.30 7.76
C ALA A 629 34.97 46.00 8.64
N ALA A 630 35.36 47.09 9.31
CA ALA A 630 34.44 47.79 10.18
C ALA A 630 33.28 48.40 9.39
N VAL A 631 33.55 48.88 8.19
CA VAL A 631 32.50 49.49 7.38
C VAL A 631 31.44 48.46 7.00
N VAL A 632 31.89 47.30 6.52
CA VAL A 632 30.95 46.28 6.07
C VAL A 632 30.17 45.71 7.25
N ALA A 633 30.82 45.54 8.40
CA ALA A 633 30.16 45.00 9.58
C ALA A 633 29.14 45.96 10.18
N GLY A 634 29.11 47.21 9.72
CA GLY A 634 28.20 48.19 10.27
C GLY A 634 28.69 48.90 11.50
N ALA A 635 29.94 48.64 11.92
CA ALA A 635 30.50 49.31 13.08
C ALA A 635 30.75 50.80 12.84
N LEU A 636 31.23 51.16 11.66
CA LEU A 636 31.51 52.55 11.33
C LEU A 636 30.79 52.94 10.05
N SER A 637 30.73 54.24 9.80
CA SER A 637 30.33 54.75 8.51
C SER A 637 31.55 54.91 7.60
N LEU A 638 31.31 54.91 6.30
CA LEU A 638 32.40 55.08 5.35
C LEU A 638 33.12 56.39 5.57
N GLU A 639 32.40 57.43 5.98
CA GLU A 639 33.01 58.73 6.22
C GLU A 639 33.98 58.70 7.39
N ASP A 640 33.89 57.70 8.26
CA ASP A 640 34.84 57.60 9.37
C ASP A 640 36.10 56.85 8.97
N ALA A 641 35.95 55.62 8.48
CA ALA A 641 37.11 54.80 8.13
C ALA A 641 37.94 55.45 7.04
N ALA A 642 37.29 56.14 6.10
CA ALA A 642 38.04 56.87 5.08
C ALA A 642 38.96 57.90 5.73
N ARG A 643 38.44 58.63 6.73
CA ARG A 643 39.30 59.50 7.52
C ARG A 643 40.34 58.69 8.30
N VAL A 644 39.93 57.53 8.84
CA VAL A 644 40.87 56.69 9.57
C VAL A 644 42.01 56.26 8.66
N ILE A 645 41.68 55.83 7.44
CA ILE A 645 42.73 55.43 6.49
C ILE A 645 43.55 56.63 6.07
N CYS A 646 42.88 57.71 5.68
CA CYS A 646 43.59 58.88 5.15
C CYS A 646 44.48 59.53 6.21
N ARG A 647 43.92 59.81 7.39
CA ARG A 647 44.70 60.45 8.43
C ARG A 647 45.88 59.58 8.84
N ARG A 648 45.64 58.28 9.02
CA ARG A 648 46.72 57.35 9.32
C ARG A 648 47.73 57.29 8.19
N SER A 649 47.25 57.26 6.94
CA SER A 649 48.15 57.05 5.81
C SER A 649 49.24 58.12 5.74
N LYS A 650 48.89 59.37 6.05
CA LYS A 650 49.91 60.42 5.96
C LYS A 650 50.85 60.36 7.16
N LEU A 651 50.49 59.61 8.19
CA LEU A 651 51.26 59.65 9.43
C LEU A 651 52.56 58.88 9.31
N MET A 652 52.49 57.60 8.93
CA MET A 652 53.73 56.83 8.79
C MET A 652 54.54 57.25 7.58
N THR A 653 54.08 58.23 6.81
CA THR A 653 54.97 58.89 5.86
C THR A 653 56.18 59.49 6.56
N ARG A 654 56.01 59.90 7.82
CA ARG A 654 57.13 60.36 8.62
C ARG A 654 58.16 59.26 8.84
N ILE A 655 57.72 58.04 9.10
CA ILE A 655 58.60 56.93 9.44
C ILE A 655 58.82 56.02 8.24
N ALA A 656 58.67 56.53 7.03
CA ALA A 656 58.98 55.75 5.84
C ALA A 656 60.43 55.30 5.89
N GLY A 657 60.65 53.99 5.78
CA GLY A 657 61.99 53.44 5.87
C GLY A 657 62.52 53.25 7.27
N ALA A 658 61.67 53.31 8.29
CA ALA A 658 62.11 53.16 9.68
C ALA A 658 62.29 51.72 10.11
N GLY A 659 62.21 50.74 9.21
CA GLY A 659 62.42 49.36 9.60
C GLY A 659 62.30 48.45 8.39
N ALA A 660 62.51 47.16 8.64
CA ALA A 660 62.41 46.14 7.62
C ALA A 660 61.63 44.95 8.13
N MET A 661 61.00 44.24 7.20
CA MET A 661 60.14 43.11 7.49
C MET A 661 60.78 41.82 6.99
N GLY A 662 60.44 40.72 7.65
CA GLY A 662 60.88 39.41 7.22
C GLY A 662 59.73 38.43 7.29
N SER A 663 59.71 37.50 6.34
CA SER A 663 58.71 36.45 6.29
C SER A 663 59.36 35.13 6.65
N VAL A 664 58.87 34.49 7.70
CA VAL A 664 59.40 33.24 8.20
C VAL A 664 58.32 32.18 8.07
N GLU A 665 58.64 31.09 7.37
CA GLU A 665 57.66 30.04 7.14
C GLU A 665 57.72 29.00 8.26
N LEU A 666 57.54 29.44 9.49
CA LEU A 666 57.53 28.56 10.65
C LEU A 666 56.50 29.07 11.64
N PRO A 667 56.01 28.21 12.53
CA PRO A 667 55.01 28.65 13.51
C PRO A 667 55.53 29.79 14.39
N ALA A 668 54.63 30.70 14.73
CA ALA A 668 55.02 31.89 15.50
C ALA A 668 55.47 31.52 16.90
N LYS A 669 54.89 30.46 17.49
CA LYS A 669 55.24 30.10 18.86
C LYS A 669 56.71 29.72 18.98
N GLN A 670 57.20 28.90 18.05
CA GLN A 670 58.62 28.54 18.09
C GLN A 670 59.50 29.72 17.73
N VAL A 671 59.00 30.61 16.87
CA VAL A 671 59.77 31.82 16.54
C VAL A 671 59.95 32.68 17.77
N ASN A 672 58.89 32.85 18.56
CA ASN A 672 59.00 33.63 19.80
C ASN A 672 59.99 32.98 20.76
N SER A 673 59.92 31.66 20.90
CA SER A 673 60.86 30.96 21.79
C SER A 673 62.29 31.11 21.31
N GLU A 674 62.53 30.93 20.01
CA GLU A 674 63.87 31.10 19.47
C GLU A 674 64.32 32.56 19.58
N LEU A 675 63.39 33.49 19.36
CA LEU A 675 63.71 34.90 19.50
C LEU A 675 64.07 35.24 20.94
N MET A 676 63.31 34.70 21.90
CA MET A 676 63.63 34.90 23.30
C MET A 676 64.95 34.22 23.67
N ALA A 677 65.16 33.00 23.19
CA ALA A 677 66.40 32.29 23.49
C ALA A 677 67.62 32.99 22.92
N ARG A 678 67.42 33.80 21.88
CA ARG A 678 68.50 34.58 21.29
C ARG A 678 68.75 35.88 22.02
N GLY A 679 67.95 36.21 23.04
CA GLY A 679 68.13 37.46 23.74
C GLY A 679 67.80 38.69 22.93
N ILE A 680 67.08 38.53 21.83
CA ILE A 680 66.75 39.62 20.93
C ILE A 680 65.32 40.08 21.25
N ASP A 681 65.13 41.40 21.33
CA ASP A 681 63.83 41.95 21.69
C ASP A 681 63.36 43.10 20.82
N ASP A 682 64.17 43.57 19.86
CA ASP A 682 63.72 44.61 18.96
C ASP A 682 62.88 44.05 17.82
N VAL A 683 63.26 42.87 17.31
CA VAL A 683 62.47 42.21 16.27
C VAL A 683 61.33 41.44 16.92
N VAL A 684 60.11 41.65 16.44
CA VAL A 684 58.93 41.02 17.00
C VAL A 684 58.12 40.40 15.86
N VAL A 685 57.22 39.51 16.23
CA VAL A 685 56.32 38.87 15.26
C VAL A 685 55.29 39.91 14.83
N SER A 686 55.23 40.20 13.53
CA SER A 686 54.32 41.23 13.04
C SER A 686 52.94 40.67 12.77
N VAL A 687 52.84 39.70 11.86
CA VAL A 687 51.56 39.10 11.49
C VAL A 687 51.68 37.58 11.58
N VAL A 688 50.75 36.95 12.28
CA VAL A 688 50.65 35.49 12.30
C VAL A 688 49.72 35.11 11.16
N ALA A 689 50.27 35.01 9.96
CA ALA A 689 49.46 34.77 8.78
C ALA A 689 48.86 33.36 8.80
N SER A 690 49.68 32.35 9.05
CA SER A 690 49.24 30.96 9.05
C SER A 690 49.94 30.25 10.19
N PRO A 691 49.41 29.10 10.62
CA PRO A 691 50.12 28.32 11.65
C PRO A 691 51.50 27.86 11.20
N GLN A 692 51.77 27.84 9.90
CA GLN A 692 53.06 27.42 9.37
C GLN A 692 53.88 28.56 8.80
N SER A 693 53.50 29.80 9.06
CA SER A 693 54.24 30.95 8.55
C SER A 693 54.13 32.11 9.53
N THR A 694 55.12 32.99 9.51
CA THR A 694 55.17 34.12 10.43
C THR A 694 55.78 35.32 9.74
N VAL A 695 55.26 36.51 10.08
CA VAL A 695 55.77 37.78 9.57
C VAL A 695 56.41 38.52 10.73
N ILE A 696 57.64 38.99 10.53
CA ILE A 696 58.41 39.65 11.59
C ILE A 696 58.87 41.01 11.09
N GLY A 697 59.15 41.90 12.04
CA GLY A 697 59.63 43.23 11.72
C GLY A 697 60.44 43.79 12.87
N GLY A 698 61.27 44.78 12.55
CA GLY A 698 62.13 45.39 13.55
C GLY A 698 63.24 46.19 12.88
N THR A 699 64.39 46.22 13.55
CA THR A 699 65.56 46.91 13.01
C THR A 699 65.99 46.27 11.70
N SER A 700 66.27 47.10 10.69
CA SER A 700 66.49 46.60 9.34
C SER A 700 67.71 45.69 9.28
N ASP A 701 68.83 46.13 9.84
CA ASP A 701 70.05 45.32 9.80
C ASP A 701 69.85 44.02 10.57
N THR A 702 69.25 44.09 11.75
CA THR A 702 69.06 42.89 12.56
C THR A 702 68.15 41.89 11.85
N VAL A 703 67.05 42.36 11.27
CA VAL A 703 66.13 41.45 10.58
C VAL A 703 66.86 40.65 9.52
N ARG A 704 67.72 41.32 8.74
CA ARG A 704 68.53 40.59 7.76
C ARG A 704 69.45 39.59 8.42
N ASP A 705 69.84 39.84 9.68
CA ASP A 705 70.78 38.96 10.36
C ASP A 705 70.14 37.62 10.72
N LEU A 706 68.93 37.64 11.29
CA LEU A 706 68.26 36.37 11.55
C LEU A 706 67.89 35.67 10.24
N ILE A 707 67.53 36.44 9.22
CA ILE A 707 67.26 35.86 7.91
C ILE A 707 68.48 35.11 7.40
N ALA A 708 69.66 35.73 7.49
CA ALA A 708 70.89 35.02 7.19
C ALA A 708 71.12 33.89 8.17
N ARG A 709 70.84 34.13 9.46
CA ARG A 709 70.95 33.07 10.46
C ARG A 709 69.91 31.98 10.25
N TRP A 710 68.83 32.27 9.53
CA TRP A 710 67.88 31.24 9.14
C TRP A 710 68.27 30.58 7.83
N GLU A 711 68.89 31.35 6.93
CA GLU A 711 69.34 30.78 5.65
C GLU A 711 70.45 29.77 5.86
N GLN A 712 71.38 30.05 6.79
CA GLN A 712 72.40 29.06 7.11
C GLN A 712 71.82 27.78 7.67
N ARG A 713 70.63 27.85 8.26
CA ARG A 713 69.87 26.67 8.64
C ARG A 713 68.93 26.19 7.54
N ASP A 714 69.23 26.56 6.28
CA ASP A 714 68.46 26.19 5.09
C ASP A 714 66.96 26.43 5.25
N VAL A 715 66.59 27.38 6.09
CA VAL A 715 65.18 27.66 6.34
C VAL A 715 64.63 28.60 5.27
N MET A 716 63.47 28.27 4.74
CA MET A 716 62.81 29.12 3.75
C MET A 716 62.31 30.39 4.43
N ALA A 717 63.00 31.50 4.19
CA ALA A 717 62.63 32.79 4.77
C ALA A 717 62.86 33.86 3.74
N ARG A 718 62.16 34.99 3.90
CA ARG A 718 62.22 36.06 2.91
C ARG A 718 61.95 37.40 3.60
N GLU A 719 62.56 38.45 3.05
CA GLU A 719 62.23 39.80 3.45
C GLU A 719 60.99 40.28 2.70
N VAL A 720 60.38 41.33 3.23
CA VAL A 720 59.21 41.95 2.63
C VAL A 720 59.57 43.38 2.25
N ALA A 721 59.47 43.70 0.97
CA ALA A 721 59.84 45.03 0.48
C ALA A 721 58.68 46.01 0.63
N VAL A 722 58.53 46.58 1.82
CA VAL A 722 57.53 47.63 2.05
C VAL A 722 58.16 48.68 2.95
N ASP A 723 57.57 49.88 2.94
CA ASP A 723 58.23 51.04 3.53
C ASP A 723 58.22 51.01 5.05
N VAL A 724 57.11 50.61 5.67
CA VAL A 724 56.88 50.87 7.08
C VAL A 724 56.88 49.55 7.86
N ALA A 725 57.54 49.56 9.01
CA ALA A 725 57.63 48.39 9.88
C ALA A 725 56.40 48.34 10.79
N SER A 726 55.27 48.04 10.18
CA SER A 726 54.01 48.00 10.91
C SER A 726 53.99 46.82 11.88
N HIS A 727 53.18 46.96 12.93
CA HIS A 727 53.02 45.93 13.96
C HIS A 727 54.34 45.60 14.64
N SER A 728 55.22 46.59 14.72
CA SER A 728 56.52 46.48 15.34
C SER A 728 56.79 47.76 16.13
N PRO A 729 57.72 47.73 17.08
CA PRO A 729 58.00 48.94 17.87
C PRO A 729 58.53 50.11 17.05
N GLN A 730 58.90 49.90 15.78
CA GLN A 730 59.37 51.00 14.94
C GLN A 730 58.32 52.08 14.75
N VAL A 731 57.02 51.74 14.84
CA VAL A 731 55.97 52.73 14.65
C VAL A 731 55.72 53.58 15.87
N ASP A 732 56.49 53.41 16.94
CA ASP A 732 56.19 54.05 18.22
C ASP A 732 56.00 55.56 18.18
N PRO A 733 56.83 56.35 17.49
CA PRO A 733 56.71 57.82 17.61
C PRO A 733 55.42 58.42 17.05
N ILE A 734 54.46 57.62 16.59
CA ILE A 734 53.29 58.19 15.92
C ILE A 734 51.99 57.96 16.70
N LEU A 735 51.88 56.87 17.47
CA LEU A 735 50.62 56.53 18.11
C LEU A 735 50.06 57.67 18.96
N ASP A 736 50.90 58.43 19.64
CA ASP A 736 50.39 59.56 20.41
C ASP A 736 49.73 60.59 19.48
N ASP A 737 50.36 60.89 18.35
CA ASP A 737 49.74 61.76 17.36
C ASP A 737 48.54 61.08 16.69
N LEU A 738 48.66 59.78 16.44
CA LEU A 738 47.57 59.06 15.76
C LEU A 738 46.31 59.05 16.61
N ALA A 739 46.46 58.86 17.93
CA ALA A 739 45.30 58.85 18.81
C ALA A 739 44.58 60.19 18.79
N ALA A 740 45.33 61.29 18.78
CA ALA A 740 44.72 62.61 18.70
C ALA A 740 43.96 62.79 17.39
N ALA A 741 44.52 62.30 16.29
CA ALA A 741 43.88 62.45 15.00
C ALA A 741 42.57 61.67 14.90
N LEU A 742 42.45 60.55 15.64
CA LEU A 742 41.24 59.73 15.61
C LEU A 742 40.34 59.98 16.82
N ALA A 743 40.57 61.06 17.57
CA ALA A 743 39.74 61.33 18.73
C ALA A 743 38.30 61.64 18.37
N ASP A 744 38.04 62.01 17.12
CA ASP A 744 36.68 62.34 16.67
C ASP A 744 35.93 61.14 16.09
N ILE A 745 36.54 59.96 16.09
CA ILE A 745 35.89 58.79 15.52
C ILE A 745 34.78 58.32 16.45
N ALA A 746 33.62 58.01 15.86
CA ALA A 746 32.44 57.58 16.61
C ALA A 746 32.11 56.13 16.26
N PRO A 747 32.71 55.16 16.93
CA PRO A 747 32.40 53.75 16.64
C PRO A 747 31.00 53.39 17.08
N MET A 748 30.44 52.38 16.41
CA MET A 748 29.15 51.81 16.74
C MET A 748 29.28 50.30 16.84
N THR A 749 28.29 49.68 17.47
CA THR A 749 28.30 48.23 17.63
C THR A 749 28.17 47.56 16.26
N PRO A 750 28.91 46.49 16.00
CA PRO A 750 28.80 45.81 14.71
C PRO A 750 27.53 44.99 14.61
N LYS A 751 26.91 45.04 13.43
CA LYS A 751 25.72 44.25 13.15
C LYS A 751 26.03 42.94 12.44
N VAL A 752 27.17 42.84 11.78
CA VAL A 752 27.62 41.61 11.13
C VAL A 752 28.66 40.96 12.03
N PRO A 753 28.69 39.63 12.15
CA PRO A 753 29.72 38.99 12.97
C PRO A 753 31.13 39.41 12.58
N TYR A 754 31.86 39.98 13.53
CA TYR A 754 33.19 40.53 13.31
C TYR A 754 34.20 39.65 14.03
N TYR A 755 35.19 39.16 13.30
CA TYR A 755 36.27 38.35 13.86
C TYR A 755 37.55 39.18 13.78
N SER A 756 37.78 40.00 14.80
CA SER A 756 38.93 40.89 14.79
C SER A 756 40.22 40.11 14.98
N ALA A 757 41.24 40.48 14.23
CA ALA A 757 42.57 39.90 14.36
C ALA A 757 43.47 40.69 15.29
N THR A 758 43.00 41.83 15.81
CA THR A 758 43.83 42.64 16.71
C THR A 758 43.56 42.31 18.17
N LEU A 759 42.28 42.21 18.55
CA LEU A 759 41.93 41.85 19.91
C LEU A 759 42.45 40.46 20.24
N PHE A 760 42.82 40.27 21.52
CA PHE A 760 43.39 38.99 21.94
C PHE A 760 42.41 37.85 21.70
N ASP A 761 41.12 38.08 22.01
CA ASP A 761 40.09 37.11 21.70
C ASP A 761 39.42 37.51 20.39
N PRO A 762 39.60 36.76 19.30
CA PRO A 762 38.96 37.14 18.03
C PRO A 762 37.45 37.11 18.09
N ARG A 763 36.86 36.32 18.98
CA ARG A 763 35.40 36.23 19.06
C ARG A 763 34.77 37.54 19.55
N GLU A 764 35.53 38.40 20.20
CA GLU A 764 34.98 39.63 20.76
C GLU A 764 34.49 40.55 19.65
N GLN A 765 33.34 41.18 19.88
CA GLN A 765 32.83 42.17 18.95
C GLN A 765 33.42 43.53 19.34
N PRO A 766 34.29 44.10 18.51
CA PRO A 766 35.05 45.28 18.92
C PRO A 766 34.20 46.54 18.95
N VAL A 767 34.67 47.51 19.72
CA VAL A 767 34.24 48.89 19.61
C VAL A 767 35.39 49.65 18.93
N CYS A 768 35.19 49.98 17.66
CA CYS A 768 36.28 50.47 16.82
C CYS A 768 36.60 51.94 17.14
N ASP A 769 36.94 52.18 18.41
CA ASP A 769 37.31 53.51 18.84
C ASP A 769 38.75 53.79 18.43
N GLY A 770 39.24 54.98 18.78
CA GLY A 770 40.58 55.36 18.37
C GLY A 770 41.65 54.42 18.89
N ALA A 771 41.54 54.02 20.16
CA ALA A 771 42.56 53.18 20.78
C ALA A 771 42.72 51.85 20.04
N TYR A 772 41.66 51.38 19.40
CA TYR A 772 41.74 50.14 18.63
C TYR A 772 42.75 50.28 17.51
N TRP A 773 42.61 51.32 16.68
CA TRP A 773 43.53 51.50 15.56
C TRP A 773 44.95 51.74 16.05
N VAL A 774 45.10 52.51 17.14
CA VAL A 774 46.38 52.61 17.82
C VAL A 774 46.90 51.23 18.21
N ASP A 775 46.02 50.42 18.82
CA ASP A 775 46.40 49.05 19.15
C ASP A 775 46.63 48.22 17.88
N ASN A 776 45.82 48.46 16.84
CA ASN A 776 45.93 47.68 15.62
C ASN A 776 47.30 47.88 14.97
N LEU A 777 47.80 49.12 14.98
CA LEU A 777 49.08 49.40 14.34
C LEU A 777 50.24 48.89 15.17
N ARG A 778 50.11 48.95 16.50
CA ARG A 778 51.23 48.55 17.36
C ARG A 778 51.26 47.04 17.56
N ASN A 779 50.14 46.45 17.93
CA ASN A 779 50.10 45.05 18.30
C ASN A 779 50.23 44.16 17.06
N THR A 780 50.58 42.90 17.31
CA THR A 780 50.70 41.93 16.23
C THR A 780 49.33 41.54 15.70
N VAL A 781 49.32 40.89 14.54
CA VAL A 781 48.08 40.47 13.88
C VAL A 781 48.00 38.96 13.96
N GLN A 782 47.02 38.45 14.69
CA GLN A 782 46.76 37.02 14.75
C GLN A 782 45.74 36.63 13.69
N PHE A 783 46.06 36.91 12.42
CA PHE A 783 45.12 36.67 11.34
C PHE A 783 44.77 35.19 11.23
N ALA A 784 45.76 34.31 11.42
CA ALA A 784 45.49 32.88 11.40
C ALA A 784 44.55 32.50 12.53
N ALA A 785 44.74 33.09 13.71
CA ALA A 785 43.85 32.78 14.83
C ALA A 785 42.43 33.23 14.57
N ALA A 786 42.25 34.44 14.02
CA ALA A 786 40.92 34.94 13.73
C ALA A 786 40.22 34.08 12.68
N VAL A 787 40.94 33.72 11.62
CA VAL A 787 40.39 32.85 10.60
C VAL A 787 40.04 31.49 11.20
N GLN A 788 40.95 30.94 12.01
CA GLN A 788 40.69 29.68 12.68
C GLN A 788 39.41 29.75 13.52
N ALA A 789 39.22 30.87 14.22
CA ALA A 789 38.00 31.03 15.02
C ALA A 789 36.76 31.00 14.15
N ALA A 790 36.82 31.64 12.98
CA ALA A 790 35.66 31.65 12.09
C ALA A 790 35.30 30.26 11.61
N MET A 791 36.31 29.45 11.28
CA MET A 791 36.04 28.06 10.90
C MET A 791 35.42 27.28 12.04
N GLU A 792 35.94 27.46 13.27
CA GLU A 792 35.37 26.76 14.42
C GLU A 792 33.90 27.09 14.60
N ASP A 793 33.51 28.31 14.24
CA ASP A 793 32.10 28.67 14.29
C ASP A 793 31.28 28.03 13.17
N GLY A 794 31.94 27.48 12.15
CA GLY A 794 31.26 26.75 11.11
C GLY A 794 31.33 27.34 9.71
N TYR A 795 31.91 28.53 9.55
CA TYR A 795 32.03 29.10 8.21
C TYR A 795 33.08 28.36 7.40
N ARG A 796 32.82 28.21 6.11
CA ARG A 796 33.71 27.45 5.23
C ARG A 796 34.02 28.13 3.91
N VAL A 797 33.38 29.25 3.60
CA VAL A 797 33.58 29.95 2.33
C VAL A 797 34.17 31.31 2.63
N PHE A 798 35.35 31.58 2.08
CA PHE A 798 36.05 32.84 2.26
C PHE A 798 36.37 33.44 0.91
N ALA A 799 35.96 34.69 0.71
CA ALA A 799 36.25 35.42 -0.51
C ALA A 799 36.93 36.73 -0.14
N GLU A 800 38.20 36.86 -0.53
CA GLU A 800 38.95 38.08 -0.22
C GLU A 800 38.63 39.12 -1.29
N LEU A 801 38.41 40.36 -0.86
CA LEU A 801 38.02 41.44 -1.77
C LEU A 801 39.15 42.41 -2.07
N SER A 802 40.40 41.94 -2.08
CA SER A 802 41.51 42.79 -2.45
C SER A 802 41.69 42.77 -3.97
N PRO A 803 42.44 43.75 -4.51
CA PRO A 803 42.71 43.74 -5.96
C PRO A 803 43.45 42.49 -6.41
N HIS A 804 44.18 41.84 -5.52
CA HIS A 804 44.89 40.62 -5.88
C HIS A 804 44.94 39.67 -4.69
N PRO A 805 44.81 38.37 -4.92
CA PRO A 805 44.83 37.42 -3.80
C PRO A 805 46.19 37.35 -3.12
N LEU A 806 46.19 37.55 -1.81
CA LEU A 806 47.39 37.43 -0.99
C LEU A 806 47.22 36.52 0.21
N LEU A 807 46.03 36.43 0.78
CA LEU A 807 45.78 35.59 1.95
C LEU A 807 44.99 34.33 1.64
N THR A 808 44.64 34.10 0.38
CA THR A 808 43.91 32.88 0.03
C THR A 808 44.72 31.63 0.35
N HIS A 809 46.03 31.68 0.06
CA HIS A 809 46.89 30.56 0.41
C HIS A 809 46.94 30.36 1.93
N ALA A 810 46.97 31.47 2.68
CA ALA A 810 46.98 31.37 4.13
C ALA A 810 45.70 30.73 4.66
N VAL A 811 44.55 31.10 4.09
CA VAL A 811 43.28 30.53 4.54
C VAL A 811 43.25 29.03 4.28
N GLU A 812 43.71 28.62 3.10
CA GLU A 812 43.70 27.20 2.77
C GLU A 812 44.63 26.41 3.70
N GLN A 813 45.78 26.98 4.05
CA GLN A 813 46.68 26.31 4.97
C GLN A 813 46.05 26.12 6.34
N THR A 814 45.37 27.15 6.85
CA THR A 814 44.73 27.05 8.15
C THR A 814 43.61 26.02 8.13
N GLY A 815 42.80 26.03 7.06
CA GLY A 815 41.75 25.03 6.96
C GLY A 815 42.30 23.62 6.87
N ARG A 816 43.39 23.45 6.11
CA ARG A 816 44.04 22.15 6.03
C ARG A 816 44.63 21.74 7.38
N SER A 817 45.16 22.70 8.14
CA SER A 817 45.70 22.40 9.46
C SER A 817 44.64 21.90 10.43
N LEU A 818 43.37 22.24 10.19
CA LEU A 818 42.26 21.74 10.98
C LEU A 818 41.54 20.58 10.31
N ASP A 819 42.11 20.03 9.25
CA ASP A 819 41.46 19.00 8.44
C ASP A 819 40.06 19.43 8.02
N MET A 820 39.93 20.68 7.61
CA MET A 820 38.65 21.28 7.29
C MET A 820 38.60 21.64 5.81
N SER A 821 37.51 21.30 5.15
CA SER A 821 37.33 21.63 3.74
C SER A 821 36.81 23.06 3.61
N VAL A 822 37.62 23.92 3.01
CA VAL A 822 37.29 25.34 2.86
C VAL A 822 37.56 25.76 1.42
N ALA A 823 36.97 26.88 1.03
CA ALA A 823 37.18 27.47 -0.29
C ALA A 823 37.71 28.88 -0.11
N ALA A 824 38.79 29.19 -0.85
CA ALA A 824 39.43 30.50 -0.79
C ALA A 824 39.28 31.14 -2.16
N LEU A 825 38.28 32.01 -2.31
CA LEU A 825 38.03 32.67 -3.56
C LEU A 825 38.71 34.04 -3.59
N ALA A 826 38.96 34.53 -4.80
CA ALA A 826 39.60 35.83 -5.00
C ALA A 826 38.64 36.74 -5.74
N GLY A 827 38.32 37.87 -5.13
CA GLY A 827 37.42 38.84 -5.75
C GLY A 827 38.02 39.46 -6.99
N MET A 828 39.30 39.84 -6.92
CA MET A 828 40.00 40.40 -8.07
C MET A 828 41.39 39.80 -8.15
N ARG A 829 41.96 39.87 -9.35
CA ARG A 829 43.30 39.35 -9.59
C ARG A 829 44.02 40.30 -10.53
N ARG A 830 45.33 40.37 -10.39
CA ARG A 830 46.13 41.28 -11.21
C ARG A 830 46.00 40.91 -12.68
N GLU A 831 45.55 41.88 -13.49
CA GLU A 831 45.42 41.76 -14.94
C GLU A 831 44.49 40.62 -15.35
N GLN A 832 43.51 40.30 -14.52
CA GLN A 832 42.49 39.32 -14.91
C GLN A 832 41.33 40.07 -15.57
N PRO A 833 41.06 39.83 -16.85
CA PRO A 833 39.95 40.54 -17.50
C PRO A 833 38.60 40.00 -17.02
N LEU A 834 37.70 40.94 -16.72
CA LEU A 834 36.36 40.62 -16.25
C LEU A 834 35.34 41.38 -17.09
N PRO A 835 35.07 40.91 -18.30
CA PRO A 835 34.09 41.58 -19.16
C PRO A 835 32.69 41.61 -18.58
N HIS A 836 32.34 40.65 -17.72
CA HIS A 836 31.00 40.56 -17.15
C HIS A 836 30.90 41.14 -15.74
N GLY A 837 31.88 41.93 -15.33
CA GLY A 837 31.81 42.50 -14.00
C GLY A 837 32.13 41.47 -12.93
N LEU A 838 31.51 41.66 -11.76
CA LEU A 838 31.73 40.75 -10.63
C LEU A 838 30.91 39.48 -10.71
N ARG A 839 30.20 39.24 -11.82
CA ARG A 839 29.43 38.01 -11.95
C ARG A 839 30.32 36.78 -11.85
N GLY A 840 31.59 36.92 -12.17
CA GLY A 840 32.53 35.82 -12.00
C GLY A 840 32.66 35.41 -10.55
N LEU A 841 32.81 36.37 -9.65
CA LEU A 841 32.86 36.06 -8.23
C LEU A 841 31.54 35.47 -7.75
N LEU A 842 30.41 36.03 -8.19
CA LEU A 842 29.12 35.48 -7.83
C LEU A 842 28.99 34.04 -8.35
N THR A 843 29.50 33.78 -9.54
CA THR A 843 29.55 32.40 -10.03
C THR A 843 30.38 31.53 -9.09
N GLU A 844 31.53 32.03 -8.66
CA GLU A 844 32.39 31.25 -7.78
C GLU A 844 31.77 31.05 -6.41
N LEU A 845 31.12 32.09 -5.86
CA LEU A 845 30.49 31.96 -4.55
C LEU A 845 29.40 30.89 -4.56
N HIS A 846 28.57 30.88 -5.60
CA HIS A 846 27.56 29.83 -5.70
C HIS A 846 28.21 28.46 -5.85
N ARG A 847 29.27 28.37 -6.64
CA ARG A 847 29.96 27.10 -6.81
C ARG A 847 30.49 26.57 -5.49
N ALA A 848 31.01 27.46 -4.64
CA ALA A 848 31.45 27.05 -3.32
C ALA A 848 30.29 26.67 -2.41
N GLY A 849 29.14 27.33 -2.57
CA GLY A 849 27.96 26.99 -1.77
C GLY A 849 27.62 27.98 -0.69
N ALA A 850 27.99 29.25 -0.83
CA ALA A 850 27.63 30.25 0.15
C ALA A 850 26.16 30.62 0.01
N ALA A 851 25.59 31.11 1.12
CA ALA A 851 24.19 31.52 1.10
C ALA A 851 24.01 32.75 0.20
N LEU A 852 22.92 32.75 -0.56
CA LEU A 852 22.63 33.83 -1.49
C LEU A 852 21.15 34.15 -1.45
N ASP A 853 20.82 35.41 -1.72
CA ASP A 853 19.43 35.85 -1.81
C ASP A 853 19.05 35.86 -3.29
N TYR A 854 18.72 34.67 -3.80
CA TYR A 854 18.42 34.52 -5.22
C TYR A 854 17.23 35.37 -5.65
N SER A 855 16.35 35.75 -4.71
CA SER A 855 15.24 36.63 -5.05
C SER A 855 15.75 37.98 -5.55
N ALA A 856 16.82 38.50 -4.96
CA ALA A 856 17.37 39.77 -5.43
C ALA A 856 17.95 39.66 -6.83
N LEU A 857 18.65 38.56 -7.13
CA LEU A 857 19.18 38.37 -8.48
C LEU A 857 18.08 38.06 -9.48
N TYR A 858 17.03 37.37 -9.05
CA TYR A 858 15.95 36.96 -9.94
C TYR A 858 14.64 37.34 -9.27
N PRO A 859 14.15 38.56 -9.50
CA PRO A 859 12.95 39.02 -8.79
C PRO A 859 11.73 38.15 -9.04
N ALA A 860 11.35 37.97 -10.31
CA ALA A 860 10.18 37.17 -10.62
C ALA A 860 10.33 36.61 -12.03
N GLY A 861 9.56 35.56 -12.29
CA GLY A 861 9.58 34.95 -13.61
C GLY A 861 8.70 33.72 -13.62
N ARG A 862 8.45 33.23 -14.82
CA ARG A 862 7.66 32.02 -15.01
C ARG A 862 8.56 30.80 -15.12
N LEU A 863 8.11 29.70 -14.52
CA LEU A 863 8.82 28.44 -14.65
C LEU A 863 8.74 27.94 -16.07
N VAL A 864 9.81 27.26 -16.51
CA VAL A 864 9.87 26.67 -17.84
C VAL A 864 10.32 25.23 -17.71
N ASP A 865 10.42 24.56 -18.86
CA ASP A 865 10.63 23.12 -18.91
C ASP A 865 12.08 22.72 -19.15
N ALA A 866 13.03 23.41 -18.53
CA ALA A 866 14.43 23.07 -18.70
C ALA A 866 14.69 21.64 -18.22
N PRO A 867 15.47 20.85 -18.96
CA PRO A 867 15.70 19.46 -18.57
C PRO A 867 16.39 19.36 -17.21
N LEU A 868 16.05 18.32 -16.47
CA LEU A 868 16.62 18.10 -15.15
C LEU A 868 18.08 17.65 -15.29
N PRO A 869 18.89 17.86 -14.24
CA PRO A 869 20.29 17.42 -14.29
C PRO A 869 20.39 15.91 -14.42
N ALA A 870 21.48 15.46 -15.04
CA ALA A 870 21.73 14.04 -15.16
C ALA A 870 22.14 13.45 -13.81
N TRP A 871 22.43 12.16 -13.81
CA TRP A 871 22.79 11.44 -12.61
C TRP A 871 24.15 10.78 -12.77
N THR A 872 24.81 10.55 -11.63
CA THR A 872 26.05 9.78 -11.61
C THR A 872 25.70 8.30 -11.45
N HIS A 873 25.26 7.72 -12.57
CA HIS A 873 24.70 6.37 -12.57
C HIS A 873 25.83 5.34 -12.52
N ALA A 874 26.22 4.99 -11.29
CA ALA A 874 27.11 3.87 -11.09
C ALA A 874 26.32 2.57 -11.14
N ARG A 875 26.87 1.57 -11.82
CA ARG A 875 26.15 0.32 -11.99
C ARG A 875 26.17 -0.46 -10.68
N LEU A 876 24.98 -0.71 -10.12
CA LEU A 876 24.83 -1.41 -8.85
C LEU A 876 23.80 -2.53 -9.05
N PHE A 877 24.28 -3.74 -9.27
CA PHE A 877 23.41 -4.88 -9.54
C PHE A 877 23.99 -6.11 -8.87
N ILE A 878 23.13 -7.09 -8.63
CA ILE A 878 23.59 -8.36 -8.06
C ILE A 878 24.37 -9.13 -9.11
N ASP A 879 25.18 -10.08 -8.66
CA ASP A 879 26.03 -10.85 -9.56
C ASP A 879 26.18 -12.28 -9.05
N ASP A 880 26.66 -13.14 -9.92
CA ASP A 880 26.90 -14.54 -9.58
C ASP A 880 28.32 -14.96 -9.97
N MET B 1 -16.20 16.70 20.76
CA MET B 1 -17.55 16.51 20.25
C MET B 1 -17.54 16.32 18.74
N GLU B 2 -16.67 17.05 18.06
CA GLU B 2 -16.59 16.97 16.61
C GLU B 2 -16.01 15.63 16.17
N SER B 3 -16.73 14.94 15.29
CA SER B 3 -16.28 13.69 14.70
C SER B 3 -16.17 13.89 13.19
N ARG B 4 -14.93 13.86 12.69
CA ARG B 4 -14.68 14.14 11.28
C ARG B 4 -14.97 12.95 10.37
N VAL B 5 -15.18 11.76 10.93
CA VAL B 5 -15.54 10.58 10.15
C VAL B 5 -16.72 9.90 10.82
N THR B 6 -17.46 9.14 10.03
CA THR B 6 -18.56 8.36 10.57
C THR B 6 -18.00 7.21 11.41
N PRO B 7 -18.57 6.94 12.58
CA PRO B 7 -18.14 5.77 13.35
C PRO B 7 -18.36 4.50 12.54
N VAL B 8 -17.40 3.58 12.64
CA VAL B 8 -17.40 2.33 11.88
C VAL B 8 -17.55 1.18 12.86
N ALA B 9 -18.56 0.35 12.63
CA ALA B 9 -18.84 -0.76 13.54
C ALA B 9 -18.20 -2.04 13.03
N VAL B 10 -17.49 -2.73 13.90
CA VAL B 10 -16.87 -4.01 13.56
C VAL B 10 -17.91 -5.10 13.82
N ILE B 11 -18.61 -5.52 12.75
CA ILE B 11 -19.72 -6.46 12.90
C ILE B 11 -19.28 -7.91 12.79
N GLY B 12 -18.02 -8.18 12.46
CA GLY B 12 -17.56 -9.55 12.35
C GLY B 12 -16.06 -9.66 12.30
N MET B 13 -15.50 -10.65 12.98
CA MET B 13 -14.06 -10.84 13.04
C MET B 13 -13.74 -12.32 12.92
N GLY B 14 -12.63 -12.62 12.25
CA GLY B 14 -12.17 -13.98 12.11
C GLY B 14 -10.66 -14.02 12.09
N CYS B 15 -10.10 -15.11 12.58
CA CYS B 15 -8.65 -15.19 12.71
C CYS B 15 -8.20 -16.63 12.69
N ARG B 16 -6.92 -16.82 12.41
CA ARG B 16 -6.25 -18.11 12.56
C ARG B 16 -4.85 -17.84 13.08
N LEU B 17 -4.55 -18.34 14.25
CA LEU B 17 -3.35 -17.98 15.00
C LEU B 17 -2.67 -19.24 15.50
N PRO B 18 -1.38 -19.16 15.86
CA PRO B 18 -0.65 -20.36 16.30
C PRO B 18 -1.29 -21.02 17.51
N GLY B 19 -0.95 -22.29 17.74
CA GLY B 19 -1.52 -23.03 18.85
C GLY B 19 -2.94 -23.50 18.64
N GLY B 20 -3.37 -23.63 17.38
CA GLY B 20 -4.71 -24.12 17.11
C GLY B 20 -5.82 -23.12 17.40
N ILE B 21 -5.51 -21.84 17.41
CA ILE B 21 -6.52 -20.80 17.64
C ILE B 21 -7.19 -20.50 16.31
N ASN B 22 -8.47 -20.86 16.18
CA ASN B 22 -9.21 -20.70 14.94
C ASN B 22 -10.43 -19.80 15.08
N SER B 23 -10.58 -19.10 16.20
CA SER B 23 -11.77 -18.28 16.43
C SER B 23 -11.43 -17.22 17.46
N PRO B 24 -12.06 -16.04 17.39
CA PRO B 24 -11.77 -15.00 18.38
C PRO B 24 -12.03 -15.42 19.82
N ASP B 25 -13.07 -16.21 20.06
CA ASP B 25 -13.34 -16.65 21.43
C ASP B 25 -12.21 -17.54 21.95
N LYS B 26 -11.71 -18.45 21.11
CA LYS B 26 -10.59 -19.28 21.53
C LYS B 26 -9.34 -18.46 21.76
N LEU B 27 -9.22 -17.31 21.09
CA LEU B 27 -8.14 -16.38 21.41
C LEU B 27 -8.29 -15.84 22.82
N TRP B 28 -9.52 -15.51 23.22
CA TRP B 28 -9.75 -14.94 24.54
C TRP B 28 -9.39 -15.91 25.64
N GLU B 29 -9.74 -17.19 25.47
CA GLU B 29 -9.38 -18.20 26.46
C GLU B 29 -7.87 -18.30 26.61
N SER B 30 -7.14 -18.21 25.50
CA SER B 30 -5.69 -18.30 25.54
C SER B 30 -5.09 -17.12 26.32
N LEU B 31 -5.58 -15.91 26.06
CA LEU B 31 -5.00 -14.74 26.72
C LEU B 31 -5.25 -14.76 28.22
N LEU B 32 -6.46 -15.11 28.65
CA LEU B 32 -6.76 -15.18 30.07
C LEU B 32 -5.93 -16.26 30.75
N ARG B 33 -5.79 -17.42 30.11
CA ARG B 33 -5.00 -18.50 30.69
C ARG B 33 -3.51 -18.17 30.70
N GLY B 34 -3.09 -17.13 30.00
CA GLY B 34 -1.68 -16.81 29.90
C GLY B 34 -0.88 -17.82 29.12
N ASP B 35 -1.45 -18.34 28.04
CA ASP B 35 -0.73 -19.31 27.21
C ASP B 35 0.43 -18.64 26.48
N ASP B 36 1.50 -19.40 26.30
CA ASP B 36 2.61 -19.00 25.45
C ASP B 36 2.57 -19.85 24.19
N LEU B 37 2.44 -19.19 23.04
CA LEU B 37 2.20 -19.89 21.78
C LEU B 37 3.44 -20.08 20.93
N VAL B 38 4.55 -19.43 21.25
CA VAL B 38 5.76 -19.61 20.49
C VAL B 38 6.42 -20.93 20.86
N THR B 39 6.86 -21.67 19.84
CA THR B 39 7.48 -22.97 20.04
C THR B 39 8.76 -23.04 19.22
N GLU B 40 9.56 -24.07 19.48
CA GLU B 40 10.71 -24.34 18.64
C GLU B 40 10.24 -24.64 17.22
N ILE B 41 11.03 -24.22 16.24
CA ILE B 41 10.61 -24.36 14.85
C ILE B 41 10.40 -25.85 14.53
N PRO B 42 9.22 -26.25 14.07
CA PRO B 42 8.98 -27.66 13.79
C PRO B 42 9.88 -28.16 12.67
N PRO B 43 10.30 -29.42 12.73
CA PRO B 43 11.11 -29.98 11.64
C PRO B 43 10.39 -29.99 10.31
N ASP B 44 9.06 -29.89 10.30
CA ASP B 44 8.31 -29.87 9.05
C ASP B 44 8.70 -28.69 8.18
N ARG B 45 8.89 -27.51 8.78
CA ARG B 45 9.29 -26.34 8.00
C ARG B 45 10.73 -26.46 7.53
N TRP B 46 11.67 -26.51 8.48
CA TRP B 46 13.08 -26.68 8.19
C TRP B 46 13.77 -27.13 9.47
N ASP B 47 15.00 -27.61 9.32
CA ASP B 47 15.80 -28.00 10.48
C ASP B 47 16.37 -26.73 11.10
N ALA B 48 15.88 -26.38 12.29
CA ALA B 48 16.34 -25.16 12.94
C ALA B 48 17.82 -25.23 13.31
N ASP B 49 18.31 -26.43 13.67
CA ASP B 49 19.71 -26.59 14.01
C ASP B 49 20.63 -26.32 12.82
N ASP B 50 20.10 -26.33 11.60
CA ASP B 50 20.91 -26.00 10.43
C ASP B 50 21.23 -24.52 10.35
N TYR B 51 20.62 -23.68 11.17
CA TYR B 51 20.83 -22.25 11.13
C TYR B 51 21.06 -21.59 12.48
N TYR B 52 20.80 -22.29 13.59
CA TYR B 52 20.89 -21.65 14.90
C TYR B 52 22.34 -21.36 15.27
N ASP B 53 22.56 -20.16 15.82
CA ASP B 53 23.85 -19.77 16.36
C ASP B 53 23.62 -18.69 17.39
N PRO B 54 23.91 -18.95 18.67
CA PRO B 54 23.63 -17.95 19.72
C PRO B 54 24.45 -16.67 19.60
N GLU B 55 25.57 -16.69 18.90
CA GLU B 55 26.39 -15.50 18.78
C GLU B 55 25.74 -14.49 17.82
N PRO B 56 25.44 -13.28 18.26
CA PRO B 56 24.79 -12.32 17.37
C PRO B 56 25.69 -11.91 16.21
N GLY B 57 25.07 -11.65 15.07
CA GLY B 57 25.78 -11.10 13.93
C GLY B 57 26.65 -12.07 13.15
N VAL B 58 26.60 -13.35 13.47
CA VAL B 58 27.40 -14.31 12.70
C VAL B 58 26.86 -14.40 11.28
N PRO B 59 27.70 -14.33 10.25
CA PRO B 59 27.18 -14.38 8.87
C PRO B 59 26.49 -15.71 8.58
N GLY B 60 25.38 -15.63 7.86
CA GLY B 60 24.70 -16.81 7.37
C GLY B 60 23.98 -17.63 8.42
N ARG B 61 23.84 -17.12 9.63
CA ARG B 61 23.20 -17.86 10.72
C ARG B 61 22.15 -16.99 11.39
N SER B 62 21.15 -17.64 11.97
CA SER B 62 20.09 -16.97 12.70
C SER B 62 20.24 -17.25 14.18
N VAL B 63 19.93 -16.24 15.00
CA VAL B 63 20.14 -16.34 16.45
C VAL B 63 18.92 -16.91 17.17
N SER B 64 17.82 -17.15 16.48
CA SER B 64 16.60 -17.62 17.12
C SER B 64 16.16 -18.93 16.48
N ARG B 65 15.70 -19.87 17.30
CA ARG B 65 15.20 -21.15 16.83
C ARG B 65 13.70 -21.31 17.11
N TRP B 66 13.02 -20.24 17.50
CA TRP B 66 11.64 -20.29 17.91
C TRP B 66 10.76 -19.46 16.98
N GLY B 67 9.46 -19.73 17.06
CA GLY B 67 8.47 -18.96 16.32
C GLY B 67 7.09 -19.49 16.63
N GLY B 68 6.10 -18.65 16.34
CA GLY B 68 4.71 -19.05 16.50
C GLY B 68 4.15 -19.60 15.21
N PHE B 69 3.88 -20.90 15.16
CA PHE B 69 3.54 -21.59 13.93
C PHE B 69 2.11 -22.09 13.96
N LEU B 70 1.42 -21.91 12.83
CA LEU B 70 0.11 -22.54 12.67
C LEU B 70 0.26 -24.05 12.65
N ASP B 71 -0.76 -24.75 13.14
CA ASP B 71 -0.73 -26.20 13.15
C ASP B 71 -0.82 -26.79 11.76
N ASP B 72 -1.45 -26.08 10.82
CA ASP B 72 -1.62 -26.60 9.46
C ASP B 72 -1.68 -25.41 8.51
N VAL B 73 -0.59 -25.15 7.82
CA VAL B 73 -0.55 -24.05 6.86
C VAL B 73 -0.92 -24.53 5.46
N ALA B 74 -0.36 -25.66 5.03
CA ALA B 74 -0.62 -26.15 3.68
C ALA B 74 -2.06 -26.57 3.47
N GLY B 75 -2.82 -26.78 4.54
CA GLY B 75 -4.21 -27.17 4.43
C GLY B 75 -5.06 -26.15 3.71
N PHE B 76 -5.92 -26.61 2.80
CA PHE B 76 -6.78 -25.72 2.04
C PHE B 76 -7.96 -26.51 1.50
N ASP B 77 -9.14 -25.89 1.53
CA ASP B 77 -10.36 -26.50 1.01
C ASP B 77 -10.60 -26.06 -0.43
N ALA B 78 -9.85 -26.66 -1.34
CA ALA B 78 -9.85 -26.21 -2.74
C ALA B 78 -11.22 -26.40 -3.37
N GLU B 79 -11.80 -27.60 -3.25
CA GLU B 79 -13.03 -27.91 -3.97
C GLU B 79 -14.21 -27.06 -3.50
N PHE B 80 -14.18 -26.55 -2.27
CA PHE B 80 -15.29 -25.74 -1.79
C PHE B 80 -15.35 -24.40 -2.51
N PHE B 81 -14.19 -23.83 -2.83
CA PHE B 81 -14.14 -22.54 -3.52
C PHE B 81 -14.09 -22.68 -5.04
N GLY B 82 -14.20 -23.89 -5.57
CA GLY B 82 -14.19 -24.08 -7.00
C GLY B 82 -12.84 -24.01 -7.66
N ILE B 83 -11.76 -24.17 -6.90
CA ILE B 83 -10.40 -24.14 -7.43
C ILE B 83 -9.89 -25.57 -7.53
N SER B 84 -9.34 -25.91 -8.69
CA SER B 84 -8.80 -27.24 -8.90
C SER B 84 -7.56 -27.45 -8.03
N GLU B 85 -7.23 -28.72 -7.79
CA GLU B 85 -6.09 -29.03 -6.93
C GLU B 85 -4.79 -28.52 -7.53
N ARG B 86 -4.63 -28.64 -8.85
CA ARG B 86 -3.41 -28.19 -9.50
C ARG B 86 -3.18 -26.70 -9.28
N GLU B 87 -4.24 -25.90 -9.47
CA GLU B 87 -4.12 -24.45 -9.27
C GLU B 87 -3.81 -24.12 -7.81
N ALA B 88 -4.52 -24.79 -6.89
CA ALA B 88 -4.35 -24.48 -5.47
C ALA B 88 -2.97 -24.84 -4.97
N THR B 89 -2.27 -25.76 -5.65
CA THR B 89 -0.94 -26.13 -5.24
C THR B 89 0.02 -24.95 -5.33
N SER B 90 -0.10 -24.17 -6.39
CA SER B 90 0.81 -23.04 -6.62
C SER B 90 0.32 -21.73 -6.03
N ILE B 91 -0.83 -21.72 -5.35
CA ILE B 91 -1.33 -20.49 -4.74
C ILE B 91 -0.56 -20.24 -3.45
N ASP B 92 -0.15 -19.00 -3.24
CA ASP B 92 0.55 -18.59 -2.04
C ASP B 92 -0.32 -18.86 -0.81
N PRO B 93 0.20 -19.55 0.21
CA PRO B 93 -0.61 -19.83 1.40
C PRO B 93 -1.16 -18.58 2.07
N GLN B 94 -0.46 -17.45 1.96
CA GLN B 94 -1.01 -16.20 2.49
C GLN B 94 -2.34 -15.88 1.82
N GLN B 95 -2.45 -16.13 0.52
CA GLN B 95 -3.72 -15.90 -0.17
C GLN B 95 -4.76 -16.94 0.24
N ARG B 96 -4.33 -18.19 0.45
CA ARG B 96 -5.28 -19.24 0.80
C ARG B 96 -5.86 -19.02 2.20
N LEU B 97 -5.01 -18.65 3.16
CA LEU B 97 -5.50 -18.39 4.51
C LEU B 97 -6.42 -17.17 4.53
N LEU B 98 -6.10 -16.15 3.76
CA LEU B 98 -6.95 -14.96 3.71
C LEU B 98 -8.33 -15.29 3.19
N LEU B 99 -8.41 -16.14 2.16
CA LEU B 99 -9.71 -16.53 1.61
C LEU B 99 -10.54 -17.29 2.64
N GLU B 100 -9.90 -18.19 3.38
CA GLU B 100 -10.63 -18.97 4.38
C GLU B 100 -11.06 -18.11 5.56
N THR B 101 -10.14 -17.31 6.10
CA THR B 101 -10.46 -16.51 7.27
C THR B 101 -11.48 -15.43 6.96
N SER B 102 -11.44 -14.86 5.75
CA SER B 102 -12.45 -13.88 5.36
C SER B 102 -13.83 -14.52 5.35
N TRP B 103 -13.93 -15.76 4.85
CA TRP B 103 -15.20 -16.48 4.89
C TRP B 103 -15.62 -16.71 6.34
N GLU B 104 -14.67 -17.08 7.20
CA GLU B 104 -15.00 -17.23 8.62
C GLU B 104 -15.44 -15.91 9.23
N ALA B 105 -14.84 -14.80 8.78
CA ALA B 105 -15.23 -13.50 9.29
C ALA B 105 -16.67 -13.16 8.92
N ILE B 106 -17.06 -13.44 7.68
CA ILE B 106 -18.42 -13.13 7.23
C ILE B 106 -19.43 -13.98 7.98
N GLU B 107 -19.16 -15.28 8.11
CA GLU B 107 -20.05 -16.15 8.87
C GLU B 107 -20.13 -15.73 10.33
N HIS B 108 -18.99 -15.36 10.92
CA HIS B 108 -18.98 -14.92 12.31
C HIS B 108 -19.85 -13.69 12.51
N ALA B 109 -20.02 -12.87 11.49
CA ALA B 109 -20.92 -11.73 11.56
C ALA B 109 -22.39 -12.13 11.48
N GLY B 110 -22.68 -13.38 11.12
CA GLY B 110 -24.04 -13.85 11.01
C GLY B 110 -24.63 -13.76 9.62
N LEU B 111 -23.81 -13.51 8.60
CA LEU B 111 -24.29 -13.36 7.24
C LEU B 111 -23.86 -14.54 6.39
N ASP B 112 -24.72 -14.95 5.47
CA ASP B 112 -24.34 -15.95 4.49
C ASP B 112 -23.47 -15.29 3.43
N PRO B 113 -22.24 -15.76 3.22
CA PRO B 113 -21.40 -15.14 2.18
C PRO B 113 -22.01 -15.18 0.80
N ALA B 114 -22.87 -16.17 0.52
CA ALA B 114 -23.58 -16.20 -0.75
C ALA B 114 -24.53 -15.03 -0.91
N SER B 115 -24.92 -14.39 0.20
CA SER B 115 -25.80 -13.23 0.13
C SER B 115 -25.06 -11.94 -0.17
N LEU B 116 -23.73 -11.95 -0.15
CA LEU B 116 -22.96 -10.76 -0.49
C LEU B 116 -22.66 -10.65 -1.98
N ALA B 117 -23.12 -11.59 -2.79
CA ALA B 117 -22.88 -11.52 -4.22
C ALA B 117 -23.52 -10.28 -4.81
N GLY B 118 -22.76 -9.55 -5.62
CA GLY B 118 -23.24 -8.33 -6.22
C GLY B 118 -23.24 -7.12 -5.32
N SER B 119 -22.75 -7.25 -4.09
CA SER B 119 -22.72 -6.12 -3.17
C SER B 119 -21.53 -5.22 -3.49
N SER B 120 -21.48 -4.09 -2.79
CA SER B 120 -20.39 -3.13 -2.98
C SER B 120 -19.33 -3.31 -1.91
N THR B 121 -19.14 -4.55 -1.46
CA THR B 121 -18.16 -4.82 -0.40
C THR B 121 -16.75 -4.58 -0.88
N ALA B 122 -15.95 -3.88 -0.08
CA ALA B 122 -14.57 -3.61 -0.39
C ALA B 122 -13.65 -4.55 0.37
N VAL B 123 -12.49 -4.83 -0.22
CA VAL B 123 -11.53 -5.75 0.38
C VAL B 123 -10.15 -5.12 0.42
N PHE B 124 -9.64 -4.84 1.61
CA PHE B 124 -8.27 -4.39 1.82
C PHE B 124 -7.55 -5.42 2.66
N THR B 125 -6.45 -5.96 2.13
CA THR B 125 -5.67 -6.99 2.82
C THR B 125 -4.22 -6.58 2.84
N GLY B 126 -3.66 -6.43 4.05
CA GLY B 126 -2.23 -6.22 4.18
C GLY B 126 -1.51 -7.52 3.90
N LEU B 127 -0.31 -7.42 3.33
CA LEU B 127 0.43 -8.61 2.94
C LEU B 127 1.90 -8.26 2.80
N THR B 128 2.75 -8.97 3.54
CA THR B 128 4.20 -8.81 3.46
C THR B 128 4.81 -10.21 3.35
N HIS B 129 6.11 -10.23 3.06
CA HIS B 129 6.88 -11.46 2.86
C HIS B 129 6.44 -12.21 1.61
N GLU B 130 7.38 -12.96 1.02
CA GLU B 130 7.09 -13.75 -0.18
C GLU B 130 7.67 -15.15 -0.08
N ASP B 131 7.45 -15.83 1.05
CA ASP B 131 8.13 -17.08 1.31
C ASP B 131 7.81 -18.14 0.26
N TYR B 132 6.54 -18.24 -0.13
CA TYR B 132 6.17 -19.21 -1.15
C TYR B 132 6.83 -18.89 -2.48
N LEU B 133 6.99 -17.61 -2.82
CA LEU B 133 7.73 -17.23 -4.00
C LEU B 133 9.18 -17.68 -3.88
N VAL B 134 9.77 -17.51 -2.69
CA VAL B 134 11.13 -17.97 -2.47
C VAL B 134 11.23 -19.48 -2.60
N LEU B 135 10.25 -20.20 -2.03
CA LEU B 135 10.25 -21.65 -2.15
C LEU B 135 10.06 -22.09 -3.59
N THR B 136 9.17 -21.42 -4.31
CA THR B 136 8.87 -21.83 -5.68
C THR B 136 10.09 -21.69 -6.59
N THR B 137 10.80 -20.56 -6.48
CA THR B 137 11.97 -20.37 -7.33
C THR B 137 13.13 -21.25 -6.92
N THR B 138 13.23 -21.60 -5.64
CA THR B 138 14.25 -22.55 -5.21
C THR B 138 14.02 -23.91 -5.85
N ALA B 139 12.76 -24.34 -5.93
CA ALA B 139 12.41 -25.59 -6.59
C ALA B 139 12.32 -25.46 -8.10
N GLY B 140 12.41 -24.25 -8.64
CA GLY B 140 12.37 -24.08 -10.08
C GLY B 140 11.04 -24.37 -10.74
N GLY B 141 9.94 -24.19 -10.02
CA GLY B 141 8.62 -24.43 -10.55
C GLY B 141 7.92 -23.25 -11.17
N LEU B 142 8.65 -22.16 -11.44
CA LEU B 142 8.02 -20.95 -11.96
C LEU B 142 7.43 -21.11 -13.34
N ALA B 143 7.78 -22.18 -14.07
CA ALA B 143 7.24 -22.38 -15.41
C ALA B 143 5.77 -22.79 -15.41
N SER B 144 5.19 -23.08 -14.24
CA SER B 144 3.79 -23.50 -14.19
C SER B 144 2.88 -22.35 -14.60
N PRO B 145 1.90 -22.58 -15.47
CA PRO B 145 1.01 -21.49 -15.90
C PRO B 145 0.19 -20.89 -14.76
N TYR B 146 -0.08 -21.66 -13.70
CA TYR B 146 -0.91 -21.15 -12.62
C TYR B 146 -0.18 -20.16 -11.74
N VAL B 147 1.12 -19.99 -11.93
CA VAL B 147 1.91 -19.09 -11.08
C VAL B 147 1.47 -17.64 -11.26
N VAL B 148 0.99 -17.28 -12.46
CA VAL B 148 0.69 -15.88 -12.75
C VAL B 148 -0.32 -15.32 -11.76
N THR B 149 -1.28 -16.14 -11.34
CA THR B 149 -2.23 -15.73 -10.31
C THR B 149 -1.91 -16.30 -8.94
N GLY B 150 -1.17 -17.41 -8.87
CA GLY B 150 -0.84 -18.03 -7.60
C GLY B 150 0.12 -17.22 -6.75
N LEU B 151 1.09 -16.57 -7.39
CA LEU B 151 2.14 -15.85 -6.67
C LEU B 151 2.06 -14.35 -6.81
N ASN B 152 1.28 -13.82 -7.75
CA ASN B 152 1.10 -12.38 -7.84
C ASN B 152 0.27 -11.91 -6.65
N ASN B 153 0.74 -10.85 -6.00
CA ASN B 153 0.11 -10.42 -4.75
C ASN B 153 -1.27 -9.84 -4.97
N SER B 154 -1.48 -9.18 -6.11
CA SER B 154 -2.76 -8.50 -6.36
C SER B 154 -3.93 -9.48 -6.36
N VAL B 155 -3.69 -10.74 -6.67
CA VAL B 155 -4.76 -11.73 -6.70
C VAL B 155 -5.24 -12.07 -5.30
N ALA B 156 -4.45 -11.75 -4.27
CA ALA B 156 -4.84 -12.09 -2.90
C ALA B 156 -6.16 -11.45 -2.52
N SER B 157 -6.34 -10.17 -2.86
CA SER B 157 -7.61 -9.50 -2.62
C SER B 157 -8.58 -9.73 -3.78
N GLY B 158 -8.05 -9.83 -5.00
CA GLY B 158 -8.92 -10.06 -6.14
C GLY B 158 -9.63 -11.39 -6.06
N ARG B 159 -8.96 -12.42 -5.54
CA ARG B 159 -9.60 -13.73 -5.41
C ARG B 159 -10.79 -13.67 -4.48
N ILE B 160 -10.66 -12.95 -3.36
CA ILE B 160 -11.77 -12.84 -2.41
C ILE B 160 -12.95 -12.16 -3.06
N ALA B 161 -12.72 -11.06 -3.78
CA ALA B 161 -13.79 -10.39 -4.49
C ALA B 161 -14.38 -11.27 -5.58
N HIS B 162 -13.52 -11.97 -6.33
CA HIS B 162 -14.02 -12.84 -7.39
C HIS B 162 -14.84 -14.00 -6.82
N THR B 163 -14.36 -14.60 -5.72
CA THR B 163 -15.06 -15.74 -5.14
C THR B 163 -16.43 -15.34 -4.63
N LEU B 164 -16.52 -14.21 -3.93
CA LEU B 164 -17.78 -13.78 -3.34
C LEU B 164 -18.58 -12.86 -4.25
N GLY B 165 -18.06 -12.51 -5.42
CA GLY B 165 -18.76 -11.62 -6.31
C GLY B 165 -18.95 -10.23 -5.74
N LEU B 166 -17.93 -9.70 -5.08
CA LEU B 166 -17.96 -8.36 -4.51
C LEU B 166 -17.56 -7.36 -5.57
N HIS B 167 -18.15 -6.16 -5.51
CA HIS B 167 -17.91 -5.14 -6.51
C HIS B 167 -17.23 -3.89 -5.98
N GLY B 168 -17.00 -3.82 -4.67
CA GLY B 168 -16.30 -2.69 -4.10
C GLY B 168 -14.81 -2.76 -4.38
N PRO B 169 -14.09 -1.68 -4.08
CA PRO B 169 -12.65 -1.67 -4.37
C PRO B 169 -11.93 -2.78 -3.63
N ALA B 170 -11.00 -3.42 -4.31
CA ALA B 170 -10.27 -4.54 -3.75
C ALA B 170 -8.79 -4.41 -4.10
N MET B 171 -7.94 -4.40 -3.09
CA MET B 171 -6.50 -4.26 -3.30
C MET B 171 -5.76 -4.88 -2.13
N THR B 172 -4.53 -5.31 -2.39
CA THR B 172 -3.60 -5.67 -1.35
C THR B 172 -2.49 -4.62 -1.26
N PHE B 173 -1.79 -4.62 -0.15
CA PHE B 173 -0.78 -3.59 0.08
C PHE B 173 0.25 -4.09 1.08
N ASP B 174 1.36 -3.37 1.15
CA ASP B 174 2.46 -3.69 2.04
C ASP B 174 2.85 -2.47 2.83
N THR B 175 2.76 -2.57 4.16
CA THR B 175 3.25 -1.52 5.04
C THR B 175 4.03 -2.14 6.19
N ALA B 176 4.80 -3.18 5.90
CA ALA B 176 5.66 -3.86 6.87
C ALA B 176 4.83 -4.49 7.98
N CYS B 177 5.13 -4.15 9.23
CA CYS B 177 4.45 -4.72 10.38
C CYS B 177 3.20 -3.94 10.78
N SER B 178 2.93 -2.80 10.12
CA SER B 178 1.75 -2.01 10.40
C SER B 178 0.68 -2.16 9.34
N SER B 179 0.85 -3.11 8.40
CA SER B 179 -0.11 -3.26 7.31
C SER B 179 -1.47 -3.73 7.83
N GLY B 180 -1.49 -4.51 8.91
CA GLY B 180 -2.74 -5.04 9.40
C GLY B 180 -3.71 -3.95 9.83
N LEU B 181 -3.24 -3.01 10.64
CA LEU B 181 -4.11 -1.93 11.09
C LEU B 181 -4.33 -0.89 10.01
N MET B 182 -3.37 -0.73 9.09
CA MET B 182 -3.54 0.22 7.99
C MET B 182 -4.74 -0.15 7.12
N ALA B 183 -5.05 -1.45 7.03
CA ALA B 183 -6.24 -1.87 6.29
C ALA B 183 -7.50 -1.30 6.94
N VAL B 184 -7.57 -1.29 8.27
CA VAL B 184 -8.71 -0.69 8.95
C VAL B 184 -8.80 0.79 8.63
N HIS B 185 -7.66 1.47 8.53
CA HIS B 185 -7.66 2.88 8.16
C HIS B 185 -8.29 3.10 6.79
N LEU B 186 -7.83 2.34 5.79
CA LEU B 186 -8.38 2.50 4.45
C LEU B 186 -9.84 2.11 4.40
N ALA B 187 -10.21 1.02 5.06
CA ALA B 187 -11.60 0.56 5.03
C ALA B 187 -12.53 1.59 5.67
N CYS B 188 -12.11 2.18 6.79
CA CYS B 188 -12.90 3.23 7.41
C CYS B 188 -13.01 4.43 6.49
N ARG B 189 -11.93 4.76 5.79
CA ARG B 189 -11.97 5.86 4.84
C ARG B 189 -12.89 5.56 3.67
N SER B 190 -12.80 4.35 3.12
CA SER B 190 -13.64 3.98 1.99
C SER B 190 -15.11 3.98 2.37
N LEU B 191 -15.43 3.43 3.54
CA LEU B 191 -16.82 3.45 4.01
C LEU B 191 -17.31 4.87 4.24
N HIS B 192 -16.42 5.75 4.74
CA HIS B 192 -16.81 7.14 4.96
C HIS B 192 -17.17 7.82 3.65
N ASP B 193 -16.45 7.52 2.57
CA ASP B 193 -16.74 8.11 1.27
C ASP B 193 -18.10 7.71 0.73
N GLY B 194 -18.56 6.50 1.04
CA GLY B 194 -19.71 5.95 0.35
C GLY B 194 -19.34 5.04 -0.80
N GLU B 195 -18.04 4.79 -1.01
CA GLU B 195 -17.62 3.86 -2.05
C GLU B 195 -18.07 2.44 -1.77
N ALA B 196 -18.34 2.13 -0.50
CA ALA B 196 -18.68 0.77 -0.11
C ALA B 196 -19.60 0.81 1.10
N ASP B 197 -20.29 -0.30 1.34
CA ASP B 197 -21.11 -0.47 2.52
C ASP B 197 -20.60 -1.58 3.43
N LEU B 198 -19.70 -2.43 2.93
CA LEU B 198 -19.03 -3.45 3.73
C LEU B 198 -17.57 -3.46 3.34
N ALA B 199 -16.72 -3.80 4.31
CA ALA B 199 -15.27 -3.75 4.07
C ALA B 199 -14.59 -4.83 4.87
N LEU B 200 -13.75 -5.62 4.18
CA LEU B 200 -12.92 -6.61 4.84
C LEU B 200 -11.49 -6.10 4.98
N ALA B 201 -10.98 -6.13 6.20
CA ALA B 201 -9.64 -5.62 6.47
C ALA B 201 -8.87 -6.64 7.29
N GLY B 202 -7.57 -6.72 7.05
CA GLY B 202 -6.71 -7.61 7.80
C GLY B 202 -5.40 -7.86 7.07
N GLY B 203 -4.69 -8.88 7.54
CA GLY B 203 -3.40 -9.22 6.96
C GLY B 203 -3.10 -10.69 7.21
N CYS B 204 -2.02 -11.15 6.58
CA CYS B 204 -1.60 -12.54 6.69
C CYS B 204 -0.10 -12.61 6.90
N ALA B 205 0.32 -13.54 7.75
CA ALA B 205 1.73 -13.78 8.03
C ALA B 205 2.02 -15.27 7.89
N VAL B 206 3.12 -15.59 7.21
CA VAL B 206 3.51 -16.96 6.93
C VAL B 206 5.03 -17.06 6.98
N LEU B 207 5.53 -18.17 7.54
CA LEU B 207 6.93 -18.31 7.95
C LEU B 207 7.52 -19.61 7.40
N LEU B 208 7.38 -19.83 6.09
CA LEU B 208 7.80 -21.07 5.46
C LEU B 208 9.31 -21.18 5.26
N GLU B 209 10.06 -20.07 5.22
CA GLU B 209 11.45 -20.17 4.82
C GLU B 209 12.37 -19.52 5.85
N PRO B 210 13.61 -20.01 5.99
CA PRO B 210 14.46 -19.54 7.08
C PRO B 210 15.27 -18.29 6.79
N HIS B 211 15.57 -17.99 5.52
CA HIS B 211 16.47 -16.88 5.21
C HIS B 211 15.92 -15.55 5.70
N ALA B 212 14.60 -15.39 5.75
CA ALA B 212 14.02 -14.17 6.29
C ALA B 212 14.43 -13.97 7.75
N SER B 213 14.48 -15.06 8.52
CA SER B 213 14.98 -14.98 9.89
C SER B 213 16.47 -14.69 9.92
N VAL B 214 17.24 -15.30 9.02
CA VAL B 214 18.69 -15.10 9.00
C VAL B 214 19.02 -13.65 8.67
N ALA B 215 18.35 -13.10 7.64
CA ALA B 215 18.63 -11.73 7.24
C ALA B 215 18.32 -10.75 8.35
N ALA B 216 17.19 -10.95 9.04
CA ALA B 216 16.83 -10.05 10.14
C ALA B 216 17.72 -10.28 11.35
N SER B 217 18.18 -11.53 11.56
CA SER B 217 19.06 -11.80 12.70
C SER B 217 20.37 -11.04 12.58
N ALA B 218 20.92 -10.95 11.36
CA ALA B 218 22.14 -10.17 11.16
C ALA B 218 21.93 -8.71 11.51
N GLN B 219 20.75 -8.16 11.21
CA GLN B 219 20.42 -6.81 11.62
C GLN B 219 20.27 -6.66 13.13
N GLY B 220 20.20 -7.76 13.87
CA GLY B 220 20.05 -7.72 15.30
C GLY B 220 18.63 -7.61 15.79
N MET B 221 17.63 -7.69 14.90
CA MET B 221 16.24 -7.59 15.33
C MET B 221 15.81 -8.82 16.13
N LEU B 222 16.25 -10.00 15.72
CA LEU B 222 15.69 -11.24 16.28
C LEU B 222 16.08 -11.40 17.75
N SER B 223 15.13 -11.90 18.54
CA SER B 223 15.37 -12.10 19.96
C SER B 223 16.15 -13.38 20.20
N SER B 224 17.20 -13.28 21.02
CA SER B 224 18.00 -14.46 21.34
C SER B 224 17.22 -15.45 22.19
N THR B 225 16.42 -14.97 23.14
CA THR B 225 15.66 -15.86 24.01
C THR B 225 14.49 -16.52 23.29
N GLY B 226 13.89 -15.84 22.31
CA GLY B 226 12.79 -16.40 21.57
C GLY B 226 11.41 -15.93 21.99
N ARG B 227 11.32 -14.91 22.83
CA ARG B 227 10.03 -14.38 23.28
C ARG B 227 10.05 -12.86 23.19
N CYS B 228 8.91 -12.30 22.77
CA CYS B 228 8.76 -10.85 22.72
C CYS B 228 8.57 -10.29 24.12
N HIS B 229 9.68 -9.96 24.79
CA HIS B 229 9.61 -9.46 26.15
C HIS B 229 9.10 -8.02 26.15
N SER B 230 7.82 -7.84 25.84
CA SER B 230 7.24 -6.51 25.69
C SER B 230 7.38 -5.70 26.97
N PHE B 231 7.94 -4.50 26.84
CA PHE B 231 8.08 -3.53 27.91
C PHE B 231 8.81 -4.08 29.13
N ASP B 232 9.63 -5.12 28.95
CA ASP B 232 10.41 -5.67 30.04
C ASP B 232 11.86 -5.24 29.92
N ALA B 233 12.54 -5.17 31.08
CA ALA B 233 13.92 -4.71 31.09
C ALA B 233 14.86 -5.69 30.40
N ASP B 234 14.41 -6.93 30.18
CA ASP B 234 15.21 -7.93 29.52
C ASP B 234 14.92 -8.04 28.02
N ALA B 235 14.25 -7.04 27.46
CA ALA B 235 13.90 -7.07 26.04
C ALA B 235 15.16 -7.13 25.18
N ASP B 236 15.16 -8.05 24.21
CA ASP B 236 16.28 -8.23 23.32
C ASP B 236 15.88 -8.29 21.85
N GLY B 237 14.60 -8.18 21.54
CA GLY B 237 14.13 -8.25 20.17
C GLY B 237 12.82 -8.99 20.10
N PHE B 238 12.31 -9.10 18.88
CA PHE B 238 11.06 -9.81 18.66
C PHE B 238 11.33 -11.21 18.12
N VAL B 239 10.24 -11.95 17.88
CA VAL B 239 10.29 -13.25 17.23
C VAL B 239 9.15 -13.30 16.22
N ARG B 240 9.47 -13.71 14.99
CA ARG B 240 8.44 -13.77 13.96
C ARG B 240 7.51 -14.94 14.20
N SER B 241 6.26 -14.77 13.77
CA SER B 241 5.24 -15.79 14.00
C SER B 241 4.20 -15.70 12.89
N GLU B 242 3.65 -16.85 12.53
CA GLU B 242 2.58 -16.90 11.54
C GLU B 242 1.30 -16.34 12.13
N GLY B 243 0.29 -16.22 11.29
CA GLY B 243 -1.02 -15.77 11.74
C GLY B 243 -1.75 -15.01 10.66
N CYS B 244 -3.07 -15.17 10.65
CA CYS B 244 -3.96 -14.44 9.76
C CYS B 244 -5.16 -13.96 10.56
N ALA B 245 -5.63 -12.76 10.24
CA ALA B 245 -6.75 -12.18 10.94
C ALA B 245 -7.47 -11.20 10.03
N MET B 246 -8.79 -11.26 10.02
CA MET B 246 -9.60 -10.38 9.18
C MET B 246 -10.81 -9.93 9.98
N VAL B 247 -11.31 -8.74 9.63
CA VAL B 247 -12.49 -8.18 10.27
C VAL B 247 -13.45 -7.70 9.19
N LEU B 248 -14.71 -7.54 9.56
CA LEU B 248 -15.74 -7.00 8.68
C LEU B 248 -16.24 -5.69 9.27
N LEU B 249 -16.32 -4.66 8.43
CA LEU B 249 -16.62 -3.31 8.88
C LEU B 249 -17.83 -2.76 8.14
N LYS B 250 -18.62 -1.97 8.86
CA LYS B 250 -19.82 -1.34 8.30
C LYS B 250 -20.06 -0.03 9.03
N ARG B 251 -20.62 0.94 8.32
CA ARG B 251 -20.98 2.21 8.94
C ARG B 251 -21.95 1.97 10.09
N LEU B 252 -21.69 2.63 11.22
CA LEU B 252 -22.50 2.44 12.42
C LEU B 252 -23.98 2.73 12.20
N PRO B 253 -24.40 3.83 11.55
CA PRO B 253 -25.84 4.00 11.29
C PRO B 253 -26.44 2.88 10.45
N ASP B 254 -25.65 2.28 9.55
CA ASP B 254 -26.16 1.16 8.77
C ASP B 254 -26.26 -0.11 9.61
N ALA B 255 -25.28 -0.33 10.49
CA ALA B 255 -25.32 -1.53 11.34
C ALA B 255 -26.52 -1.50 12.27
N LEU B 256 -26.81 -0.33 12.85
CA LEU B 256 -28.00 -0.22 13.71
C LEU B 256 -29.27 -0.44 12.92
N ARG B 257 -29.34 0.13 11.70
CA ARG B 257 -30.54 0.02 10.89
C ARG B 257 -30.82 -1.43 10.49
N ASP B 258 -29.78 -2.16 10.10
CA ASP B 258 -29.97 -3.56 9.70
C ASP B 258 -30.03 -4.51 10.88
N GLY B 259 -29.75 -4.02 12.09
CA GLY B 259 -29.82 -4.88 13.26
C GLY B 259 -28.68 -5.84 13.42
N ASN B 260 -27.58 -5.63 12.71
CA ASN B 260 -26.42 -6.51 12.85
C ASN B 260 -25.82 -6.36 14.24
N ARG B 261 -25.22 -7.45 14.72
CA ARG B 261 -24.54 -7.41 16.00
C ARG B 261 -23.24 -6.64 15.89
N ILE B 262 -22.99 -5.75 16.85
CA ILE B 262 -21.81 -4.90 16.87
C ILE B 262 -20.90 -5.38 17.98
N PHE B 263 -19.63 -5.65 17.63
CA PHE B 263 -18.64 -6.04 18.62
C PHE B 263 -17.92 -4.85 19.21
N ALA B 264 -17.58 -3.87 18.37
CA ALA B 264 -16.95 -2.64 18.82
C ALA B 264 -17.15 -1.58 17.75
N VAL B 265 -16.90 -0.34 18.12
CA VAL B 265 -17.04 0.81 17.22
C VAL B 265 -15.68 1.47 17.07
N VAL B 266 -15.20 1.57 15.84
CA VAL B 266 -13.95 2.27 15.56
C VAL B 266 -14.29 3.73 15.32
N ARG B 267 -14.14 4.55 16.36
CA ARG B 267 -14.56 5.95 16.28
C ARG B 267 -13.67 6.77 15.36
N GLY B 268 -12.38 6.48 15.33
CA GLY B 268 -11.48 7.24 14.48
C GLY B 268 -10.14 6.54 14.36
N THR B 269 -9.41 6.95 13.32
CA THR B 269 -8.10 6.38 13.03
C THR B 269 -7.28 7.39 12.24
N ALA B 270 -5.96 7.31 12.39
CA ALA B 270 -5.05 8.24 11.72
C ALA B 270 -3.73 7.54 11.45
N THR B 271 -2.95 8.14 10.56
CA THR B 271 -1.66 7.57 10.19
C THR B 271 -0.70 8.69 9.79
N ASN B 272 0.60 8.40 9.88
CA ASN B 272 1.64 9.33 9.47
C ASN B 272 2.93 8.55 9.31
N GLN B 273 4.01 9.29 9.05
CA GLN B 273 5.33 8.70 8.82
C GLN B 273 6.35 9.34 9.74
N ASP B 274 7.33 8.53 10.18
CA ASP B 274 8.36 9.04 11.08
C ASP B 274 9.23 10.11 10.45
N GLY B 275 9.42 10.08 9.13
CA GLY B 275 10.24 11.08 8.51
C GLY B 275 11.73 10.80 8.65
N ARG B 276 12.51 11.86 8.45
CA ARG B 276 13.97 11.78 8.50
C ARG B 276 14.39 11.68 9.96
N THR B 277 14.84 10.48 10.35
CA THR B 277 15.25 10.23 11.74
C THR B 277 16.28 9.10 11.74
N GLU B 278 17.55 9.44 12.01
CA GLU B 278 18.63 8.43 12.14
C GLU B 278 18.53 7.36 11.06
N THR B 279 18.49 6.08 11.43
CA THR B 279 18.53 5.00 10.39
C THR B 279 17.12 4.70 9.88
N LEU B 280 17.01 4.01 8.76
CA LEU B 280 15.68 3.76 8.11
C LEU B 280 14.72 3.15 9.13
N THR B 281 15.22 2.34 10.06
CA THR B 281 14.28 1.64 10.93
C THR B 281 14.12 2.30 12.30
N MET B 282 14.88 3.34 12.61
CA MET B 282 14.77 3.96 13.92
C MET B 282 13.45 4.73 14.03
N PRO B 283 12.61 4.41 15.00
CA PRO B 283 11.34 5.15 15.14
C PRO B 283 11.56 6.54 15.73
N SER B 284 10.56 7.38 15.55
CA SER B 284 10.58 8.76 16.02
C SER B 284 9.53 8.94 17.11
N GLU B 285 9.97 9.46 18.26
CA GLU B 285 9.03 9.67 19.37
C GLU B 285 7.99 10.73 19.01
N ASP B 286 8.42 11.85 18.42
CA ASP B 286 7.49 12.93 18.13
C ASP B 286 6.46 12.50 17.08
N ALA B 287 6.86 11.67 16.12
CA ALA B 287 5.91 11.17 15.14
C ALA B 287 4.82 10.34 15.80
N GLN B 288 5.19 9.52 16.78
CA GLN B 288 4.20 8.71 17.47
C GLN B 288 3.21 9.58 18.25
N VAL B 289 3.72 10.65 18.88
CA VAL B 289 2.83 11.54 19.62
C VAL B 289 1.87 12.24 18.69
N ALA B 290 2.33 12.60 17.48
CA ALA B 290 1.48 13.29 16.53
C ALA B 290 0.30 12.42 16.10
N VAL B 291 0.55 11.14 15.84
CA VAL B 291 -0.52 10.27 15.33
C VAL B 291 -1.54 10.00 16.43
N TYR B 292 -1.12 10.00 17.70
CA TYR B 292 -2.07 9.81 18.79
C TYR B 292 -3.07 10.95 18.84
N ARG B 293 -2.57 12.19 18.86
CA ARG B 293 -3.47 13.34 18.97
C ARG B 293 -4.24 13.58 17.68
N ALA B 294 -3.70 13.14 16.54
CA ALA B 294 -4.45 13.22 15.30
C ALA B 294 -5.61 12.23 15.29
N ALA B 295 -5.36 11.01 15.75
CA ALA B 295 -6.43 10.01 15.81
C ALA B 295 -7.51 10.43 16.80
N LEU B 296 -7.10 10.97 17.96
CA LEU B 296 -8.08 11.43 18.95
C LEU B 296 -8.91 12.58 18.39
N ALA B 297 -8.28 13.51 17.70
CA ALA B 297 -9.02 14.63 17.12
C ALA B 297 -10.02 14.15 16.08
N ALA B 298 -9.61 13.22 15.22
CA ALA B 298 -10.53 12.67 14.23
C ALA B 298 -11.66 11.91 14.88
N ALA B 299 -11.38 11.20 15.98
CA ALA B 299 -12.41 10.46 16.69
C ALA B 299 -13.18 11.33 17.67
N GLY B 300 -12.72 12.56 17.93
CA GLY B 300 -13.39 13.42 18.88
C GLY B 300 -13.38 12.92 20.31
N VAL B 301 -12.30 12.29 20.74
CA VAL B 301 -12.20 11.71 22.07
C VAL B 301 -11.03 12.33 22.81
N GLN B 302 -11.28 12.77 24.04
CA GLN B 302 -10.19 13.24 24.87
C GLN B 302 -9.40 12.05 25.42
N PRO B 303 -8.07 12.16 25.52
CA PRO B 303 -7.26 11.00 25.92
C PRO B 303 -7.53 10.51 27.32
N GLU B 304 -8.02 11.34 28.22
CA GLU B 304 -8.23 10.91 29.60
C GLU B 304 -9.38 9.93 29.74
N THR B 305 -10.23 9.78 28.72
CA THR B 305 -11.29 8.79 28.76
C THR B 305 -10.86 7.44 28.18
N VAL B 306 -9.65 7.35 27.63
CA VAL B 306 -9.14 6.09 27.11
C VAL B 306 -8.45 5.36 28.27
N GLY B 307 -8.92 4.17 28.58
CA GLY B 307 -8.42 3.45 29.74
C GLY B 307 -7.40 2.38 29.43
N VAL B 308 -7.46 1.82 28.22
CA VAL B 308 -6.58 0.73 27.84
C VAL B 308 -5.93 1.07 26.50
N VAL B 309 -4.61 0.93 26.43
CA VAL B 309 -3.85 1.14 25.21
C VAL B 309 -3.31 -0.21 24.76
N GLU B 310 -3.72 -0.64 23.57
CA GLU B 310 -3.17 -1.85 22.97
C GLU B 310 -1.92 -1.41 22.22
N ALA B 311 -0.81 -1.31 22.96
CA ALA B 311 0.42 -0.80 22.39
C ALA B 311 1.02 -1.79 21.39
N HIS B 312 1.92 -1.29 20.55
CA HIS B 312 2.58 -2.15 19.58
C HIS B 312 3.44 -3.20 20.28
N GLY B 313 4.30 -2.76 21.21
CA GLY B 313 4.98 -3.69 22.10
C GLY B 313 5.81 -4.75 21.42
N THR B 314 6.64 -4.36 20.44
CA THR B 314 7.41 -5.34 19.69
C THR B 314 8.37 -6.11 20.59
N GLY B 315 9.02 -5.44 21.52
CA GLY B 315 10.02 -6.07 22.37
C GLY B 315 11.44 -5.75 22.03
N THR B 316 11.69 -4.84 21.09
CA THR B 316 13.05 -4.42 20.82
C THR B 316 13.54 -3.47 21.91
N PRO B 317 14.80 -3.54 22.30
CA PRO B 317 15.31 -2.64 23.35
C PRO B 317 15.27 -1.17 22.96
N ILE B 318 15.18 -0.86 21.66
CA ILE B 318 15.09 0.54 21.25
C ILE B 318 13.63 0.96 21.09
N GLY B 319 12.81 0.10 20.49
CA GLY B 319 11.44 0.48 20.22
C GLY B 319 10.61 0.69 21.47
N ASP B 320 10.76 -0.20 22.44
CA ASP B 320 9.92 -0.16 23.64
C ASP B 320 10.05 1.15 24.42
N PRO B 321 11.25 1.63 24.79
CA PRO B 321 11.32 2.89 25.53
C PRO B 321 10.72 4.07 24.77
N ILE B 322 10.89 4.09 23.45
CA ILE B 322 10.30 5.16 22.65
C ILE B 322 8.77 5.09 22.72
N GLU B 323 8.22 3.88 22.61
CA GLU B 323 6.78 3.71 22.74
C GLU B 323 6.27 4.19 24.09
N TYR B 324 6.91 3.76 25.18
CA TYR B 324 6.42 4.08 26.52
C TYR B 324 6.48 5.58 26.77
N ARG B 325 7.58 6.23 26.39
CA ARG B 325 7.69 7.66 26.60
C ARG B 325 6.71 8.44 25.76
N SER B 326 6.47 7.99 24.52
CA SER B 326 5.48 8.66 23.68
C SER B 326 4.07 8.49 24.25
N LEU B 327 3.73 7.29 24.71
CA LEU B 327 2.41 7.06 25.27
C LEU B 327 2.20 7.87 26.54
N ALA B 328 3.23 7.94 27.39
CA ALA B 328 3.12 8.69 28.64
C ALA B 328 2.93 10.18 28.38
N ARG B 329 3.28 10.66 27.20
CA ARG B 329 3.07 12.06 26.85
C ARG B 329 1.64 12.36 26.44
N VAL B 330 0.84 11.33 26.14
CA VAL B 330 -0.51 11.54 25.65
C VAL B 330 -1.51 10.91 26.60
N TYR B 331 -1.42 9.59 26.79
CA TYR B 331 -2.36 8.86 27.61
C TYR B 331 -1.93 8.85 29.07
N GLY B 332 -2.84 8.44 29.94
CA GLY B 332 -2.56 8.35 31.35
C GLY B 332 -2.23 9.66 32.03
N ALA B 333 -2.95 10.72 31.70
CA ALA B 333 -2.72 12.02 32.32
C ALA B 333 -3.33 12.05 33.71
N GLY B 334 -2.66 11.43 34.68
CA GLY B 334 -3.17 11.36 36.03
C GLY B 334 -4.08 10.17 36.26
N THR B 335 -5.00 9.94 35.33
CA THR B 335 -5.88 8.79 35.43
C THR B 335 -5.12 7.51 35.10
N PRO B 336 -5.37 6.42 35.82
CA PRO B 336 -4.70 5.15 35.49
C PRO B 336 -5.07 4.68 34.09
N CYS B 337 -4.09 4.09 33.42
CA CYS B 337 -4.29 3.56 32.07
C CYS B 337 -3.54 2.25 31.95
N ALA B 338 -4.19 1.24 31.38
CA ALA B 338 -3.65 -0.11 31.32
C ALA B 338 -2.97 -0.32 29.98
N LEU B 339 -1.76 -0.87 30.02
CA LEU B 339 -1.01 -1.18 28.81
C LEU B 339 -1.17 -2.65 28.44
N GLY B 340 -0.91 -2.96 27.18
CA GLY B 340 -1.00 -4.34 26.73
C GLY B 340 -0.46 -4.50 25.33
N SER B 341 -0.20 -5.75 24.98
CA SER B 341 0.31 -6.07 23.64
C SER B 341 0.11 -7.56 23.39
N ALA B 342 -0.56 -7.88 22.28
CA ALA B 342 -0.76 -9.27 21.91
C ALA B 342 0.53 -9.93 21.45
N LYS B 343 1.60 -9.15 21.24
CA LYS B 343 2.86 -9.72 20.80
C LYS B 343 3.45 -10.66 21.84
N SER B 344 3.25 -10.36 23.12
CA SER B 344 3.89 -11.13 24.18
C SER B 344 3.43 -12.58 24.15
N ASN B 345 2.14 -12.81 23.97
CA ASN B 345 1.60 -14.16 24.00
C ASN B 345 1.97 -14.97 22.77
N MET B 346 2.02 -14.36 21.59
CA MET B 346 2.17 -15.14 20.37
C MET B 346 3.28 -14.64 19.45
N GLY B 347 4.26 -13.89 19.93
CA GLY B 347 5.30 -13.38 19.08
C GLY B 347 4.79 -12.27 18.18
N HIS B 348 5.62 -11.90 17.21
CA HIS B 348 5.27 -10.84 16.26
C HIS B 348 4.68 -11.47 15.01
N SER B 349 3.36 -11.33 14.85
CA SER B 349 2.68 -11.76 13.62
C SER B 349 2.73 -10.62 12.61
N THR B 350 3.89 -10.50 11.96
CA THR B 350 4.17 -9.37 11.09
C THR B 350 3.13 -9.24 9.99
N ALA B 351 2.74 -8.00 9.71
CA ALA B 351 1.77 -7.64 8.68
C ALA B 351 0.36 -8.04 9.07
N SER B 352 0.21 -8.73 10.20
CA SER B 352 -1.11 -9.08 10.70
C SER B 352 -1.29 -8.74 12.17
N ALA B 353 -0.19 -8.44 12.87
CA ALA B 353 -0.29 -8.10 14.28
C ALA B 353 -1.09 -6.83 14.51
N GLY B 354 -1.17 -5.96 13.50
CA GLY B 354 -2.03 -4.80 13.61
C GLY B 354 -3.48 -5.17 13.81
N THR B 355 -3.96 -6.16 13.04
CA THR B 355 -5.32 -6.64 13.21
C THR B 355 -5.46 -7.49 14.47
N VAL B 356 -4.48 -8.35 14.74
CA VAL B 356 -4.52 -9.18 15.95
C VAL B 356 -4.56 -8.29 17.19
N GLY B 357 -3.79 -7.21 17.19
CA GLY B 357 -3.89 -6.25 18.28
C GLY B 357 -5.27 -5.64 18.38
N LEU B 358 -5.87 -5.34 17.23
CA LEU B 358 -7.23 -4.81 17.24
C LEU B 358 -8.21 -5.83 17.80
N ILE B 359 -8.09 -7.09 17.39
CA ILE B 359 -9.01 -8.13 17.85
C ILE B 359 -8.89 -8.31 19.35
N LYS B 360 -7.66 -8.27 19.88
CA LYS B 360 -7.48 -8.34 21.32
C LYS B 360 -8.17 -7.16 22.01
N ALA B 361 -8.12 -5.98 21.39
CA ALA B 361 -8.77 -4.82 21.98
C ALA B 361 -10.28 -5.00 22.05
N ILE B 362 -10.88 -5.53 20.99
CA ILE B 362 -12.33 -5.73 20.99
C ILE B 362 -12.75 -6.73 22.05
N LEU B 363 -12.03 -7.84 22.17
CA LEU B 363 -12.37 -8.84 23.18
C LEU B 363 -12.25 -8.26 24.58
N SER B 364 -11.23 -7.44 24.82
CA SER B 364 -11.10 -6.79 26.11
C SER B 364 -12.30 -5.88 26.39
N LEU B 365 -12.79 -5.19 25.36
CA LEU B 365 -13.95 -4.34 25.53
C LEU B 365 -15.18 -5.13 25.98
N ARG B 366 -15.49 -6.21 25.25
CA ARG B 366 -16.72 -6.94 25.50
C ARG B 366 -16.67 -7.67 26.84
N HIS B 367 -15.50 -8.18 27.21
CA HIS B 367 -15.35 -8.84 28.50
C HIS B 367 -15.02 -7.87 29.62
N GLY B 368 -14.59 -6.65 29.31
CA GLY B 368 -14.42 -5.64 30.32
C GLY B 368 -13.22 -5.81 31.24
N VAL B 369 -12.24 -6.63 30.84
CA VAL B 369 -11.05 -6.85 31.65
C VAL B 369 -9.82 -6.74 30.75
N VAL B 370 -8.67 -6.58 31.39
CA VAL B 370 -7.38 -6.47 30.71
C VAL B 370 -6.60 -7.75 30.97
N PRO B 371 -6.22 -8.49 29.93
CA PRO B 371 -5.46 -9.72 30.16
C PRO B 371 -4.08 -9.38 30.71
N PRO B 372 -3.51 -10.28 31.51
CA PRO B 372 -2.15 -10.05 32.02
C PRO B 372 -1.12 -10.13 30.91
N LEU B 373 -0.03 -9.39 31.09
CA LEU B 373 1.10 -9.44 30.17
C LEU B 373 2.09 -10.50 30.67
N LEU B 374 2.44 -11.43 29.78
CA LEU B 374 3.11 -12.66 30.19
C LEU B 374 4.46 -12.46 30.86
N HIS B 375 5.43 -11.93 30.13
CA HIS B 375 6.82 -11.96 30.55
C HIS B 375 7.25 -10.72 31.31
N PHE B 376 6.34 -9.80 31.60
CA PHE B 376 6.71 -8.56 32.27
C PHE B 376 7.08 -8.84 33.73
N ASN B 377 8.24 -8.36 34.15
CA ASN B 377 8.67 -8.42 35.53
C ASN B 377 9.12 -7.09 36.09
N ARG B 378 9.60 -6.19 35.24
CA ARG B 378 10.12 -4.90 35.66
C ARG B 378 10.31 -4.02 34.43
N LEU B 379 9.93 -2.76 34.55
CA LEU B 379 10.15 -1.82 33.47
C LEU B 379 11.65 -1.55 33.33
N PRO B 380 12.12 -1.19 32.13
CA PRO B 380 13.53 -0.81 31.98
C PRO B 380 13.86 0.39 32.86
N ASP B 381 15.09 0.41 33.39
CA ASP B 381 15.49 1.47 34.29
C ASP B 381 15.49 2.83 33.61
N GLU B 382 15.58 2.85 32.27
CA GLU B 382 15.53 4.11 31.54
C GLU B 382 14.21 4.85 31.77
N LEU B 383 13.13 4.10 31.99
CA LEU B 383 11.80 4.68 32.13
C LEU B 383 11.43 4.99 33.57
N SER B 384 12.36 4.79 34.51
CA SER B 384 12.06 5.09 35.91
C SER B 384 11.79 6.57 36.14
N ASP B 385 12.37 7.45 35.33
CA ASP B 385 12.16 8.88 35.51
C ASP B 385 10.77 9.32 35.06
N VAL B 386 10.20 8.63 34.06
CA VAL B 386 8.94 9.07 33.48
C VAL B 386 7.82 8.93 34.50
N GLU B 387 7.05 10.00 34.67
CA GLU B 387 5.90 10.02 35.57
C GLU B 387 4.64 9.94 34.73
N THR B 388 3.81 8.92 34.99
CA THR B 388 2.63 8.70 34.17
C THR B 388 1.61 7.89 34.96
N GLY B 389 0.38 7.91 34.48
CA GLY B 389 -0.65 7.04 35.00
C GLY B 389 -0.66 5.66 34.40
N LEU B 390 0.22 5.40 33.43
CA LEU B 390 0.25 4.09 32.78
C LEU B 390 0.73 3.03 33.75
N PHE B 391 0.28 1.80 33.54
CA PHE B 391 0.70 0.66 34.34
C PHE B 391 0.46 -0.61 33.54
N VAL B 392 1.36 -1.57 33.73
CA VAL B 392 1.29 -2.86 33.03
C VAL B 392 0.65 -3.87 33.97
N PRO B 393 -0.46 -4.52 33.57
CA PRO B 393 -1.14 -5.46 34.46
C PRO B 393 -0.41 -6.79 34.49
N GLN B 394 -0.19 -7.32 35.69
CA GLN B 394 0.37 -8.65 35.88
C GLN B 394 -0.69 -9.68 36.24
N ALA B 395 -1.97 -9.29 36.19
CA ALA B 395 -3.07 -10.19 36.42
C ALA B 395 -4.31 -9.62 35.74
N VAL B 396 -5.35 -10.43 35.63
CA VAL B 396 -6.60 -10.00 35.02
C VAL B 396 -7.13 -8.80 35.80
N THR B 397 -7.17 -7.64 35.16
CA THR B 397 -7.44 -6.40 35.84
C THR B 397 -8.78 -5.83 35.41
N PRO B 398 -9.62 -5.37 36.34
CA PRO B 398 -10.86 -4.68 35.95
C PRO B 398 -10.55 -3.43 35.14
N TRP B 399 -11.52 -2.99 34.37
CA TRP B 399 -11.31 -1.85 33.48
C TRP B 399 -10.95 -0.61 34.29
N PRO B 400 -9.84 0.06 33.97
CA PRO B 400 -9.44 1.24 34.75
C PRO B 400 -10.49 2.33 34.68
N ASN B 401 -10.73 2.99 35.81
CA ASN B 401 -11.71 4.07 35.92
C ASN B 401 -13.07 3.64 35.39
N GLY B 402 -13.50 2.44 35.78
CA GLY B 402 -14.77 1.91 35.32
C GLY B 402 -15.96 2.74 35.77
N ASN B 403 -16.79 3.14 34.80
CA ASN B 403 -17.98 3.94 35.09
C ASN B 403 -18.92 3.84 33.90
N ASP B 404 -20.16 4.30 34.10
CA ASP B 404 -21.18 4.21 33.07
C ASP B 404 -21.36 5.48 32.26
N HIS B 405 -21.04 6.64 32.83
CA HIS B 405 -21.23 7.89 32.08
C HIS B 405 -20.27 7.99 30.89
N THR B 406 -19.09 7.36 30.99
CA THR B 406 -18.15 7.33 29.89
C THR B 406 -18.00 5.90 29.40
N PRO B 407 -18.37 5.59 28.15
CA PRO B 407 -18.19 4.23 27.64
C PRO B 407 -16.71 3.86 27.59
N LYS B 408 -16.45 2.56 27.78
CA LYS B 408 -15.09 2.08 27.72
C LYS B 408 -14.50 2.28 26.32
N ARG B 409 -13.26 2.76 26.28
CA ARG B 409 -12.60 3.08 25.02
C ARG B 409 -11.18 2.54 25.04
N VAL B 410 -10.71 2.10 23.87
CA VAL B 410 -9.40 1.47 23.73
C VAL B 410 -8.64 2.15 22.61
N ALA B 411 -7.35 2.38 22.82
CA ALA B 411 -6.47 2.91 21.80
C ALA B 411 -5.60 1.78 21.25
N VAL B 412 -5.62 1.59 19.94
CA VAL B 412 -4.88 0.54 19.28
C VAL B 412 -3.80 1.19 18.43
N SER B 413 -2.56 0.73 18.60
CA SER B 413 -1.41 1.27 17.88
C SER B 413 -0.68 0.15 17.15
N SER B 414 -0.06 0.51 16.03
CA SER B 414 0.71 -0.43 15.24
C SER B 414 1.69 0.35 14.37
N PHE B 415 2.98 0.05 14.53
CA PHE B 415 4.05 0.81 13.89
C PHE B 415 4.83 -0.11 12.98
N GLY B 416 5.07 0.34 11.75
CA GLY B 416 5.75 -0.47 10.75
C GLY B 416 7.24 -0.26 10.71
N MET B 417 7.91 -1.10 9.93
CA MET B 417 9.37 -1.00 9.79
C MET B 417 9.76 0.18 8.91
N SER B 418 8.97 0.48 7.88
CA SER B 418 9.27 1.60 6.99
C SER B 418 9.05 2.93 7.69
N GLY B 419 8.45 2.90 8.88
CA GLY B 419 8.20 4.10 9.63
C GLY B 419 6.81 4.66 9.48
N THR B 420 5.87 3.89 8.95
CA THR B 420 4.48 4.32 8.80
C THR B 420 3.70 3.84 10.01
N ASN B 421 3.16 4.79 10.78
CA ASN B 421 2.43 4.48 12.01
C ASN B 421 0.94 4.54 11.77
N VAL B 422 0.21 3.69 12.48
CA VAL B 422 -1.25 3.66 12.45
C VAL B 422 -1.76 3.62 13.89
N HIS B 423 -2.80 4.39 14.17
CA HIS B 423 -3.36 4.47 15.51
C HIS B 423 -4.86 4.71 15.41
N ALA B 424 -5.63 3.90 16.12
CA ALA B 424 -7.09 3.96 16.06
C ALA B 424 -7.67 3.96 17.47
N ILE B 425 -8.79 4.64 17.63
CA ILE B 425 -9.52 4.70 18.90
C ILE B 425 -10.78 3.85 18.77
N VAL B 426 -10.92 2.85 19.62
CA VAL B 426 -12.02 1.91 19.57
C VAL B 426 -12.87 2.07 20.83
N GLU B 427 -14.18 2.20 20.64
CA GLU B 427 -15.13 2.29 21.73
C GLU B 427 -15.89 0.99 21.84
N GLU B 428 -16.43 0.71 23.02
CA GLU B 428 -17.30 -0.44 23.19
C GLU B 428 -18.53 -0.30 22.30
N ALA B 429 -19.17 -1.42 22.01
CA ALA B 429 -20.38 -1.39 21.21
C ALA B 429 -21.47 -0.61 21.95
N PRO B 430 -22.36 0.07 21.24
CA PRO B 430 -23.40 0.85 21.91
C PRO B 430 -24.27 -0.05 22.78
N ALA B 431 -24.85 0.55 23.82
CA ALA B 431 -25.71 -0.18 24.74
C ALA B 431 -26.74 -0.99 23.98
N GLU B 432 -26.85 -2.27 24.30
CA GLU B 432 -27.65 -3.21 23.53
C GLU B 432 -29.11 -2.77 23.46
N ALA B 433 -29.54 -2.35 22.28
CA ALA B 433 -30.94 -2.01 22.03
C ALA B 433 -31.78 -3.23 21.69
N SER B 434 -31.73 -4.25 22.52
CA SER B 434 -32.38 -5.52 22.22
C SER B 434 -33.88 -5.45 22.49
N ALA B 435 -34.59 -6.46 22.02
CA ALA B 435 -35.98 -6.64 22.39
C ALA B 435 -36.05 -6.95 23.88
N PRO B 436 -37.23 -6.76 24.52
CA PRO B 436 -37.35 -7.00 25.96
C PRO B 436 -36.71 -8.32 26.39
N GLU B 437 -35.69 -8.20 27.24
CA GLU B 437 -34.86 -9.35 27.60
C GLU B 437 -35.68 -10.37 28.38
N SER B 438 -35.61 -11.63 27.96
CA SER B 438 -36.34 -12.73 28.59
C SER B 438 -37.85 -12.48 28.64
N SER B 439 -38.39 -11.77 27.65
CA SER B 439 -39.81 -11.47 27.63
C SER B 439 -40.62 -12.73 27.35
N PRO B 440 -41.84 -12.80 27.87
CA PRO B 440 -42.71 -13.94 27.54
C PRO B 440 -42.99 -13.99 26.04
N GLY B 441 -43.14 -15.22 25.53
CA GLY B 441 -43.34 -15.44 24.12
C GLY B 441 -43.37 -16.91 23.78
N ASP B 442 -42.62 -17.33 22.76
CA ASP B 442 -42.51 -18.74 22.42
C ASP B 442 -41.65 -19.46 23.45
N ALA B 443 -42.17 -19.60 24.67
CA ALA B 443 -41.46 -20.26 25.75
C ALA B 443 -41.60 -21.77 25.72
N GLU B 444 -42.34 -22.32 24.76
CA GLU B 444 -42.51 -23.76 24.66
C GLU B 444 -41.15 -24.43 24.47
N VAL B 445 -40.95 -25.53 25.17
CA VAL B 445 -39.65 -26.22 25.19
C VAL B 445 -39.67 -27.45 24.28
N GLY B 446 -40.52 -27.46 23.26
CA GLY B 446 -40.57 -28.56 22.33
C GLY B 446 -39.24 -28.77 21.64
N PRO B 447 -39.00 -30.00 21.18
CA PRO B 447 -37.70 -30.33 20.57
C PRO B 447 -37.40 -29.44 19.38
N ARG B 448 -36.26 -28.76 19.43
CA ARG B 448 -35.83 -27.86 18.38
C ARG B 448 -34.86 -28.56 17.44
N LEU B 449 -34.76 -28.02 16.23
CA LEU B 449 -33.95 -28.62 15.18
C LEU B 449 -32.65 -27.83 15.04
N PHE B 450 -31.54 -28.47 15.35
CA PHE B 450 -30.22 -27.85 15.30
C PHE B 450 -29.50 -28.36 14.06
N MET B 451 -28.91 -27.44 13.30
CA MET B 451 -28.41 -27.73 11.96
C MET B 451 -26.88 -27.68 11.95
N LEU B 452 -26.26 -28.69 11.36
CA LEU B 452 -24.81 -28.75 11.19
C LEU B 452 -24.47 -28.77 9.72
N SER B 453 -23.24 -28.35 9.40
CA SER B 453 -22.81 -28.30 8.01
C SER B 453 -21.30 -28.30 7.95
N SER B 454 -20.78 -28.80 6.83
CA SER B 454 -19.35 -28.84 6.55
C SER B 454 -19.17 -29.18 5.07
N THR B 455 -17.92 -29.38 4.66
CA THR B 455 -17.61 -29.66 3.26
C THR B 455 -17.38 -31.13 2.97
N SER B 456 -17.27 -31.97 3.99
CA SER B 456 -17.06 -33.39 3.78
C SER B 456 -17.54 -34.15 5.00
N SER B 457 -17.68 -35.47 4.83
CA SER B 457 -18.18 -36.31 5.91
C SER B 457 -17.30 -36.21 7.15
N ASP B 458 -15.99 -36.42 6.98
CA ASP B 458 -15.09 -36.37 8.13
C ASP B 458 -15.05 -34.97 8.75
N ALA B 459 -15.23 -33.94 7.94
CA ALA B 459 -15.32 -32.59 8.47
C ALA B 459 -16.53 -32.41 9.37
N LEU B 460 -17.66 -33.01 8.99
CA LEU B 460 -18.87 -32.91 9.79
C LEU B 460 -18.68 -33.54 11.17
N ARG B 461 -18.05 -34.71 11.22
CA ARG B 461 -17.78 -35.34 12.51
C ARG B 461 -16.87 -34.47 13.37
N GLN B 462 -15.84 -33.89 12.76
CA GLN B 462 -14.99 -32.95 13.48
C GLN B 462 -15.79 -31.72 13.91
N THR B 463 -16.68 -31.23 13.04
CA THR B 463 -17.51 -30.09 13.39
C THR B 463 -18.44 -30.42 14.56
N ALA B 464 -19.05 -31.61 14.52
CA ALA B 464 -19.95 -32.00 15.60
C ALA B 464 -19.21 -32.11 16.93
N ARG B 465 -18.01 -32.69 16.91
CA ARG B 465 -17.24 -32.83 18.14
C ARG B 465 -16.86 -31.48 18.72
N GLN B 466 -16.45 -30.54 17.86
CA GLN B 466 -16.09 -29.21 18.34
C GLN B 466 -17.28 -28.49 18.94
N LEU B 467 -18.44 -28.57 18.28
CA LEU B 467 -19.62 -27.92 18.79
C LEU B 467 -20.11 -28.58 20.07
N ALA B 468 -19.96 -29.91 20.16
CA ALA B 468 -20.38 -30.61 21.38
C ALA B 468 -19.58 -30.14 22.58
N THR B 469 -18.29 -29.92 22.41
CA THR B 469 -17.48 -29.38 23.50
C THR B 469 -17.92 -27.98 23.87
N TRP B 470 -18.20 -27.14 22.88
CA TRP B 470 -18.60 -25.77 23.15
C TRP B 470 -19.94 -25.71 23.87
N VAL B 471 -20.93 -26.48 23.40
CA VAL B 471 -22.24 -26.50 24.04
C VAL B 471 -22.11 -27.02 25.46
N GLU B 472 -21.24 -28.01 25.67
CA GLU B 472 -21.03 -28.55 27.02
C GLU B 472 -20.54 -27.48 27.98
N GLU B 473 -19.84 -26.47 27.48
CA GLU B 473 -19.32 -25.41 28.34
C GLU B 473 -20.31 -24.28 28.55
N HIS B 474 -20.94 -23.80 27.47
CA HIS B 474 -21.86 -22.68 27.54
C HIS B 474 -23.32 -23.12 27.65
N GLN B 475 -23.57 -24.31 28.20
CA GLN B 475 -24.95 -24.79 28.30
C GLN B 475 -25.79 -23.90 29.21
N ASP B 476 -25.16 -23.17 30.12
CA ASP B 476 -25.90 -22.27 31.00
C ASP B 476 -25.86 -20.82 30.53
N CYS B 477 -24.87 -20.45 29.73
CA CYS B 477 -24.70 -19.05 29.33
C CYS B 477 -25.66 -18.61 28.24
N VAL B 478 -26.30 -19.54 27.53
CA VAL B 478 -27.13 -19.20 26.40
C VAL B 478 -28.40 -20.07 26.43
N ALA B 479 -29.45 -19.58 25.79
CA ALA B 479 -30.68 -20.34 25.65
C ALA B 479 -30.60 -21.24 24.42
N ALA B 480 -31.29 -22.38 24.49
CA ALA B 480 -31.25 -23.35 23.41
C ALA B 480 -31.86 -22.79 22.12
N SER B 481 -32.95 -22.03 22.23
CA SER B 481 -33.61 -21.50 21.04
C SER B 481 -32.70 -20.57 20.27
N ASP B 482 -31.94 -19.74 20.97
CA ASP B 482 -31.02 -18.83 20.29
C ASP B 482 -29.93 -19.59 19.53
N LEU B 483 -29.42 -20.68 20.11
CA LEU B 483 -28.44 -21.50 19.40
C LEU B 483 -29.05 -22.10 18.14
N ALA B 484 -30.28 -22.59 18.24
CA ALA B 484 -30.96 -23.11 17.06
C ALA B 484 -31.16 -22.03 16.02
N TYR B 485 -31.51 -20.82 16.46
CA TYR B 485 -31.65 -19.70 15.53
C TYR B 485 -30.33 -19.38 14.86
N THR B 486 -29.24 -19.39 15.63
CA THR B 486 -27.93 -19.05 15.08
C THR B 486 -27.50 -20.04 14.00
N LEU B 487 -27.65 -21.34 14.28
CA LEU B 487 -27.22 -22.35 13.33
C LEU B 487 -28.07 -22.35 12.07
N ALA B 488 -29.30 -21.83 12.16
CA ALA B 488 -30.21 -21.91 11.03
C ALA B 488 -30.07 -20.72 10.10
N ARG B 489 -30.32 -19.51 10.62
CA ARG B 489 -30.34 -18.30 9.80
C ARG B 489 -29.09 -17.45 9.95
N GLY B 490 -28.11 -17.90 10.74
CA GLY B 490 -26.91 -17.10 10.94
C GLY B 490 -25.65 -17.79 10.48
N ARG B 491 -25.78 -18.76 9.58
CA ARG B 491 -24.64 -19.49 9.06
C ARG B 491 -24.86 -19.79 7.58
N ALA B 492 -23.78 -20.18 6.91
CA ALA B 492 -23.84 -20.62 5.52
C ALA B 492 -23.92 -22.14 5.48
N HIS B 493 -24.88 -22.65 4.72
CA HIS B 493 -25.14 -24.10 4.68
C HIS B 493 -24.25 -24.72 3.61
N ARG B 494 -23.15 -25.33 4.04
CA ARG B 494 -22.18 -25.94 3.16
C ARG B 494 -22.75 -27.26 2.62
N PRO B 495 -22.17 -27.79 1.54
CA PRO B 495 -22.82 -28.93 0.85
C PRO B 495 -23.11 -30.14 1.72
N VAL B 496 -22.22 -30.49 2.64
CA VAL B 496 -22.43 -31.62 3.54
C VAL B 496 -23.10 -31.11 4.80
N ARG B 497 -24.32 -31.58 5.07
CA ARG B 497 -25.11 -31.01 6.13
C ARG B 497 -25.97 -32.08 6.76
N THR B 498 -26.31 -31.88 8.04
CA THR B 498 -27.18 -32.78 8.78
C THR B 498 -27.77 -32.00 9.95
N ALA B 499 -28.74 -32.62 10.62
CA ALA B 499 -29.42 -31.97 11.72
C ALA B 499 -29.59 -32.95 12.88
N VAL B 500 -29.71 -32.38 14.08
CA VAL B 500 -29.92 -33.14 15.31
C VAL B 500 -31.10 -32.53 16.05
N VAL B 501 -32.02 -33.38 16.49
CA VAL B 501 -33.23 -32.96 17.19
C VAL B 501 -32.99 -33.15 18.68
N ALA B 502 -33.28 -32.11 19.46
CA ALA B 502 -33.12 -32.16 20.90
C ALA B 502 -34.04 -31.14 21.55
N ALA B 503 -34.44 -31.43 22.79
CA ALA B 503 -35.28 -30.52 23.55
C ALA B 503 -34.48 -29.62 24.49
N ASN B 504 -33.35 -30.11 24.99
CA ASN B 504 -32.46 -29.28 25.81
C ASN B 504 -31.02 -29.61 25.44
N LEU B 505 -30.13 -28.69 25.78
CA LEU B 505 -28.71 -28.78 25.42
C LEU B 505 -28.06 -30.08 25.88
N PRO B 506 -28.33 -30.57 27.09
CA PRO B 506 -27.78 -31.90 27.45
C PRO B 506 -28.14 -33.01 26.49
N GLU B 507 -29.36 -33.04 25.95
CA GLU B 507 -29.66 -34.00 24.90
C GLU B 507 -28.88 -33.71 23.63
N LEU B 508 -28.68 -32.42 23.32
CA LEU B 508 -27.92 -32.06 22.14
C LEU B 508 -26.50 -32.58 22.22
N VAL B 509 -25.87 -32.45 23.38
CA VAL B 509 -24.49 -32.92 23.54
C VAL B 509 -24.40 -34.41 23.25
N GLU B 510 -25.34 -35.18 23.78
CA GLU B 510 -25.38 -36.61 23.49
C GLU B 510 -25.62 -36.86 22.00
N GLY B 511 -26.49 -36.07 21.38
CA GLY B 511 -26.77 -36.25 19.97
C GLY B 511 -25.56 -36.01 19.08
N LEU B 512 -24.82 -34.93 19.34
CA LEU B 512 -23.63 -34.64 18.54
C LEU B 512 -22.58 -35.72 18.69
N ARG B 513 -22.40 -36.24 19.91
CA ARG B 513 -21.41 -37.29 20.12
C ARG B 513 -21.76 -38.53 19.30
N GLU B 514 -23.05 -38.83 19.17
CA GLU B 514 -23.46 -39.94 18.30
C GLU B 514 -23.08 -39.66 16.85
N VAL B 515 -23.35 -38.43 16.38
CA VAL B 515 -23.00 -38.08 15.00
C VAL B 515 -21.49 -38.08 14.80
N ALA B 516 -20.75 -37.52 15.74
CA ALA B 516 -19.30 -37.47 15.63
C ALA B 516 -18.66 -38.86 15.67
N ASP B 517 -19.35 -39.83 16.28
CA ASP B 517 -18.80 -41.18 16.40
C ASP B 517 -19.45 -42.18 15.46
N GLY B 518 -20.66 -41.92 14.99
CA GLY B 518 -21.33 -42.85 14.10
C GLY B 518 -20.60 -42.96 12.77
N ASP B 519 -20.72 -44.11 12.12
CA ASP B 519 -20.06 -44.35 10.84
C ASP B 519 -21.08 -44.11 9.71
N ALA B 520 -21.91 -43.08 9.90
CA ALA B 520 -22.86 -42.71 8.87
C ALA B 520 -22.14 -41.95 7.76
N LEU B 521 -22.51 -42.24 6.52
CA LEU B 521 -21.93 -41.54 5.37
C LEU B 521 -22.88 -40.41 4.97
N TYR B 522 -22.42 -39.19 5.21
CA TYR B 522 -23.22 -38.01 4.91
C TYR B 522 -22.93 -37.50 3.51
N ASP B 523 -23.86 -37.73 2.59
CA ASP B 523 -23.67 -37.29 1.22
C ASP B 523 -24.04 -35.81 1.07
N ALA B 524 -23.31 -35.13 0.20
CA ALA B 524 -23.53 -33.70 -0.02
C ALA B 524 -24.89 -33.46 -0.66
N ALA B 525 -25.44 -32.27 -0.42
CA ALA B 525 -26.73 -31.91 -0.99
C ALA B 525 -26.65 -31.84 -2.51
N VAL B 526 -27.73 -32.24 -3.16
CA VAL B 526 -27.80 -32.23 -4.61
C VAL B 526 -28.52 -30.97 -5.07
N GLY B 527 -29.27 -30.35 -4.15
CA GLY B 527 -29.95 -29.12 -4.47
C GLY B 527 -29.11 -27.90 -4.11
N HIS B 528 -29.37 -26.80 -4.81
CA HIS B 528 -28.67 -25.55 -4.58
C HIS B 528 -29.47 -24.58 -3.71
N GLY B 529 -30.64 -24.97 -3.25
CA GLY B 529 -31.50 -24.09 -2.49
C GLY B 529 -32.26 -23.08 -3.33
N ASP B 530 -32.10 -23.11 -4.65
CA ASP B 530 -32.78 -22.13 -5.49
C ASP B 530 -34.28 -22.41 -5.58
N ARG B 531 -34.65 -23.67 -5.77
CA ARG B 531 -36.03 -24.06 -6.00
C ARG B 531 -36.48 -25.04 -4.93
N GLY B 532 -37.76 -24.96 -4.58
CA GLY B 532 -38.32 -25.80 -3.55
C GLY B 532 -38.45 -27.24 -3.99
N PRO B 533 -38.81 -28.11 -3.07
CA PRO B 533 -38.93 -29.53 -3.40
C PRO B 533 -40.16 -29.80 -4.26
N VAL B 534 -40.18 -30.99 -4.85
CA VAL B 534 -41.29 -31.43 -5.69
C VAL B 534 -42.03 -32.53 -4.95
N TRP B 535 -43.27 -32.26 -4.54
CA TRP B 535 -44.06 -33.27 -3.86
C TRP B 535 -44.42 -34.39 -4.83
N VAL B 536 -44.34 -35.63 -4.35
CA VAL B 536 -44.69 -36.81 -5.14
C VAL B 536 -45.88 -37.47 -4.46
N PHE B 537 -46.94 -37.71 -5.22
CA PHE B 537 -48.17 -38.30 -4.70
C PHE B 537 -48.41 -39.63 -5.40
N SER B 538 -48.57 -40.69 -4.61
CA SER B 538 -48.58 -42.06 -5.11
C SER B 538 -50.01 -42.57 -5.30
N GLY B 539 -50.11 -43.86 -5.55
CA GLY B 539 -51.37 -44.54 -5.75
C GLY B 539 -51.74 -45.44 -4.59
N GLN B 540 -52.48 -46.51 -4.91
CA GLN B 540 -52.86 -47.47 -3.89
C GLN B 540 -51.66 -48.27 -3.42
N GLY B 541 -51.90 -49.14 -2.44
CA GLY B 541 -50.89 -50.04 -1.93
C GLY B 541 -50.04 -49.49 -0.81
N SER B 542 -50.16 -48.21 -0.49
CA SER B 542 -49.38 -47.63 0.59
C SER B 542 -50.06 -47.75 1.95
N GLN B 543 -51.32 -48.16 1.98
CA GLN B 543 -52.07 -48.18 3.23
C GLN B 543 -51.55 -49.24 4.19
N TRP B 544 -51.58 -48.91 5.48
CA TRP B 544 -51.23 -49.84 6.54
C TRP B 544 -51.93 -49.40 7.81
N ALA B 545 -51.95 -50.30 8.79
CA ALA B 545 -52.84 -50.15 9.93
C ALA B 545 -52.40 -49.00 10.84
N ALA B 546 -53.38 -48.15 11.20
CA ALA B 546 -53.21 -47.11 12.22
C ALA B 546 -52.02 -46.20 11.93
N MET B 547 -51.95 -45.71 10.69
CA MET B 547 -50.84 -44.84 10.30
C MET B 547 -50.85 -43.51 11.05
N GLY B 548 -51.98 -42.81 11.04
CA GLY B 548 -52.03 -41.43 11.49
C GLY B 548 -52.19 -41.25 12.98
N THR B 549 -52.28 -42.35 13.73
CA THR B 549 -52.48 -42.26 15.17
C THR B 549 -51.38 -41.43 15.83
N GLN B 550 -50.13 -41.71 15.49
CA GLN B 550 -49.04 -40.89 16.01
C GLN B 550 -49.02 -39.52 15.35
N LEU B 551 -49.30 -39.45 14.05
CA LEU B 551 -49.32 -38.17 13.35
C LEU B 551 -50.44 -37.29 13.85
N LEU B 552 -51.62 -37.86 14.08
CA LEU B 552 -52.72 -37.08 14.65
C LEU B 552 -52.35 -36.53 16.02
N ALA B 553 -51.56 -37.28 16.79
CA ALA B 553 -51.16 -36.86 18.12
C ALA B 553 -49.89 -36.02 18.12
N SER B 554 -49.31 -35.72 16.96
CA SER B 554 -48.05 -34.98 16.91
C SER B 554 -48.08 -33.76 16.00
N GLU B 555 -49.16 -33.48 15.28
CA GLU B 555 -49.23 -32.33 14.39
C GLU B 555 -50.64 -31.73 14.46
N PRO B 556 -50.84 -30.69 15.27
CA PRO B 556 -52.20 -30.12 15.40
C PRO B 556 -52.78 -29.61 14.08
N VAL B 557 -51.97 -28.99 13.24
CA VAL B 557 -52.48 -28.47 11.97
C VAL B 557 -52.87 -29.62 11.05
N PHE B 558 -52.11 -30.70 11.06
CA PHE B 558 -52.52 -31.91 10.33
C PHE B 558 -53.89 -32.36 10.80
N ALA B 559 -54.09 -32.43 12.12
CA ALA B 559 -55.38 -32.84 12.66
C ALA B 559 -56.48 -31.87 12.27
N ALA B 560 -56.17 -30.56 12.26
CA ALA B 560 -57.17 -29.58 11.84
C ALA B 560 -57.57 -29.80 10.39
N THR B 561 -56.60 -30.06 9.51
CA THR B 561 -56.92 -30.36 8.12
C THR B 561 -57.70 -31.67 7.99
N ILE B 562 -57.33 -32.69 8.78
CA ILE B 562 -58.10 -33.93 8.80
C ILE B 562 -59.52 -33.66 9.28
N ALA B 563 -59.65 -32.87 10.34
CA ALA B 563 -60.98 -32.49 10.81
C ALA B 563 -61.70 -31.61 9.79
N LYS B 564 -60.96 -30.79 9.05
CA LYS B 564 -61.59 -29.91 8.07
C LYS B 564 -62.22 -30.73 6.96
N LEU B 565 -61.51 -31.75 6.47
CA LEU B 565 -62.03 -32.58 5.39
C LEU B 565 -63.02 -33.63 5.89
N GLU B 566 -63.17 -33.78 7.20
CA GLU B 566 -64.05 -34.80 7.75
C GLU B 566 -65.51 -34.67 7.32
N PRO B 567 -66.14 -33.49 7.37
CA PRO B 567 -67.58 -33.44 7.03
C PRO B 567 -67.92 -33.83 5.60
N VAL B 568 -67.08 -33.45 4.63
CA VAL B 568 -67.44 -33.66 3.23
C VAL B 568 -67.45 -35.15 2.88
N ILE B 569 -66.46 -35.91 3.37
CA ILE B 569 -66.45 -37.35 3.15
C ILE B 569 -67.57 -38.01 3.93
N ALA B 570 -67.82 -37.54 5.17
CA ALA B 570 -68.94 -38.06 5.94
C ALA B 570 -70.27 -37.83 5.23
N ALA B 571 -70.31 -36.87 4.30
CA ALA B 571 -71.48 -36.71 3.44
C ALA B 571 -71.34 -37.51 2.16
N GLU B 572 -70.22 -37.34 1.45
CA GLU B 572 -70.04 -37.98 0.15
C GLU B 572 -69.75 -39.48 0.27
N SER B 573 -68.89 -39.88 1.21
CA SER B 573 -68.58 -41.29 1.40
C SER B 573 -69.28 -41.88 2.62
N GLY B 574 -69.84 -41.05 3.49
CA GLY B 574 -70.61 -41.53 4.63
C GLY B 574 -69.81 -42.18 5.73
N PHE B 575 -68.53 -41.87 5.86
CA PHE B 575 -67.71 -42.49 6.89
C PHE B 575 -66.61 -41.52 7.31
N SER B 576 -66.20 -41.63 8.58
CA SER B 576 -65.24 -40.71 9.15
C SER B 576 -63.81 -41.09 8.77
N VAL B 577 -63.03 -40.09 8.38
CA VAL B 577 -61.65 -40.34 7.96
C VAL B 577 -60.84 -41.01 9.05
N THR B 578 -61.18 -40.75 10.32
CA THR B 578 -60.38 -41.32 11.41
C THR B 578 -60.51 -42.83 11.48
N GLU B 579 -61.56 -43.39 10.87
CA GLU B 579 -61.74 -44.84 10.92
C GLU B 579 -60.61 -45.57 10.20
N ALA B 580 -60.33 -45.17 8.96
CA ALA B 580 -59.34 -45.88 8.17
C ALA B 580 -57.92 -45.65 8.69
N ILE B 581 -57.64 -44.43 9.18
CA ILE B 581 -56.29 -44.07 9.57
C ILE B 581 -55.95 -44.43 11.00
N THR B 582 -56.95 -44.77 11.83
CA THR B 582 -56.70 -45.14 13.22
C THR B 582 -57.08 -46.58 13.56
N ALA B 583 -57.74 -47.30 12.67
CA ALA B 583 -58.09 -48.68 12.95
C ALA B 583 -56.84 -49.54 13.07
N GLN B 584 -56.93 -50.58 13.90
CA GLN B 584 -55.81 -51.48 14.12
C GLN B 584 -55.51 -52.35 12.92
N GLN B 585 -56.38 -52.37 11.91
CA GLN B 585 -56.17 -53.14 10.70
C GLN B 585 -56.18 -52.22 9.49
N THR B 586 -55.45 -52.62 8.46
CA THR B 586 -55.37 -51.83 7.24
C THR B 586 -56.75 -51.71 6.59
N VAL B 587 -57.08 -50.49 6.15
CA VAL B 587 -58.36 -50.28 5.49
C VAL B 587 -58.41 -51.08 4.19
N THR B 588 -59.56 -51.71 3.96
CA THR B 588 -59.80 -52.44 2.72
C THR B 588 -61.06 -51.88 2.07
N GLY B 589 -61.15 -52.06 0.76
CA GLY B 589 -62.25 -51.51 0.00
C GLY B 589 -61.93 -50.14 -0.53
N ILE B 590 -61.92 -50.00 -1.86
CA ILE B 590 -61.49 -48.75 -2.49
C ILE B 590 -62.39 -47.59 -2.10
N ASP B 591 -63.66 -47.87 -1.75
CA ASP B 591 -64.56 -46.80 -1.35
C ASP B 591 -64.09 -46.08 -0.10
N LYS B 592 -63.26 -46.73 0.72
CA LYS B 592 -62.65 -46.09 1.88
C LYS B 592 -61.14 -46.02 1.79
N VAL B 593 -60.52 -46.92 1.03
CA VAL B 593 -59.07 -46.87 0.85
C VAL B 593 -58.66 -45.62 0.07
N GLN B 594 -59.35 -45.37 -1.06
CA GLN B 594 -58.97 -44.23 -1.89
C GLN B 594 -59.15 -42.90 -1.18
N PRO B 595 -60.31 -42.57 -0.59
CA PRO B 595 -60.42 -41.27 0.09
C PRO B 595 -59.44 -41.10 1.24
N ALA B 596 -59.13 -42.17 1.97
CA ALA B 596 -58.21 -42.07 3.09
C ALA B 596 -56.83 -41.63 2.64
N VAL B 597 -56.33 -42.21 1.55
CA VAL B 597 -55.00 -41.88 1.06
C VAL B 597 -54.95 -40.42 0.62
N PHE B 598 -55.99 -39.96 -0.07
CA PHE B 598 -56.04 -38.56 -0.50
C PHE B 598 -56.07 -37.62 0.69
N ALA B 599 -56.85 -37.99 1.72
CA ALA B 599 -57.02 -37.10 2.87
C ALA B 599 -55.69 -36.87 3.58
N VAL B 600 -54.94 -37.95 3.87
CA VAL B 600 -53.68 -37.80 4.58
C VAL B 600 -52.67 -37.03 3.73
N GLN B 601 -52.59 -37.36 2.44
CA GLN B 601 -51.57 -36.77 1.57
C GLN B 601 -51.79 -35.26 1.42
N VAL B 602 -53.04 -34.82 1.29
CA VAL B 602 -53.30 -33.39 1.18
C VAL B 602 -52.84 -32.67 2.45
N ALA B 603 -53.19 -33.24 3.61
CA ALA B 603 -52.80 -32.62 4.88
C ALA B 603 -51.29 -32.64 5.07
N LEU B 604 -50.62 -33.72 4.62
CA LEU B 604 -49.17 -33.79 4.64
C LEU B 604 -48.54 -32.57 3.95
N ALA B 605 -48.98 -32.27 2.73
CA ALA B 605 -48.47 -31.09 2.05
C ALA B 605 -48.91 -29.82 2.76
N ALA B 606 -50.11 -29.83 3.33
CA ALA B 606 -50.55 -28.71 4.15
C ALA B 606 -49.69 -28.58 5.40
N THR B 607 -49.29 -29.71 5.99
CA THR B 607 -48.44 -29.67 7.18
C THR B 607 -47.10 -29.01 6.86
N MET B 608 -46.50 -29.35 5.72
CA MET B 608 -45.21 -28.77 5.36
C MET B 608 -45.32 -27.26 5.14
N GLU B 609 -46.32 -26.81 4.39
CA GLU B 609 -46.36 -25.41 3.99
C GLU B 609 -46.80 -24.52 5.15
N GLN B 610 -47.93 -24.85 5.80
CA GLN B 610 -48.42 -24.00 6.87
C GLN B 610 -47.54 -24.05 8.12
N THR B 611 -47.03 -25.23 8.49
CA THR B 611 -46.30 -25.37 9.73
C THR B 611 -44.79 -25.29 9.58
N TYR B 612 -44.24 -25.80 8.48
CA TYR B 612 -42.79 -25.80 8.28
C TYR B 612 -42.38 -24.94 7.09
N GLY B 613 -43.30 -24.20 6.49
CA GLY B 613 -42.96 -23.25 5.45
C GLY B 613 -42.31 -23.84 4.22
N VAL B 614 -42.64 -25.07 3.84
CA VAL B 614 -42.03 -25.72 2.70
C VAL B 614 -42.88 -25.48 1.46
N ARG B 615 -42.62 -24.37 0.77
CA ARG B 615 -43.36 -24.08 -0.46
C ARG B 615 -42.84 -24.95 -1.59
N PRO B 616 -43.66 -25.78 -2.21
CA PRO B 616 -43.17 -26.63 -3.30
C PRO B 616 -42.87 -25.83 -4.54
N GLY B 617 -41.67 -26.05 -5.09
CA GLY B 617 -41.33 -25.44 -6.36
C GLY B 617 -42.01 -26.09 -7.54
N ALA B 618 -42.46 -27.33 -7.38
CA ALA B 618 -43.21 -28.05 -8.39
C ALA B 618 -43.99 -29.16 -7.71
N VAL B 619 -45.03 -29.64 -8.38
CA VAL B 619 -45.87 -30.70 -7.86
C VAL B 619 -46.13 -31.71 -8.96
N VAL B 620 -46.03 -33.00 -8.62
CA VAL B 620 -46.29 -34.09 -9.56
C VAL B 620 -47.10 -35.17 -8.84
N GLY B 621 -48.11 -35.70 -9.52
CA GLY B 621 -48.95 -36.73 -8.96
C GLY B 621 -49.05 -37.96 -9.83
N HIS B 622 -49.56 -39.07 -9.27
CA HIS B 622 -49.69 -40.32 -9.99
C HIS B 622 -51.03 -40.97 -9.65
N SER B 623 -51.76 -41.40 -10.69
CA SER B 623 -53.06 -42.04 -10.52
C SER B 623 -53.99 -41.20 -9.66
N MET B 624 -54.32 -41.69 -8.46
CA MET B 624 -55.09 -40.89 -7.52
C MET B 624 -54.33 -39.65 -7.08
N GLY B 625 -52.99 -39.69 -7.14
CA GLY B 625 -52.17 -38.63 -6.59
C GLY B 625 -52.38 -37.28 -7.24
N GLU B 626 -52.97 -37.25 -8.44
CA GLU B 626 -53.28 -35.97 -9.06
C GLU B 626 -54.28 -35.17 -8.25
N SER B 627 -55.26 -35.84 -7.63
CA SER B 627 -56.25 -35.14 -6.83
C SER B 627 -55.61 -34.41 -5.66
N ALA B 628 -54.74 -35.08 -4.91
CA ALA B 628 -54.01 -34.41 -3.84
C ALA B 628 -53.11 -33.33 -4.39
N ALA B 629 -52.45 -33.61 -5.52
CA ALA B 629 -51.57 -32.61 -6.14
C ALA B 629 -52.37 -31.41 -6.61
N ALA B 630 -53.57 -31.64 -7.13
CA ALA B 630 -54.39 -30.53 -7.62
C ALA B 630 -54.73 -29.55 -6.52
N VAL B 631 -55.07 -30.06 -5.33
CA VAL B 631 -55.40 -29.18 -4.20
C VAL B 631 -54.19 -28.34 -3.82
N VAL B 632 -53.02 -28.98 -3.69
CA VAL B 632 -51.85 -28.30 -3.16
C VAL B 632 -51.35 -27.23 -4.13
N ALA B 633 -51.28 -27.56 -5.42
CA ALA B 633 -50.84 -26.58 -6.41
C ALA B 633 -51.87 -25.46 -6.59
N GLY B 634 -53.07 -25.62 -6.05
CA GLY B 634 -54.11 -24.63 -6.22
C GLY B 634 -55.03 -24.85 -7.40
N ALA B 635 -55.00 -26.04 -8.00
CA ALA B 635 -55.84 -26.32 -9.15
C ALA B 635 -57.30 -26.53 -8.79
N LEU B 636 -57.60 -26.87 -7.54
CA LEU B 636 -58.97 -27.10 -7.11
C LEU B 636 -59.03 -26.99 -5.60
N SER B 637 -60.19 -26.62 -5.08
CA SER B 637 -60.35 -26.41 -3.64
C SER B 637 -60.24 -27.75 -2.90
N LEU B 638 -60.11 -27.65 -1.57
CA LEU B 638 -59.85 -28.82 -0.76
C LEU B 638 -61.05 -29.76 -0.70
N GLU B 639 -62.25 -29.22 -0.43
CA GLU B 639 -63.41 -30.09 -0.29
C GLU B 639 -63.93 -30.56 -1.65
N ASP B 640 -63.75 -29.76 -2.69
CA ASP B 640 -64.27 -30.14 -4.00
C ASP B 640 -63.55 -31.37 -4.52
N ALA B 641 -62.23 -31.43 -4.34
CA ALA B 641 -61.49 -32.64 -4.70
C ALA B 641 -61.86 -33.80 -3.78
N ALA B 642 -62.38 -33.51 -2.59
CA ALA B 642 -62.86 -34.59 -1.74
C ALA B 642 -64.10 -35.26 -2.33
N ARG B 643 -65.13 -34.48 -2.68
CA ARG B 643 -66.29 -35.08 -3.32
C ARG B 643 -65.91 -35.73 -4.64
N VAL B 644 -64.80 -35.26 -5.23
CA VAL B 644 -64.31 -35.84 -6.47
C VAL B 644 -63.90 -37.30 -6.26
N ILE B 645 -63.17 -37.59 -5.18
CA ILE B 645 -62.55 -38.90 -5.05
C ILE B 645 -63.55 -39.91 -4.45
N CYS B 646 -64.36 -39.47 -3.48
CA CYS B 646 -65.32 -40.41 -2.90
C CYS B 646 -66.33 -40.90 -3.93
N ARG B 647 -66.77 -40.02 -4.83
CA ARG B 647 -67.69 -40.45 -5.86
C ARG B 647 -67.05 -41.48 -6.78
N ARG B 648 -65.77 -41.31 -7.12
CA ARG B 648 -65.11 -42.30 -7.98
C ARG B 648 -65.04 -43.65 -7.30
N SER B 649 -64.51 -43.66 -6.07
CA SER B 649 -64.34 -44.92 -5.36
C SER B 649 -65.67 -45.62 -5.19
N LYS B 650 -66.73 -44.85 -4.93
CA LYS B 650 -68.07 -45.43 -4.85
C LYS B 650 -68.55 -45.89 -6.22
N LEU B 651 -68.28 -45.11 -7.26
CA LEU B 651 -68.81 -45.45 -8.58
C LEU B 651 -68.14 -46.70 -9.16
N MET B 652 -66.81 -46.83 -9.03
CA MET B 652 -66.20 -48.06 -9.52
C MET B 652 -66.31 -49.20 -8.52
N THR B 653 -66.72 -48.92 -7.27
CA THR B 653 -67.03 -50.01 -6.34
C THR B 653 -68.07 -50.97 -6.89
N ARG B 654 -68.80 -50.58 -7.93
CA ARG B 654 -69.73 -51.50 -8.57
C ARG B 654 -69.02 -52.77 -9.02
N ILE B 655 -67.73 -52.66 -9.35
CA ILE B 655 -66.95 -53.79 -9.85
C ILE B 655 -65.88 -54.13 -8.82
N ALA B 656 -65.50 -55.41 -8.79
CA ALA B 656 -64.39 -55.88 -7.98
C ALA B 656 -63.55 -56.82 -8.83
N GLY B 657 -62.24 -56.58 -8.86
CA GLY B 657 -61.36 -57.38 -9.70
C GLY B 657 -61.64 -57.28 -11.18
N ALA B 658 -61.82 -56.05 -11.69
CA ALA B 658 -62.22 -55.85 -13.08
C ALA B 658 -61.14 -56.30 -14.07
N GLY B 659 -59.89 -56.38 -13.64
CA GLY B 659 -58.81 -56.76 -14.54
C GLY B 659 -57.50 -57.05 -13.84
N ALA B 660 -56.39 -56.57 -14.41
CA ALA B 660 -55.08 -56.91 -13.88
C ALA B 660 -54.05 -55.86 -14.31
N MET B 661 -52.92 -55.86 -13.58
CA MET B 661 -51.76 -54.99 -13.83
C MET B 661 -50.51 -55.84 -14.02
N GLY B 662 -50.14 -56.05 -15.29
CA GLY B 662 -48.87 -56.68 -15.60
C GLY B 662 -47.75 -55.65 -15.57
N SER B 663 -46.88 -55.75 -14.57
CA SER B 663 -45.77 -54.84 -14.39
C SER B 663 -44.51 -55.48 -14.94
N VAL B 664 -43.92 -54.85 -15.95
CA VAL B 664 -42.77 -55.41 -16.65
C VAL B 664 -41.68 -54.35 -16.73
N GLU B 665 -40.44 -54.81 -16.83
CA GLU B 665 -39.29 -53.91 -16.96
C GLU B 665 -39.09 -53.42 -18.38
N LEU B 666 -39.82 -53.97 -19.34
CA LEU B 666 -39.60 -53.61 -20.73
C LEU B 666 -39.98 -52.15 -20.96
N PRO B 667 -39.28 -51.45 -21.86
CA PRO B 667 -39.70 -50.09 -22.22
C PRO B 667 -41.06 -50.11 -22.90
N ALA B 668 -41.77 -48.98 -22.81
CA ALA B 668 -43.11 -48.88 -23.37
C ALA B 668 -43.10 -49.16 -24.87
N LYS B 669 -42.05 -48.72 -25.57
CA LYS B 669 -41.94 -49.01 -27.00
C LYS B 669 -41.77 -50.51 -27.24
N GLN B 670 -40.98 -51.18 -26.39
CA GLN B 670 -40.71 -52.60 -26.59
C GLN B 670 -41.95 -53.44 -26.26
N VAL B 671 -42.66 -53.10 -25.19
CA VAL B 671 -43.88 -53.84 -24.87
C VAL B 671 -44.94 -53.60 -25.92
N ASN B 672 -44.99 -52.38 -26.49
CA ASN B 672 -45.93 -52.11 -27.57
C ASN B 672 -45.64 -52.98 -28.78
N SER B 673 -44.36 -53.15 -29.12
CA SER B 673 -44.00 -54.05 -30.20
C SER B 673 -44.37 -55.49 -29.88
N GLU B 674 -44.13 -55.91 -28.63
CA GLU B 674 -44.49 -57.26 -28.22
C GLU B 674 -46.01 -57.45 -28.24
N LEU B 675 -46.76 -56.45 -27.77
CA LEU B 675 -48.21 -56.54 -27.81
C LEU B 675 -48.72 -56.60 -29.24
N MET B 676 -48.12 -55.80 -30.14
CA MET B 676 -48.50 -55.86 -31.55
C MET B 676 -48.19 -57.23 -32.13
N ALA B 677 -47.06 -57.83 -31.74
CA ALA B 677 -46.78 -59.21 -32.13
C ALA B 677 -47.84 -60.15 -31.59
N ARG B 678 -48.24 -59.96 -30.32
CA ARG B 678 -49.38 -60.70 -29.79
C ARG B 678 -50.67 -60.32 -30.51
N GLY B 679 -50.86 -59.04 -30.79
CA GLY B 679 -52.01 -58.57 -31.55
C GLY B 679 -53.28 -58.35 -30.76
N ILE B 680 -53.26 -58.57 -29.46
CA ILE B 680 -54.47 -58.40 -28.66
C ILE B 680 -54.61 -56.95 -28.23
N ASP B 681 -55.86 -56.49 -28.10
CA ASP B 681 -56.15 -55.16 -27.60
C ASP B 681 -56.85 -55.19 -26.25
N ASP B 682 -57.07 -56.38 -25.67
CA ASP B 682 -57.65 -56.47 -24.35
C ASP B 682 -56.78 -55.82 -23.29
N VAL B 683 -55.47 -55.76 -23.52
CA VAL B 683 -54.53 -55.18 -22.58
C VAL B 683 -53.96 -53.90 -23.17
N VAL B 684 -53.70 -52.92 -22.29
CA VAL B 684 -53.18 -51.63 -22.70
C VAL B 684 -52.18 -51.18 -21.65
N VAL B 685 -51.21 -50.37 -22.08
CA VAL B 685 -50.24 -49.78 -21.16
C VAL B 685 -50.98 -48.85 -20.21
N SER B 686 -50.90 -49.13 -18.91
CA SER B 686 -51.63 -48.33 -17.93
C SER B 686 -50.75 -47.25 -17.30
N VAL B 687 -49.56 -47.62 -16.86
CA VAL B 687 -48.66 -46.68 -16.18
C VAL B 687 -47.29 -46.79 -16.83
N VAL B 688 -46.75 -45.66 -17.25
CA VAL B 688 -45.35 -45.56 -17.66
C VAL B 688 -44.59 -45.07 -16.43
N ALA B 689 -44.22 -46.02 -15.57
CA ALA B 689 -43.58 -45.66 -14.32
C ALA B 689 -42.13 -45.24 -14.51
N SER B 690 -41.38 -45.97 -15.32
CA SER B 690 -39.96 -45.73 -15.52
C SER B 690 -39.60 -46.07 -16.96
N PRO B 691 -38.48 -45.54 -17.46
CA PRO B 691 -38.00 -45.97 -18.78
C PRO B 691 -37.66 -47.45 -18.81
N GLN B 692 -37.43 -48.03 -17.63
CA GLN B 692 -37.11 -49.46 -17.51
C GLN B 692 -38.15 -50.19 -16.68
N SER B 693 -39.40 -49.72 -16.72
CA SER B 693 -40.49 -50.37 -15.98
C SER B 693 -41.81 -49.91 -16.57
N THR B 694 -42.63 -50.85 -17.01
CA THR B 694 -43.92 -50.55 -17.64
C THR B 694 -45.00 -51.40 -17.00
N VAL B 695 -46.18 -50.79 -16.81
CA VAL B 695 -47.34 -51.46 -16.23
C VAL B 695 -48.40 -51.61 -17.32
N ILE B 696 -48.91 -52.83 -17.46
CA ILE B 696 -49.88 -53.18 -18.50
C ILE B 696 -51.19 -53.55 -17.84
N GLY B 697 -52.28 -52.93 -18.28
CA GLY B 697 -53.60 -53.18 -17.73
C GLY B 697 -54.55 -53.70 -18.78
N GLY B 698 -55.44 -54.60 -18.38
CA GLY B 698 -56.40 -55.16 -19.31
C GLY B 698 -57.20 -56.28 -18.66
N THR B 699 -57.79 -57.10 -19.53
CA THR B 699 -58.63 -58.20 -19.07
C THR B 699 -57.80 -59.23 -18.32
N SER B 700 -58.39 -59.81 -17.27
CA SER B 700 -57.64 -60.67 -16.35
C SER B 700 -57.04 -61.87 -17.07
N ASP B 701 -57.85 -62.58 -17.87
CA ASP B 701 -57.34 -63.78 -18.53
C ASP B 701 -56.24 -63.44 -19.52
N THR B 702 -56.41 -62.37 -20.29
CA THR B 702 -55.39 -61.96 -21.24
C THR B 702 -54.09 -61.59 -20.53
N VAL B 703 -54.20 -60.96 -19.36
CA VAL B 703 -53.00 -60.68 -18.56
C VAL B 703 -52.42 -61.98 -18.03
N ARG B 704 -53.23 -62.74 -17.28
CA ARG B 704 -52.70 -63.89 -16.55
C ARG B 704 -52.11 -64.93 -17.50
N ASP B 705 -52.80 -65.21 -18.61
CA ASP B 705 -52.26 -66.16 -19.58
C ASP B 705 -50.97 -65.63 -20.20
N LEU B 706 -50.91 -64.33 -20.47
CA LEU B 706 -49.79 -63.79 -21.24
C LEU B 706 -48.61 -63.44 -20.35
N ILE B 707 -48.85 -63.02 -19.10
CA ILE B 707 -47.73 -62.73 -18.21
C ILE B 707 -46.91 -63.99 -17.95
N ALA B 708 -47.57 -65.15 -17.90
CA ALA B 708 -46.83 -66.41 -17.80
C ALA B 708 -45.91 -66.61 -19.00
N ARG B 709 -46.24 -65.99 -20.14
CA ARG B 709 -45.40 -66.13 -21.33
C ARG B 709 -44.03 -65.50 -21.12
N TRP B 710 -43.98 -64.29 -20.52
CA TRP B 710 -42.68 -63.77 -20.13
C TRP B 710 -42.04 -64.60 -19.02
N GLU B 711 -42.86 -65.13 -18.11
CA GLU B 711 -42.31 -65.94 -17.03
C GLU B 711 -41.68 -67.22 -17.55
N GLN B 712 -42.25 -67.80 -18.61
CA GLN B 712 -41.55 -68.89 -19.29
C GLN B 712 -40.27 -68.38 -19.93
N ARG B 713 -40.28 -67.13 -20.42
CA ARG B 713 -39.14 -66.50 -21.07
C ARG B 713 -38.24 -65.77 -20.09
N ASP B 714 -38.44 -65.93 -18.79
CA ASP B 714 -37.56 -65.34 -17.77
C ASP B 714 -37.52 -63.82 -17.83
N VAL B 715 -38.69 -63.19 -17.70
CA VAL B 715 -38.82 -61.74 -17.69
C VAL B 715 -39.52 -61.32 -16.41
N MET B 716 -39.08 -60.20 -15.84
CA MET B 716 -39.43 -59.78 -14.48
C MET B 716 -40.84 -59.16 -14.47
N ALA B 717 -41.82 -60.00 -14.82
CA ALA B 717 -43.21 -59.54 -14.92
C ALA B 717 -44.10 -59.95 -13.74
N ARG B 718 -43.81 -59.44 -12.55
CA ARG B 718 -44.68 -59.65 -11.38
C ARG B 718 -45.92 -58.76 -11.40
N GLU B 719 -46.91 -59.21 -10.62
CA GLU B 719 -48.16 -58.51 -10.40
C GLU B 719 -48.65 -58.81 -8.99
N VAL B 720 -49.20 -57.81 -8.33
CA VAL B 720 -49.87 -57.96 -7.05
C VAL B 720 -51.35 -57.67 -7.25
N ALA B 721 -52.21 -58.54 -6.72
CA ALA B 721 -53.64 -58.43 -6.94
C ALA B 721 -54.17 -57.06 -6.51
N VAL B 722 -54.97 -56.46 -7.39
CA VAL B 722 -55.51 -55.13 -7.15
C VAL B 722 -57.02 -55.18 -7.40
N ASP B 723 -57.75 -54.34 -6.67
CA ASP B 723 -59.21 -54.34 -6.78
C ASP B 723 -59.69 -53.78 -8.12
N VAL B 724 -59.01 -52.75 -8.62
CA VAL B 724 -59.51 -51.98 -9.76
C VAL B 724 -58.48 -52.01 -10.89
N ALA B 725 -58.96 -52.24 -12.10
CA ALA B 725 -58.11 -52.20 -13.30
C ALA B 725 -58.24 -50.84 -13.98
N SER B 726 -57.73 -49.82 -13.29
CA SER B 726 -57.79 -48.46 -13.80
C SER B 726 -56.86 -48.30 -14.99
N HIS B 727 -57.04 -47.19 -15.71
CA HIS B 727 -56.25 -46.87 -16.92
C HIS B 727 -56.32 -48.01 -17.93
N SER B 728 -57.51 -48.58 -18.09
CA SER B 728 -57.70 -49.76 -18.91
C SER B 728 -59.16 -49.82 -19.33
N PRO B 729 -59.48 -50.59 -20.38
CA PRO B 729 -60.89 -50.71 -20.80
C PRO B 729 -61.78 -51.38 -19.75
N GLN B 730 -61.20 -52.00 -18.71
CA GLN B 730 -62.01 -52.63 -17.68
C GLN B 730 -62.89 -51.64 -16.95
N VAL B 731 -62.47 -50.37 -16.84
CA VAL B 731 -63.28 -49.34 -16.20
C VAL B 731 -64.06 -48.49 -17.18
N ASP B 732 -64.02 -48.84 -18.48
CA ASP B 732 -64.71 -48.05 -19.49
C ASP B 732 -66.22 -47.91 -19.26
N PRO B 733 -66.98 -48.96 -18.91
CA PRO B 733 -68.44 -48.77 -18.76
C PRO B 733 -68.82 -47.76 -17.68
N ILE B 734 -67.99 -47.55 -16.66
CA ILE B 734 -68.32 -46.61 -15.60
C ILE B 734 -67.95 -45.18 -15.96
N LEU B 735 -67.16 -44.97 -17.02
CA LEU B 735 -66.67 -43.63 -17.35
C LEU B 735 -67.82 -42.69 -17.69
N ASP B 736 -68.86 -43.18 -18.38
CA ASP B 736 -69.98 -42.33 -18.73
C ASP B 736 -70.67 -41.77 -17.49
N ASP B 737 -70.88 -42.61 -16.47
CA ASP B 737 -71.42 -42.13 -15.21
C ASP B 737 -70.45 -41.17 -14.53
N LEU B 738 -69.16 -41.52 -14.51
CA LEU B 738 -68.17 -40.69 -13.84
C LEU B 738 -68.02 -39.32 -14.50
N ALA B 739 -68.32 -39.22 -15.79
CA ALA B 739 -68.12 -37.96 -16.51
C ALA B 739 -69.11 -36.88 -16.08
N ALA B 740 -70.19 -37.24 -15.39
CA ALA B 740 -71.21 -36.26 -15.03
C ALA B 740 -71.46 -36.24 -13.53
N ALA B 741 -71.28 -37.38 -12.87
CA ALA B 741 -71.57 -37.48 -11.44
C ALA B 741 -70.70 -36.56 -10.59
N LEU B 742 -69.51 -36.18 -11.08
CA LEU B 742 -68.63 -35.29 -10.35
C LEU B 742 -68.33 -34.00 -11.11
N ALA B 743 -69.22 -33.62 -12.03
CA ALA B 743 -69.02 -32.45 -12.87
C ALA B 743 -69.42 -31.15 -12.17
N ASP B 744 -69.82 -31.20 -10.89
CA ASP B 744 -70.24 -30.00 -10.18
C ASP B 744 -69.07 -29.17 -9.67
N ILE B 745 -67.84 -29.66 -9.78
CA ILE B 745 -66.69 -28.92 -9.28
C ILE B 745 -66.37 -27.75 -10.21
N ALA B 746 -65.61 -26.80 -9.69
CA ALA B 746 -65.22 -25.59 -10.42
C ALA B 746 -63.71 -25.43 -10.35
N PRO B 747 -62.95 -26.08 -11.23
CA PRO B 747 -61.50 -25.92 -11.22
C PRO B 747 -61.06 -24.53 -11.62
N MET B 748 -59.92 -24.10 -11.09
CA MET B 748 -59.33 -22.82 -11.44
C MET B 748 -57.81 -22.98 -11.57
N THR B 749 -57.16 -21.92 -12.03
CA THR B 749 -55.75 -21.97 -12.41
C THR B 749 -54.87 -22.17 -11.19
N PRO B 750 -53.97 -23.16 -11.18
CA PRO B 750 -53.03 -23.31 -10.08
C PRO B 750 -52.10 -22.10 -9.96
N LYS B 751 -51.69 -21.82 -8.73
CA LYS B 751 -50.64 -20.83 -8.50
C LYS B 751 -49.25 -21.45 -8.46
N VAL B 752 -49.16 -22.77 -8.52
CA VAL B 752 -47.89 -23.49 -8.49
C VAL B 752 -47.77 -24.29 -9.78
N PRO B 753 -46.57 -24.39 -10.39
CA PRO B 753 -46.44 -25.19 -11.60
C PRO B 753 -46.81 -26.65 -11.36
N TYR B 754 -47.41 -27.26 -12.38
CA TYR B 754 -48.00 -28.59 -12.28
C TYR B 754 -47.53 -29.43 -13.45
N TYR B 755 -46.94 -30.59 -13.14
CA TYR B 755 -46.66 -31.60 -14.16
C TYR B 755 -47.74 -32.68 -14.10
N SER B 756 -48.45 -32.88 -15.19
CA SER B 756 -49.55 -33.84 -15.22
C SER B 756 -49.21 -35.05 -16.07
N ALA B 757 -49.38 -36.23 -15.48
CA ALA B 757 -49.24 -37.48 -16.22
C ALA B 757 -50.44 -37.79 -17.10
N THR B 758 -51.58 -37.15 -16.84
CA THR B 758 -52.77 -37.36 -17.65
C THR B 758 -52.60 -36.75 -19.05
N LEU B 759 -52.15 -35.51 -19.11
CA LEU B 759 -51.98 -34.84 -20.39
C LEU B 759 -50.79 -35.41 -21.15
N PHE B 760 -50.82 -35.26 -22.47
CA PHE B 760 -49.71 -35.72 -23.31
C PHE B 760 -48.43 -34.98 -22.97
N ASP B 761 -48.52 -33.66 -22.80
CA ASP B 761 -47.38 -32.86 -22.38
C ASP B 761 -47.58 -32.45 -20.93
N PRO B 762 -46.80 -32.96 -19.99
CA PRO B 762 -46.99 -32.58 -18.58
C PRO B 762 -46.82 -31.10 -18.31
N ARG B 763 -45.99 -30.42 -19.09
CA ARG B 763 -45.74 -29.00 -18.85
C ARG B 763 -46.98 -28.13 -19.02
N GLU B 764 -47.96 -28.60 -19.78
CA GLU B 764 -49.18 -27.83 -20.00
C GLU B 764 -50.01 -27.76 -18.72
N GLN B 765 -50.63 -26.62 -18.48
CA GLN B 765 -51.50 -26.45 -17.33
C GLN B 765 -52.76 -27.27 -17.50
N PRO B 766 -53.10 -28.14 -16.55
CA PRO B 766 -54.26 -29.03 -16.71
C PRO B 766 -55.54 -28.50 -16.07
N VAL B 767 -56.58 -28.37 -16.90
CA VAL B 767 -57.89 -27.94 -16.42
C VAL B 767 -58.52 -29.14 -15.72
N CYS B 768 -58.66 -29.05 -14.39
CA CYS B 768 -59.13 -30.17 -13.60
C CYS B 768 -60.64 -30.36 -13.70
N ASP B 769 -61.13 -30.59 -14.91
CA ASP B 769 -62.53 -30.91 -15.12
C ASP B 769 -62.71 -32.42 -15.15
N GLY B 770 -63.97 -32.86 -15.06
CA GLY B 770 -64.26 -34.29 -15.03
C GLY B 770 -63.76 -35.02 -16.25
N ALA B 771 -63.80 -34.39 -17.42
CA ALA B 771 -63.27 -35.01 -18.63
C ALA B 771 -61.78 -35.28 -18.51
N TYR B 772 -61.02 -34.34 -17.98
CA TYR B 772 -59.62 -34.60 -17.67
C TYR B 772 -59.50 -35.73 -16.66
N TRP B 773 -60.35 -35.72 -15.65
CA TRP B 773 -60.38 -36.83 -14.70
C TRP B 773 -60.76 -38.15 -15.37
N VAL B 774 -61.77 -38.13 -16.24
CA VAL B 774 -62.15 -39.35 -16.96
C VAL B 774 -60.96 -39.86 -17.75
N ASP B 775 -60.16 -38.96 -18.32
CA ASP B 775 -58.90 -39.36 -18.92
C ASP B 775 -58.01 -40.07 -17.91
N ASN B 776 -58.00 -39.59 -16.66
CA ASN B 776 -57.10 -40.15 -15.67
C ASN B 776 -57.40 -41.61 -15.38
N LEU B 777 -58.68 -41.97 -15.25
CA LEU B 777 -59.00 -43.38 -15.02
C LEU B 777 -58.83 -44.22 -16.28
N ARG B 778 -58.61 -43.59 -17.43
CA ARG B 778 -58.48 -44.32 -18.67
C ARG B 778 -57.13 -44.15 -19.37
N ASN B 779 -56.64 -42.93 -19.52
CA ASN B 779 -55.41 -42.70 -20.26
C ASN B 779 -54.22 -43.32 -19.52
N THR B 780 -53.22 -43.71 -20.30
CA THR B 780 -52.00 -44.26 -19.74
C THR B 780 -51.31 -43.23 -18.85
N VAL B 781 -50.90 -43.66 -17.67
CA VAL B 781 -50.24 -42.77 -16.72
C VAL B 781 -48.81 -42.56 -17.22
N GLN B 782 -48.53 -41.36 -17.70
CA GLN B 782 -47.19 -41.01 -18.18
C GLN B 782 -46.31 -40.43 -17.09
N PHE B 783 -46.18 -41.14 -15.97
CA PHE B 783 -45.45 -40.61 -14.83
C PHE B 783 -43.98 -40.42 -15.16
N ALA B 784 -43.39 -41.36 -15.92
CA ALA B 784 -41.97 -41.25 -16.26
C ALA B 784 -41.68 -39.99 -17.05
N ALA B 785 -42.55 -39.67 -18.02
CA ALA B 785 -42.38 -38.42 -18.76
C ALA B 785 -42.68 -37.22 -17.88
N ALA B 786 -43.60 -37.39 -16.91
CA ALA B 786 -43.94 -36.28 -16.02
C ALA B 786 -42.73 -35.85 -15.19
N VAL B 787 -42.06 -36.81 -14.56
CA VAL B 787 -40.86 -36.46 -13.80
C VAL B 787 -39.72 -36.05 -14.71
N GLN B 788 -39.66 -36.61 -15.92
CA GLN B 788 -38.59 -36.26 -16.84
C GLN B 788 -38.63 -34.78 -17.17
N ALA B 789 -39.81 -34.26 -17.48
CA ALA B 789 -39.94 -32.83 -17.75
C ALA B 789 -39.55 -32.00 -16.53
N ALA B 790 -39.83 -32.51 -15.34
CA ALA B 790 -39.48 -31.78 -14.12
C ALA B 790 -37.97 -31.60 -14.00
N MET B 791 -37.20 -32.68 -14.20
CA MET B 791 -35.75 -32.56 -14.12
C MET B 791 -35.18 -31.83 -15.32
N GLU B 792 -35.87 -31.84 -16.47
CA GLU B 792 -35.46 -30.98 -17.57
C GLU B 792 -35.55 -29.51 -17.18
N ASP B 793 -36.39 -29.19 -16.19
CA ASP B 793 -36.42 -27.86 -15.61
C ASP B 793 -35.43 -27.69 -14.47
N GLY B 794 -34.62 -28.71 -14.19
CA GLY B 794 -33.58 -28.62 -13.20
C GLY B 794 -33.97 -28.96 -11.77
N TYR B 795 -35.23 -29.29 -11.52
CA TYR B 795 -35.63 -29.68 -10.17
C TYR B 795 -34.90 -30.94 -9.75
N ARG B 796 -34.52 -31.00 -8.47
CA ARG B 796 -33.62 -32.05 -7.98
C ARG B 796 -34.14 -32.83 -6.79
N VAL B 797 -34.94 -32.22 -5.91
CA VAL B 797 -35.39 -32.88 -4.69
C VAL B 797 -36.82 -33.33 -4.89
N PHE B 798 -37.04 -34.64 -4.77
CA PHE B 798 -38.37 -35.23 -4.87
C PHE B 798 -38.69 -35.96 -3.57
N ALA B 799 -39.79 -35.59 -2.95
CA ALA B 799 -40.25 -36.20 -1.70
C ALA B 799 -41.56 -36.92 -1.97
N GLU B 800 -41.60 -38.23 -1.67
CA GLU B 800 -42.79 -39.01 -1.88
C GLU B 800 -43.70 -38.88 -0.66
N LEU B 801 -44.81 -38.16 -0.84
CA LEU B 801 -45.78 -37.92 0.23
C LEU B 801 -46.85 -38.99 0.14
N SER B 802 -46.59 -40.12 0.78
CA SER B 802 -47.48 -41.27 0.76
C SER B 802 -47.22 -42.08 2.01
N PRO B 803 -48.19 -42.87 2.48
CA PRO B 803 -47.98 -43.68 3.68
C PRO B 803 -46.76 -44.58 3.59
N HIS B 804 -46.48 -45.10 2.40
CA HIS B 804 -45.25 -45.84 2.16
C HIS B 804 -44.73 -45.44 0.80
N PRO B 805 -43.41 -45.25 0.66
CA PRO B 805 -42.86 -44.90 -0.65
C PRO B 805 -42.98 -46.05 -1.64
N LEU B 806 -43.51 -45.74 -2.81
CA LEU B 806 -43.72 -46.75 -3.84
C LEU B 806 -43.05 -46.33 -5.14
N LEU B 807 -43.14 -45.04 -5.47
CA LEU B 807 -42.59 -44.55 -6.72
C LEU B 807 -41.21 -43.93 -6.57
N THR B 808 -40.63 -43.96 -5.37
CA THR B 808 -39.30 -43.39 -5.16
C THR B 808 -38.27 -44.10 -6.03
N HIS B 809 -38.37 -45.42 -6.13
CA HIS B 809 -37.41 -46.18 -6.93
C HIS B 809 -37.47 -45.76 -8.40
N ALA B 810 -38.66 -45.40 -8.88
CA ALA B 810 -38.78 -44.90 -10.25
C ALA B 810 -38.02 -43.60 -10.44
N VAL B 811 -38.01 -42.73 -9.44
CA VAL B 811 -37.29 -41.46 -9.57
C VAL B 811 -35.79 -41.70 -9.71
N GLU B 812 -35.24 -42.59 -8.89
CA GLU B 812 -33.82 -42.90 -8.98
C GLU B 812 -33.49 -43.52 -10.34
N GLN B 813 -34.34 -44.42 -10.82
CA GLN B 813 -34.09 -45.06 -12.11
C GLN B 813 -34.05 -44.05 -13.23
N THR B 814 -35.06 -43.17 -13.31
CA THR B 814 -35.09 -42.19 -14.38
C THR B 814 -33.96 -41.18 -14.23
N GLY B 815 -33.63 -40.82 -12.99
CA GLY B 815 -32.46 -39.97 -12.77
C GLY B 815 -31.18 -40.63 -13.24
N ARG B 816 -31.05 -41.93 -12.98
CA ARG B 816 -29.91 -42.67 -13.50
C ARG B 816 -29.92 -42.67 -15.02
N SER B 817 -31.10 -42.85 -15.63
CA SER B 817 -31.21 -42.73 -17.08
C SER B 817 -30.86 -41.35 -17.56
N LEU B 818 -31.30 -40.31 -16.84
CA LEU B 818 -30.95 -38.94 -17.17
C LEU B 818 -29.53 -38.56 -16.78
N ASP B 819 -28.81 -39.46 -16.10
CA ASP B 819 -27.45 -39.18 -15.63
C ASP B 819 -27.42 -37.93 -14.76
N MET B 820 -28.45 -37.77 -13.95
CA MET B 820 -28.71 -36.53 -13.23
C MET B 820 -28.99 -36.85 -11.77
N SER B 821 -28.12 -36.37 -10.88
CA SER B 821 -28.20 -36.75 -9.47
C SER B 821 -29.36 -36.04 -8.80
N VAL B 822 -30.28 -36.82 -8.22
CA VAL B 822 -31.49 -36.31 -7.58
C VAL B 822 -31.69 -36.98 -6.25
N ALA B 823 -32.58 -36.41 -5.45
CA ALA B 823 -32.93 -36.95 -4.13
C ALA B 823 -34.34 -37.53 -4.19
N ALA B 824 -34.53 -38.67 -3.53
CA ALA B 824 -35.79 -39.40 -3.61
C ALA B 824 -36.35 -39.67 -2.22
N LEU B 825 -36.40 -38.65 -1.38
CA LEU B 825 -36.83 -38.80 0.00
C LEU B 825 -38.28 -39.27 0.08
N ALA B 826 -38.61 -39.91 1.21
CA ALA B 826 -39.94 -40.43 1.46
C ALA B 826 -40.52 -39.76 2.70
N GLY B 827 -41.78 -39.33 2.60
CA GLY B 827 -42.41 -38.61 3.71
C GLY B 827 -42.58 -39.45 4.96
N MET B 828 -43.17 -40.63 4.83
CA MET B 828 -43.30 -41.53 5.96
C MET B 828 -43.13 -42.97 5.46
N ARG B 829 -42.86 -43.87 6.39
CA ARG B 829 -42.55 -45.25 6.06
C ARG B 829 -43.56 -46.18 6.71
N ARG B 830 -43.53 -47.44 6.30
CA ARG B 830 -44.31 -48.48 6.95
C ARG B 830 -43.94 -48.58 8.42
N GLU B 831 -44.95 -48.47 9.30
CA GLU B 831 -44.86 -48.67 10.75
C GLU B 831 -43.81 -47.78 11.41
N GLN B 832 -43.22 -46.86 10.68
CA GLN B 832 -42.11 -46.07 11.22
C GLN B 832 -42.61 -45.10 12.28
N PRO B 833 -42.11 -45.18 13.51
CA PRO B 833 -42.56 -44.25 14.54
C PRO B 833 -42.09 -42.83 14.26
N LEU B 834 -42.82 -41.88 14.82
CA LEU B 834 -42.51 -40.46 14.63
C LEU B 834 -42.35 -39.78 15.99
N PRO B 835 -41.21 -39.96 16.65
CA PRO B 835 -41.00 -39.31 17.96
C PRO B 835 -41.01 -37.79 17.89
N HIS B 836 -40.77 -37.21 16.72
CA HIS B 836 -40.71 -35.75 16.58
C HIS B 836 -41.62 -35.26 15.47
N GLY B 837 -42.70 -36.00 15.17
CA GLY B 837 -43.54 -35.61 14.07
C GLY B 837 -42.83 -35.75 12.74
N LEU B 838 -43.14 -34.84 11.83
CA LEU B 838 -42.53 -34.84 10.50
C LEU B 838 -41.24 -34.05 10.44
N ARG B 839 -40.67 -33.69 11.59
CA ARG B 839 -39.35 -33.08 11.61
C ARG B 839 -38.31 -33.99 10.97
N GLY B 840 -38.52 -35.31 11.03
CA GLY B 840 -37.63 -36.23 10.37
C GLY B 840 -37.60 -36.08 8.86
N LEU B 841 -38.72 -35.63 8.27
CA LEU B 841 -38.71 -35.32 6.85
C LEU B 841 -37.98 -34.00 6.59
N LEU B 842 -38.20 -33.01 7.45
CA LEU B 842 -37.60 -31.70 7.23
C LEU B 842 -36.08 -31.77 7.27
N THR B 843 -35.51 -32.51 8.22
CA THR B 843 -34.06 -32.62 8.28
C THR B 843 -33.51 -33.27 7.02
N GLU B 844 -34.23 -34.26 6.47
CA GLU B 844 -33.81 -34.84 5.21
C GLU B 844 -34.00 -33.88 4.06
N LEU B 845 -35.08 -33.11 4.06
CA LEU B 845 -35.28 -32.12 3.01
C LEU B 845 -34.15 -31.09 3.01
N HIS B 846 -33.73 -30.65 4.20
CA HIS B 846 -32.57 -29.76 4.28
C HIS B 846 -31.31 -30.45 3.78
N ARG B 847 -31.11 -31.71 4.17
CA ARG B 847 -29.91 -32.43 3.75
C ARG B 847 -29.86 -32.59 2.25
N ALA B 848 -31.02 -32.75 1.61
CA ALA B 848 -31.06 -32.81 0.14
C ALA B 848 -30.70 -31.49 -0.50
N GLY B 849 -30.99 -30.37 0.15
CA GLY B 849 -30.64 -29.07 -0.37
C GLY B 849 -31.78 -28.27 -0.97
N ALA B 850 -33.03 -28.62 -0.69
CA ALA B 850 -34.15 -27.90 -1.27
C ALA B 850 -34.27 -26.51 -0.64
N ALA B 851 -35.08 -25.67 -1.28
CA ALA B 851 -35.33 -24.34 -0.76
C ALA B 851 -36.29 -24.39 0.42
N LEU B 852 -35.93 -23.71 1.50
CA LEU B 852 -36.75 -23.67 2.70
C LEU B 852 -36.96 -22.24 3.15
N ASP B 853 -38.04 -22.02 3.89
CA ASP B 853 -38.35 -20.71 4.47
C ASP B 853 -37.96 -20.75 5.94
N TYR B 854 -36.66 -20.52 6.19
CA TYR B 854 -36.15 -20.59 7.56
C TYR B 854 -36.76 -19.55 8.47
N SER B 855 -37.31 -18.47 7.92
CA SER B 855 -37.96 -17.46 8.76
C SER B 855 -39.14 -18.03 9.51
N ALA B 856 -39.95 -18.87 8.84
CA ALA B 856 -41.11 -19.47 9.50
C ALA B 856 -40.69 -20.41 10.62
N LEU B 857 -39.65 -21.22 10.39
CA LEU B 857 -39.21 -22.16 11.41
C LEU B 857 -38.56 -21.44 12.59
N TYR B 858 -37.85 -20.35 12.33
CA TYR B 858 -37.10 -19.63 13.35
C TYR B 858 -37.49 -18.17 13.27
N PRO B 859 -38.57 -17.77 13.95
CA PRO B 859 -39.07 -16.39 13.80
C PRO B 859 -38.08 -15.34 14.25
N ALA B 860 -37.53 -15.46 15.45
CA ALA B 860 -36.63 -14.46 15.98
C ALA B 860 -35.73 -15.08 17.02
N GLY B 861 -34.65 -14.36 17.34
CA GLY B 861 -33.69 -14.83 18.32
C GLY B 861 -32.35 -14.14 18.17
N ARG B 862 -31.63 -13.96 19.28
CA ARG B 862 -30.34 -13.31 19.23
C ARG B 862 -29.27 -14.26 18.71
N LEU B 863 -28.32 -13.73 17.96
CA LEU B 863 -27.22 -14.54 17.46
C LEU B 863 -26.28 -14.91 18.60
N VAL B 864 -25.57 -16.02 18.43
CA VAL B 864 -24.67 -16.56 19.44
C VAL B 864 -23.31 -16.80 18.78
N ASP B 865 -22.31 -17.12 19.60
CA ASP B 865 -20.95 -17.28 19.13
C ASP B 865 -20.61 -18.75 18.90
N ALA B 866 -21.56 -19.51 18.39
CA ALA B 866 -21.33 -20.93 18.14
C ALA B 866 -20.14 -21.13 17.21
N PRO B 867 -19.30 -22.12 17.48
CA PRO B 867 -18.08 -22.29 16.67
C PRO B 867 -18.39 -22.54 15.21
N LEU B 868 -17.53 -22.01 14.34
CA LEU B 868 -17.71 -22.20 12.91
C LEU B 868 -17.37 -23.63 12.51
N PRO B 869 -17.93 -24.12 11.40
CA PRO B 869 -17.63 -25.48 10.96
C PRO B 869 -16.16 -25.68 10.60
N ALA B 870 -15.68 -26.90 10.73
CA ALA B 870 -14.30 -27.21 10.38
C ALA B 870 -14.17 -27.47 8.88
N TRP B 871 -13.01 -27.12 8.33
CA TRP B 871 -12.76 -27.25 6.91
C TRP B 871 -12.18 -28.63 6.58
N THR B 872 -12.38 -29.06 5.34
CA THR B 872 -11.76 -30.27 4.84
C THR B 872 -10.40 -29.90 4.23
N HIS B 873 -9.43 -29.70 5.11
CA HIS B 873 -8.11 -29.24 4.69
C HIS B 873 -7.34 -30.39 4.04
N ALA B 874 -6.80 -30.13 2.86
CA ALA B 874 -5.96 -31.09 2.14
C ALA B 874 -4.54 -30.54 2.04
N ARG B 875 -3.57 -31.44 2.18
CA ARG B 875 -2.16 -31.05 2.14
C ARG B 875 -1.79 -30.66 0.72
N LEU B 876 -1.76 -29.35 0.46
CA LEU B 876 -1.39 -28.81 -0.85
C LEU B 876 -0.16 -27.95 -0.68
N PHE B 877 0.93 -28.33 -1.35
CA PHE B 877 2.21 -27.67 -1.13
C PHE B 877 3.15 -27.97 -2.30
N ILE B 878 4.22 -27.20 -2.37
CA ILE B 878 5.27 -27.38 -3.37
C ILE B 878 6.42 -28.14 -2.72
N ASP B 879 6.86 -29.21 -3.38
CA ASP B 879 7.89 -30.08 -2.83
C ASP B 879 9.11 -30.08 -3.73
N ASP B 880 10.28 -30.15 -3.10
CA ASP B 880 11.56 -30.24 -3.81
C ASP B 880 12.41 -31.29 -3.11
N ASP B 881 11.80 -32.42 -2.78
CA ASP B 881 12.49 -33.51 -2.08
C ASP B 881 13.60 -34.10 -2.94
N GLY C 2011 47.35 -5.30 27.21
CA GLY C 2011 47.07 -3.92 27.55
C GLY C 2011 46.32 -3.18 26.47
N PRO C 2012 46.00 -1.91 26.72
CA PRO C 2012 45.32 -1.10 25.71
C PRO C 2012 46.07 -1.06 24.39
N SER C 2013 45.37 -0.60 23.36
CA SER C 2013 45.94 -0.54 22.02
C SER C 2013 47.09 0.46 21.97
N LYS C 2014 48.01 0.21 21.03
CA LYS C 2014 49.22 1.03 20.92
C LYS C 2014 48.86 2.50 20.70
N PHE C 2015 47.72 2.75 20.03
CA PHE C 2015 47.27 4.11 19.80
C PHE C 2015 46.93 4.82 21.10
N ARG C 2016 46.40 4.09 22.10
CA ARG C 2016 45.94 4.74 23.32
C ARG C 2016 47.13 5.17 24.18
N MET C 2017 48.20 4.37 24.18
CA MET C 2017 49.43 4.77 24.87
C MET C 2017 50.00 6.05 24.29
N GLU C 2018 50.07 6.15 22.96
CA GLU C 2018 50.62 7.34 22.32
C GLU C 2018 49.77 8.57 22.59
N LEU C 2019 48.44 8.41 22.50
CA LEU C 2019 47.56 9.56 22.51
C LEU C 2019 47.61 10.27 23.86
N LEU C 2020 47.52 9.50 24.95
CA LEU C 2020 47.57 10.09 26.29
C LEU C 2020 48.92 10.73 26.58
N SER C 2021 50.02 10.12 26.11
CA SER C 2021 51.34 10.71 26.29
C SER C 2021 51.46 12.06 25.59
N LEU C 2022 50.69 12.30 24.54
CA LEU C 2022 50.67 13.57 23.84
C LEU C 2022 49.84 14.58 24.61
N PRO C 2023 50.12 15.87 24.43
CA PRO C 2023 49.30 16.90 25.08
C PRO C 2023 47.86 16.85 24.61
N GLN C 2024 46.94 17.21 25.52
CA GLN C 2024 45.52 16.94 25.30
C GLN C 2024 44.93 17.80 24.19
N ASP C 2025 45.59 18.89 23.81
CA ASP C 2025 44.99 19.80 22.83
C ASP C 2025 44.93 19.20 21.42
N GLU C 2026 45.89 18.35 21.04
CA GLU C 2026 45.76 17.66 19.75
C GLU C 2026 45.01 16.34 19.86
N TRP C 2027 44.51 15.98 21.05
CA TRP C 2027 43.76 14.73 21.18
C TRP C 2027 42.60 14.68 20.21
N ALA C 2028 41.92 15.81 20.01
CA ALA C 2028 40.87 15.87 19.00
C ALA C 2028 41.44 15.63 17.61
N GLY C 2029 42.62 16.18 17.32
CA GLY C 2029 43.20 16.01 16.00
C GLY C 2029 43.56 14.57 15.70
N ARG C 2030 44.22 13.90 16.64
CA ARG C 2030 44.57 12.49 16.42
C ARG C 2030 43.31 11.62 16.33
N LEU C 2031 42.35 11.85 17.23
CA LEU C 2031 41.09 11.11 17.14
C LEU C 2031 40.39 11.39 15.81
N ARG C 2032 40.21 12.69 15.51
CA ARG C 2032 39.53 13.12 14.26
C ARG C 2032 40.11 12.38 13.08
N ARG C 2033 41.23 11.69 13.29
CA ARG C 2033 41.74 10.89 12.16
C ARG C 2033 41.42 9.43 12.43
N LEU C 2034 41.63 8.95 13.65
CA LEU C 2034 41.26 7.54 13.84
C LEU C 2034 39.84 7.43 13.31
N LEU C 2035 39.09 8.54 13.34
CA LEU C 2035 37.71 8.37 12.87
C LEU C 2035 37.64 8.42 11.35
N VAL C 2036 38.37 9.34 10.72
CA VAL C 2036 38.26 9.48 9.27
C VAL C 2036 38.74 8.21 8.57
N GLU C 2037 39.85 7.64 9.05
CA GLU C 2037 40.38 6.42 8.43
C GLU C 2037 39.44 5.25 8.64
N GLN C 2038 38.96 5.07 9.88
CA GLN C 2038 38.09 3.94 10.17
C GLN C 2038 36.77 4.04 9.42
N ALA C 2039 36.19 5.24 9.37
CA ALA C 2039 34.97 5.42 8.61
C ALA C 2039 35.23 5.24 7.11
N SER C 2040 36.42 5.63 6.66
CA SER C 2040 36.76 5.47 5.25
C SER C 2040 36.76 4.01 4.83
N VAL C 2041 37.37 3.14 5.62
CA VAL C 2041 37.38 1.73 5.27
C VAL C 2041 35.99 1.11 5.46
N ILE C 2042 35.26 1.55 6.47
CA ILE C 2042 33.91 1.02 6.69
C ILE C 2042 32.99 1.44 5.57
N LEU C 2043 33.00 2.72 5.22
CA LEU C 2043 32.13 3.23 4.16
C LEU C 2043 32.69 2.98 2.76
N ARG C 2044 33.93 2.51 2.65
CA ARG C 2044 34.63 2.36 1.38
C ARG C 2044 34.72 3.68 0.60
N ARG C 2045 34.66 4.80 1.33
CA ARG C 2045 34.68 6.15 0.69
C ARG C 2045 35.49 7.13 1.54
N THR C 2046 36.49 7.82 0.96
CA THR C 2046 37.26 8.81 1.70
C THR C 2046 36.32 9.89 2.20
N ILE C 2047 36.03 9.87 3.51
CA ILE C 2047 35.07 10.81 4.06
C ILE C 2047 35.76 12.16 4.28
N ASP C 2048 34.95 13.17 4.57
CA ASP C 2048 35.45 14.44 5.06
C ASP C 2048 35.13 14.56 6.54
N ALA C 2049 35.94 15.35 7.25
CA ALA C 2049 35.91 15.36 8.70
C ALA C 2049 34.69 16.09 9.26
N ASP C 2050 33.89 16.75 8.43
CA ASP C 2050 32.82 17.59 8.95
C ASP C 2050 31.43 17.25 8.44
N ARG C 2051 31.29 16.67 7.25
CA ARG C 2051 29.95 16.33 6.77
C ARG C 2051 29.50 15.01 7.36
N SER C 2052 28.19 14.94 7.67
CA SER C 2052 27.63 13.96 8.59
C SER C 2052 27.73 12.53 8.06
N PHE C 2053 27.82 11.58 9.00
CA PHE C 2053 27.86 10.17 8.62
C PHE C 2053 26.57 9.71 7.95
N ILE C 2054 25.42 10.15 8.49
CA ILE C 2054 24.14 9.57 8.07
C ILE C 2054 23.91 9.79 6.58
N GLU C 2055 24.47 10.85 6.02
CA GLU C 2055 24.34 11.07 4.58
C GLU C 2055 25.52 10.50 3.80
N TYR C 2056 26.49 9.88 4.47
CA TYR C 2056 27.36 8.92 3.80
C TYR C 2056 26.68 7.58 3.61
N GLY C 2057 25.62 7.30 4.37
CA GLY C 2057 25.03 5.98 4.38
C GLY C 2057 25.44 5.11 5.53
N LEU C 2058 25.95 5.70 6.62
CA LEU C 2058 26.33 4.92 7.79
C LEU C 2058 25.09 4.35 8.46
N ASP C 2059 24.72 3.12 8.09
CA ASP C 2059 23.55 2.49 8.67
C ASP C 2059 23.83 1.97 10.07
N SER C 2060 22.84 1.27 10.63
CA SER C 2060 22.95 0.75 11.99
C SER C 2060 24.08 -0.27 12.09
N LEU C 2061 24.27 -1.09 11.05
CA LEU C 2061 25.37 -2.05 11.04
C LEU C 2061 26.71 -1.35 11.09
N GLY C 2062 26.94 -0.39 10.19
CA GLY C 2062 28.22 0.29 10.15
C GLY C 2062 28.51 1.02 11.45
N MET C 2063 27.46 1.53 12.10
CA MET C 2063 27.62 2.12 13.41
C MET C 2063 28.15 1.11 14.41
N LEU C 2064 27.72 -0.15 14.29
CA LEU C 2064 28.26 -1.21 15.15
C LEU C 2064 29.73 -1.48 14.86
N GLU C 2065 30.11 -1.54 13.58
CA GLU C 2065 31.51 -1.75 13.23
C GLU C 2065 32.37 -0.59 13.74
N MET C 2066 31.87 0.64 13.64
CA MET C 2066 32.52 1.75 14.30
C MET C 2066 32.55 1.56 15.81
N ARG C 2067 31.44 1.08 16.38
CA ARG C 2067 31.35 0.92 17.83
C ARG C 2067 32.40 -0.04 18.35
N THR C 2068 32.59 -1.17 17.67
CA THR C 2068 33.55 -2.16 18.15
C THR C 2068 34.98 -1.73 17.89
N HIS C 2069 35.25 -1.10 16.74
CA HIS C 2069 36.61 -0.77 16.37
C HIS C 2069 37.22 0.28 17.30
N VAL C 2070 36.48 1.37 17.53
CA VAL C 2070 36.97 2.41 18.44
C VAL C 2070 37.14 1.85 19.84
N GLU C 2071 36.31 0.87 20.21
CA GLU C 2071 36.47 0.21 21.51
C GLU C 2071 37.81 -0.48 21.62
N THR C 2072 38.24 -1.15 20.54
CA THR C 2072 39.56 -1.77 20.55
C THR C 2072 40.68 -0.73 20.53
N GLU C 2073 40.48 0.38 19.83
CA GLU C 2073 41.54 1.37 19.66
C GLU C 2073 41.61 2.38 20.80
N THR C 2074 40.53 2.58 21.54
CA THR C 2074 40.51 3.57 22.61
C THR C 2074 39.99 3.04 23.94
N GLY C 2075 39.30 1.91 23.98
CA GLY C 2075 38.71 1.45 25.21
C GLY C 2075 37.52 2.24 25.67
N ILE C 2076 36.76 2.83 24.74
CA ILE C 2076 35.60 3.65 25.07
C ILE C 2076 34.36 2.93 24.57
N ARG C 2077 33.38 2.76 25.46
CA ARG C 2077 32.15 2.03 25.14
C ARG C 2077 31.17 3.01 24.50
N LEU C 2078 31.26 3.10 23.17
CA LEU C 2078 30.31 3.93 22.43
C LEU C 2078 28.95 3.23 22.35
N THR C 2079 27.91 4.04 22.21
CA THR C 2079 26.55 3.56 22.09
C THR C 2079 25.90 4.25 20.90
N PRO C 2080 25.02 3.54 20.17
CA PRO C 2080 24.51 4.08 18.90
C PRO C 2080 23.82 5.43 19.03
N LYS C 2081 23.23 5.74 20.19
CA LYS C 2081 22.62 7.05 20.38
C LYS C 2081 23.67 8.16 20.34
N VAL C 2082 24.90 7.86 20.76
CA VAL C 2082 25.94 8.89 20.80
C VAL C 2082 26.33 9.33 19.39
N ILE C 2083 26.59 8.37 18.50
CA ILE C 2083 26.88 8.73 17.11
C ILE C 2083 25.68 9.41 16.48
N ALA C 2084 24.47 8.99 16.86
CA ALA C 2084 23.28 9.70 16.43
C ALA C 2084 23.27 11.14 16.93
N THR C 2085 23.85 11.40 18.10
CA THR C 2085 23.93 12.76 18.62
C THR C 2085 25.12 13.52 18.06
N ASN C 2086 26.33 12.99 18.22
CA ASN C 2086 27.54 13.57 17.63
C ASN C 2086 27.60 13.12 16.18
N ASN C 2087 26.77 13.75 15.35
CA ASN C 2087 26.42 13.27 14.03
C ASN C 2087 27.58 13.50 13.04
N THR C 2088 28.64 14.19 13.45
CA THR C 2088 29.77 14.46 12.58
C THR C 2088 31.07 14.01 13.25
N ALA C 2089 32.09 13.78 12.43
CA ALA C 2089 33.36 13.26 12.93
C ALA C 2089 34.03 14.22 13.89
N ARG C 2090 34.05 15.52 13.55
CA ARG C 2090 34.70 16.49 14.42
C ARG C 2090 34.02 16.54 15.79
N ALA C 2091 32.69 16.53 15.82
CA ALA C 2091 31.98 16.49 17.09
C ALA C 2091 32.22 15.18 17.81
N LEU C 2092 32.21 14.06 17.07
CA LEU C 2092 32.41 12.76 17.70
C LEU C 2092 33.81 12.66 18.30
N ALA C 2093 34.83 13.10 17.57
CA ALA C 2093 36.17 13.15 18.12
C ALA C 2093 36.23 14.08 19.33
N GLN C 2094 35.50 15.20 19.26
CA GLN C 2094 35.40 16.08 20.41
C GLN C 2094 34.77 15.37 21.60
N TYR C 2095 33.72 14.59 21.34
CA TYR C 2095 33.08 13.82 22.42
C TYR C 2095 34.03 12.77 22.97
N LEU C 2096 34.88 12.21 22.13
CA LEU C 2096 35.88 11.27 22.61
C LEU C 2096 36.94 11.97 23.46
N ALA C 2097 37.28 13.20 23.09
CA ALA C 2097 38.38 13.89 23.77
C ALA C 2097 38.06 14.15 25.24
N ASP C 2098 36.92 14.77 25.52
CA ASP C 2098 36.60 15.10 26.90
C ASP C 2098 36.28 13.85 27.71
N THR C 2099 35.67 12.85 27.06
CA THR C 2099 35.44 11.58 27.74
C THR C 2099 36.74 10.94 28.17
N LEU C 2100 37.76 10.97 27.30
CA LEU C 2100 39.09 10.53 27.70
C LEU C 2100 39.64 11.40 28.82
N ALA C 2101 39.42 12.71 28.72
CA ALA C 2101 39.91 13.62 29.75
C ALA C 2101 39.25 13.36 31.09
N GLU C 2102 37.93 13.13 31.09
CA GLU C 2102 37.19 12.93 32.33
C GLU C 2102 37.64 11.67 33.05
N GLU C 2103 37.77 10.56 32.31
CA GLU C 2103 38.20 9.31 32.93
C GLU C 2103 39.65 9.39 33.39
N GLN C 2104 40.48 10.13 32.66
CA GLN C 2104 41.87 10.31 33.07
C GLN C 2104 41.94 11.03 34.40
N ALA C 2105 41.18 12.12 34.55
CA ALA C 2105 41.18 12.90 35.78
C ALA C 2105 40.74 12.09 37.00
N ALA C 2106 40.01 11.00 36.81
CA ALA C 2106 39.63 10.14 37.92
C ALA C 2106 40.84 9.41 38.47
#